data_2OUD
# 
_entry.id   2OUD 
# 
_audit_conform.dict_name       mmcif_pdbx.dic 
_audit_conform.dict_version    5.387 
_audit_conform.dict_location   http://mmcif.pdb.org/dictionaries/ascii/mmcif_pdbx.dic 
# 
loop_
_database_2.database_id 
_database_2.database_code 
_database_2.pdbx_database_accession 
_database_2.pdbx_DOI 
PDB   2OUD         pdb_00002oud 10.2210/pdb2oud/pdb 
RCSB  RCSB041596   ?            ?                   
WWPDB D_1000041596 ?            ?                   
# 
loop_
_pdbx_audit_revision_history.ordinal 
_pdbx_audit_revision_history.data_content_type 
_pdbx_audit_revision_history.major_revision 
_pdbx_audit_revision_history.minor_revision 
_pdbx_audit_revision_history.revision_date 
1 'Structure model' 1 0 2007-08-07 
2 'Structure model' 1 1 2011-07-13 
3 'Structure model' 1 2 2017-10-18 
4 'Structure model' 1 3 2024-02-21 
# 
_pdbx_audit_revision_details.ordinal             1 
_pdbx_audit_revision_details.revision_ordinal    1 
_pdbx_audit_revision_details.data_content_type   'Structure model' 
_pdbx_audit_revision_details.provider            repository 
_pdbx_audit_revision_details.type                'Initial release' 
_pdbx_audit_revision_details.description         ? 
_pdbx_audit_revision_details.details             ? 
# 
loop_
_pdbx_audit_revision_group.ordinal 
_pdbx_audit_revision_group.revision_ordinal 
_pdbx_audit_revision_group.data_content_type 
_pdbx_audit_revision_group.group 
1 2 'Structure model' 'Version format compliance' 
2 3 'Structure model' 'Refinement description'    
3 4 'Structure model' 'Data collection'           
4 4 'Structure model' 'Database references'       
# 
loop_
_pdbx_audit_revision_category.ordinal 
_pdbx_audit_revision_category.revision_ordinal 
_pdbx_audit_revision_category.data_content_type 
_pdbx_audit_revision_category.category 
1 3 'Structure model' software           
2 4 'Structure model' chem_comp_atom     
3 4 'Structure model' chem_comp_bond     
4 4 'Structure model' database_2         
5 4 'Structure model' struct_ref_seq_dif 
# 
loop_
_pdbx_audit_revision_item.ordinal 
_pdbx_audit_revision_item.revision_ordinal 
_pdbx_audit_revision_item.data_content_type 
_pdbx_audit_revision_item.item 
1 3 'Structure model' '_software.classification'            
2 3 'Structure model' '_software.name'                      
3 4 'Structure model' '_database_2.pdbx_DOI'                
4 4 'Structure model' '_database_2.pdbx_database_accession' 
5 4 'Structure model' '_struct_ref_seq_dif.details'         
# 
_pdbx_database_status.status_code                     REL 
_pdbx_database_status.entry_id                        2OUD 
_pdbx_database_status.recvd_initial_deposition_date   2007-02-10 
_pdbx_database_status.deposit_site                    RCSB 
_pdbx_database_status.process_site                    RCSB 
_pdbx_database_status.status_code_sf                  REL 
_pdbx_database_status.status_code_mr                  ? 
_pdbx_database_status.SG_entry                        ? 
_pdbx_database_status.pdb_format_compatible           Y 
_pdbx_database_status.status_code_cs                  ? 
_pdbx_database_status.methods_development_category    ? 
_pdbx_database_status.status_code_nmr_data            ? 
# 
_pdbx_database_related.db_name        PDB 
_pdbx_database_related.db_id          2OUC 
_pdbx_database_related.details        . 
_pdbx_database_related.content_type   unspecified 
# 
loop_
_audit_author.name 
_audit_author.pdbx_ordinal 
'Tao, X.'  1 
'Tong, L.' 2 
# 
_citation.id                        primary 
_citation.title                     'Crystal structure of the MAP kinase binding domain and the catalytic domain of human MKP5.' 
_citation.journal_abbrev            'Protein Sci.' 
_citation.journal_volume            16 
_citation.page_first                880 
_citation.page_last                 886 
_citation.year                      2007 
_citation.journal_id_ASTM           PRCIEI 
_citation.country                   US 
_citation.journal_id_ISSN           0961-8368 
_citation.journal_id_CSD            0795 
_citation.book_publisher            ? 
_citation.pdbx_database_id_PubMed   17400920 
_citation.pdbx_database_id_DOI      10.1110/ps.062712807 
# 
loop_
_citation_author.citation_id 
_citation_author.name 
_citation_author.ordinal 
_citation_author.identifier_ORCID 
primary 'Tao, X.'  1 ? 
primary 'Tong, L.' 2 ? 
# 
loop_
_entity.id 
_entity.type 
_entity.src_method 
_entity.pdbx_description 
_entity.formula_weight 
_entity.pdbx_number_of_molecules 
_entity.pdbx_ec 
_entity.pdbx_mutation 
_entity.pdbx_fragment 
_entity.details 
1 polymer     man 'Dual specificity protein phosphatase 10' 20232.203 1  '3.1.3.48, 3.1.3.16' ? 
'Tyrosine-protein phosphatase domain (Residues 315-482)' ? 
2 non-polymer syn 'CHLORIDE ION'                            35.453    1  ?                    ? ? ? 
3 water       nat water                                     18.015    47 ?                    ? ? ? 
# 
_entity_name_com.entity_id   1 
_entity_name_com.name        'Mitogen-activated protein kinase phosphatase 5, MAP kinase phosphatase 5, MKP-5' 
# 
_entity_poly.entity_id                      1 
_entity_poly.type                           'polypeptide(L)' 
_entity_poly.nstd_linkage                   no 
_entity_poly.nstd_monomer                   no 
_entity_poly.pdbx_seq_one_letter_code       
;PDIENAELTPILPFLFLGNEQDAQDLDTMQRLNIGYVINVTTHLPLYHYEKGLFNYKRLPATDSNKQNLRQYFEEAFEFI
EEAHQCGKGLLIHCQAGVSRSATIVIAYLMKHTRMTMTDAYKFVKGKRPIISPNLNFMGQLLEFEEDLNNGVTPRILTPK
LMGVETVVKEAAALEHH
;
_entity_poly.pdbx_seq_one_letter_code_can   
;PDIENAELTPILPFLFLGNEQDAQDLDTMQRLNIGYVINVTTHLPLYHYEKGLFNYKRLPATDSNKQNLRQYFEEAFEFI
EEAHQCGKGLLIHCQAGVSRSATIVIAYLMKHTRMTMTDAYKFVKGKRPIISPNLNFMGQLLEFEEDLNNGVTPRILTPK
LMGVETVVKEAAALEHH
;
_entity_poly.pdbx_strand_id                 A 
_entity_poly.pdbx_target_identifier         ? 
# 
loop_
_pdbx_entity_nonpoly.entity_id 
_pdbx_entity_nonpoly.name 
_pdbx_entity_nonpoly.comp_id 
2 'CHLORIDE ION' CL  
3 water          HOH 
# 
loop_
_entity_poly_seq.entity_id 
_entity_poly_seq.num 
_entity_poly_seq.mon_id 
_entity_poly_seq.hetero 
1 1   PRO n 
1 2   ASP n 
1 3   ILE n 
1 4   GLU n 
1 5   ASN n 
1 6   ALA n 
1 7   GLU n 
1 8   LEU n 
1 9   THR n 
1 10  PRO n 
1 11  ILE n 
1 12  LEU n 
1 13  PRO n 
1 14  PHE n 
1 15  LEU n 
1 16  PHE n 
1 17  LEU n 
1 18  GLY n 
1 19  ASN n 
1 20  GLU n 
1 21  GLN n 
1 22  ASP n 
1 23  ALA n 
1 24  GLN n 
1 25  ASP n 
1 26  LEU n 
1 27  ASP n 
1 28  THR n 
1 29  MET n 
1 30  GLN n 
1 31  ARG n 
1 32  LEU n 
1 33  ASN n 
1 34  ILE n 
1 35  GLY n 
1 36  TYR n 
1 37  VAL n 
1 38  ILE n 
1 39  ASN n 
1 40  VAL n 
1 41  THR n 
1 42  THR n 
1 43  HIS n 
1 44  LEU n 
1 45  PRO n 
1 46  LEU n 
1 47  TYR n 
1 48  HIS n 
1 49  TYR n 
1 50  GLU n 
1 51  LYS n 
1 52  GLY n 
1 53  LEU n 
1 54  PHE n 
1 55  ASN n 
1 56  TYR n 
1 57  LYS n 
1 58  ARG n 
1 59  LEU n 
1 60  PRO n 
1 61  ALA n 
1 62  THR n 
1 63  ASP n 
1 64  SER n 
1 65  ASN n 
1 66  LYS n 
1 67  GLN n 
1 68  ASN n 
1 69  LEU n 
1 70  ARG n 
1 71  GLN n 
1 72  TYR n 
1 73  PHE n 
1 74  GLU n 
1 75  GLU n 
1 76  ALA n 
1 77  PHE n 
1 78  GLU n 
1 79  PHE n 
1 80  ILE n 
1 81  GLU n 
1 82  GLU n 
1 83  ALA n 
1 84  HIS n 
1 85  GLN n 
1 86  CYS n 
1 87  GLY n 
1 88  LYS n 
1 89  GLY n 
1 90  LEU n 
1 91  LEU n 
1 92  ILE n 
1 93  HIS n 
1 94  CYS n 
1 95  GLN n 
1 96  ALA n 
1 97  GLY n 
1 98  VAL n 
1 99  SER n 
1 100 ARG n 
1 101 SER n 
1 102 ALA n 
1 103 THR n 
1 104 ILE n 
1 105 VAL n 
1 106 ILE n 
1 107 ALA n 
1 108 TYR n 
1 109 LEU n 
1 110 MET n 
1 111 LYS n 
1 112 HIS n 
1 113 THR n 
1 114 ARG n 
1 115 MET n 
1 116 THR n 
1 117 MET n 
1 118 THR n 
1 119 ASP n 
1 120 ALA n 
1 121 TYR n 
1 122 LYS n 
1 123 PHE n 
1 124 VAL n 
1 125 LYS n 
1 126 GLY n 
1 127 LYS n 
1 128 ARG n 
1 129 PRO n 
1 130 ILE n 
1 131 ILE n 
1 132 SER n 
1 133 PRO n 
1 134 ASN n 
1 135 LEU n 
1 136 ASN n 
1 137 PHE n 
1 138 MET n 
1 139 GLY n 
1 140 GLN n 
1 141 LEU n 
1 142 LEU n 
1 143 GLU n 
1 144 PHE n 
1 145 GLU n 
1 146 GLU n 
1 147 ASP n 
1 148 LEU n 
1 149 ASN n 
1 150 ASN n 
1 151 GLY n 
1 152 VAL n 
1 153 THR n 
1 154 PRO n 
1 155 ARG n 
1 156 ILE n 
1 157 LEU n 
1 158 THR n 
1 159 PRO n 
1 160 LYS n 
1 161 LEU n 
1 162 MET n 
1 163 GLY n 
1 164 VAL n 
1 165 GLU n 
1 166 THR n 
1 167 VAL n 
1 168 VAL n 
1 169 LYS n 
1 170 GLU n 
1 171 ALA n 
1 172 ALA n 
1 173 ALA n 
1 174 LEU n 
1 175 GLU n 
1 176 HIS n 
1 177 HIS n 
# 
_entity_src_gen.entity_id                          1 
_entity_src_gen.pdbx_src_id                        1 
_entity_src_gen.pdbx_alt_source_flag               sample 
_entity_src_gen.pdbx_seq_type                      ? 
_entity_src_gen.pdbx_beg_seq_num                   ? 
_entity_src_gen.pdbx_end_seq_num                   ? 
_entity_src_gen.gene_src_common_name               human 
_entity_src_gen.gene_src_genus                     Homo 
_entity_src_gen.pdbx_gene_src_gene                 MKP5 
_entity_src_gen.gene_src_species                   ? 
_entity_src_gen.gene_src_strain                    ? 
_entity_src_gen.gene_src_tissue                    ? 
_entity_src_gen.gene_src_tissue_fraction           ? 
_entity_src_gen.gene_src_details                   ? 
_entity_src_gen.pdbx_gene_src_fragment             ? 
_entity_src_gen.pdbx_gene_src_scientific_name      'Homo sapiens' 
_entity_src_gen.pdbx_gene_src_ncbi_taxonomy_id     9606 
_entity_src_gen.pdbx_gene_src_variant              ? 
_entity_src_gen.pdbx_gene_src_cell_line            ? 
_entity_src_gen.pdbx_gene_src_atcc                 ? 
_entity_src_gen.pdbx_gene_src_organ                ? 
_entity_src_gen.pdbx_gene_src_organelle            ? 
_entity_src_gen.pdbx_gene_src_cell                 ? 
_entity_src_gen.pdbx_gene_src_cellular_location    ? 
_entity_src_gen.host_org_common_name               ? 
_entity_src_gen.pdbx_host_org_scientific_name      'Escherichia coli' 
_entity_src_gen.pdbx_host_org_ncbi_taxonomy_id     562 
_entity_src_gen.host_org_genus                     Escherichia 
_entity_src_gen.pdbx_host_org_gene                 ? 
_entity_src_gen.pdbx_host_org_organ                ? 
_entity_src_gen.host_org_species                   ? 
_entity_src_gen.pdbx_host_org_tissue               ? 
_entity_src_gen.pdbx_host_org_tissue_fraction      ? 
_entity_src_gen.pdbx_host_org_strain               ? 
_entity_src_gen.pdbx_host_org_variant              ? 
_entity_src_gen.pdbx_host_org_cell_line            ? 
_entity_src_gen.pdbx_host_org_atcc                 ? 
_entity_src_gen.pdbx_host_org_culture_collection   ? 
_entity_src_gen.pdbx_host_org_cell                 ? 
_entity_src_gen.pdbx_host_org_organelle            ? 
_entity_src_gen.pdbx_host_org_cellular_location    ? 
_entity_src_gen.pdbx_host_org_vector_type          ? 
_entity_src_gen.pdbx_host_org_vector               ? 
_entity_src_gen.host_org_details                   ? 
_entity_src_gen.expression_system_id               ? 
_entity_src_gen.plasmid_name                       ? 
_entity_src_gen.plasmid_details                    ? 
_entity_src_gen.pdbx_description                   ? 
# 
loop_
_chem_comp.id 
_chem_comp.type 
_chem_comp.mon_nstd_flag 
_chem_comp.name 
_chem_comp.pdbx_synonyms 
_chem_comp.formula 
_chem_comp.formula_weight 
ALA 'L-peptide linking' y ALANINE         ? 'C3 H7 N O2'     89.093  
ARG 'L-peptide linking' y ARGININE        ? 'C6 H15 N4 O2 1' 175.209 
ASN 'L-peptide linking' y ASPARAGINE      ? 'C4 H8 N2 O3'    132.118 
ASP 'L-peptide linking' y 'ASPARTIC ACID' ? 'C4 H7 N O4'     133.103 
CL  non-polymer         . 'CHLORIDE ION'  ? 'Cl -1'          35.453  
CYS 'L-peptide linking' y CYSTEINE        ? 'C3 H7 N O2 S'   121.158 
GLN 'L-peptide linking' y GLUTAMINE       ? 'C5 H10 N2 O3'   146.144 
GLU 'L-peptide linking' y 'GLUTAMIC ACID' ? 'C5 H9 N O4'     147.129 
GLY 'peptide linking'   y GLYCINE         ? 'C2 H5 N O2'     75.067  
HIS 'L-peptide linking' y HISTIDINE       ? 'C6 H10 N3 O2 1' 156.162 
HOH non-polymer         . WATER           ? 'H2 O'           18.015  
ILE 'L-peptide linking' y ISOLEUCINE      ? 'C6 H13 N O2'    131.173 
LEU 'L-peptide linking' y LEUCINE         ? 'C6 H13 N O2'    131.173 
LYS 'L-peptide linking' y LYSINE          ? 'C6 H15 N2 O2 1' 147.195 
MET 'L-peptide linking' y METHIONINE      ? 'C5 H11 N O2 S'  149.211 
PHE 'L-peptide linking' y PHENYLALANINE   ? 'C9 H11 N O2'    165.189 
PRO 'L-peptide linking' y PROLINE         ? 'C5 H9 N O2'     115.130 
SER 'L-peptide linking' y SERINE          ? 'C3 H7 N O3'     105.093 
THR 'L-peptide linking' y THREONINE       ? 'C4 H9 N O3'     119.119 
TYR 'L-peptide linking' y TYROSINE        ? 'C9 H11 N O3'    181.189 
VAL 'L-peptide linking' y VALINE          ? 'C5 H11 N O2'    117.146 
# 
loop_
_pdbx_poly_seq_scheme.asym_id 
_pdbx_poly_seq_scheme.entity_id 
_pdbx_poly_seq_scheme.seq_id 
_pdbx_poly_seq_scheme.mon_id 
_pdbx_poly_seq_scheme.ndb_seq_num 
_pdbx_poly_seq_scheme.pdb_seq_num 
_pdbx_poly_seq_scheme.auth_seq_num 
_pdbx_poly_seq_scheme.pdb_mon_id 
_pdbx_poly_seq_scheme.auth_mon_id 
_pdbx_poly_seq_scheme.pdb_strand_id 
_pdbx_poly_seq_scheme.pdb_ins_code 
_pdbx_poly_seq_scheme.hetero 
A 1 1   PRO 1   315 315 PRO PRO A . n 
A 1 2   ASP 2   316 316 ASP ASP A . n 
A 1 3   ILE 3   317 317 ILE ILE A . n 
A 1 4   GLU 4   318 318 GLU GLU A . n 
A 1 5   ASN 5   319 319 ASN ASN A . n 
A 1 6   ALA 6   320 320 ALA ALA A . n 
A 1 7   GLU 7   321 321 GLU GLU A . n 
A 1 8   LEU 8   322 322 LEU LEU A . n 
A 1 9   THR 9   323 323 THR THR A . n 
A 1 10  PRO 10  324 324 PRO PRO A . n 
A 1 11  ILE 11  325 325 ILE ILE A . n 
A 1 12  LEU 12  326 326 LEU LEU A . n 
A 1 13  PRO 13  327 327 PRO PRO A . n 
A 1 14  PHE 14  328 328 PHE PHE A . n 
A 1 15  LEU 15  329 329 LEU LEU A . n 
A 1 16  PHE 16  330 330 PHE PHE A . n 
A 1 17  LEU 17  331 331 LEU LEU A . n 
A 1 18  GLY 18  332 332 GLY GLY A . n 
A 1 19  ASN 19  333 333 ASN ASN A . n 
A 1 20  GLU 20  334 334 GLU GLU A . n 
A 1 21  GLN 21  335 335 GLN GLN A . n 
A 1 22  ASP 22  336 336 ASP ASP A . n 
A 1 23  ALA 23  337 337 ALA ALA A . n 
A 1 24  GLN 24  338 338 GLN GLN A . n 
A 1 25  ASP 25  339 339 ASP ASP A . n 
A 1 26  LEU 26  340 340 LEU LEU A . n 
A 1 27  ASP 27  341 341 ASP ASP A . n 
A 1 28  THR 28  342 342 THR THR A . n 
A 1 29  MET 29  343 343 MET MET A . n 
A 1 30  GLN 30  344 344 GLN GLN A . n 
A 1 31  ARG 31  345 345 ARG ARG A . n 
A 1 32  LEU 32  346 346 LEU LEU A . n 
A 1 33  ASN 33  347 347 ASN ASN A . n 
A 1 34  ILE 34  348 348 ILE ILE A . n 
A 1 35  GLY 35  349 349 GLY GLY A . n 
A 1 36  TYR 36  350 350 TYR TYR A . n 
A 1 37  VAL 37  351 351 VAL VAL A . n 
A 1 38  ILE 38  352 352 ILE ILE A . n 
A 1 39  ASN 39  353 353 ASN ASN A . n 
A 1 40  VAL 40  354 354 VAL VAL A . n 
A 1 41  THR 41  355 355 THR THR A . n 
A 1 42  THR 42  356 356 THR THR A . n 
A 1 43  HIS 43  357 357 HIS HIS A . n 
A 1 44  LEU 44  358 358 LEU LEU A . n 
A 1 45  PRO 45  359 359 PRO PRO A . n 
A 1 46  LEU 46  360 360 LEU LEU A . n 
A 1 47  TYR 47  361 361 TYR TYR A . n 
A 1 48  HIS 48  362 362 HIS HIS A . n 
A 1 49  TYR 49  363 363 TYR TYR A . n 
A 1 50  GLU 50  364 364 GLU GLU A . n 
A 1 51  LYS 51  365 365 LYS LYS A . n 
A 1 52  GLY 52  366 366 GLY GLY A . n 
A 1 53  LEU 53  367 367 LEU LEU A . n 
A 1 54  PHE 54  368 368 PHE PHE A . n 
A 1 55  ASN 55  369 369 ASN ASN A . n 
A 1 56  TYR 56  370 370 TYR TYR A . n 
A 1 57  LYS 57  371 371 LYS LYS A . n 
A 1 58  ARG 58  372 372 ARG ARG A . n 
A 1 59  LEU 59  373 373 LEU LEU A . n 
A 1 60  PRO 60  374 374 PRO PRO A . n 
A 1 61  ALA 61  375 375 ALA ALA A . n 
A 1 62  THR 62  376 376 THR THR A . n 
A 1 63  ASP 63  377 377 ASP ASP A . n 
A 1 64  SER 64  378 378 SER SER A . n 
A 1 65  ASN 65  379 379 ASN ASN A . n 
A 1 66  LYS 66  380 380 LYS LYS A . n 
A 1 67  GLN 67  381 381 GLN GLN A . n 
A 1 68  ASN 68  382 382 ASN ASN A . n 
A 1 69  LEU 69  383 383 LEU LEU A . n 
A 1 70  ARG 70  384 384 ARG ARG A . n 
A 1 71  GLN 71  385 385 GLN GLN A . n 
A 1 72  TYR 72  386 386 TYR TYR A . n 
A 1 73  PHE 73  387 387 PHE PHE A . n 
A 1 74  GLU 74  388 388 GLU GLU A . n 
A 1 75  GLU 75  389 389 GLU GLU A . n 
A 1 76  ALA 76  390 390 ALA ALA A . n 
A 1 77  PHE 77  391 391 PHE PHE A . n 
A 1 78  GLU 78  392 392 GLU GLU A . n 
A 1 79  PHE 79  393 393 PHE PHE A . n 
A 1 80  ILE 80  394 394 ILE ILE A . n 
A 1 81  GLU 81  395 395 GLU GLU A . n 
A 1 82  GLU 82  396 396 GLU GLU A . n 
A 1 83  ALA 83  397 397 ALA ALA A . n 
A 1 84  HIS 84  398 398 HIS HIS A . n 
A 1 85  GLN 85  399 399 GLN GLN A . n 
A 1 86  CYS 86  400 400 CYS CYS A . n 
A 1 87  GLY 87  401 401 GLY GLY A . n 
A 1 88  LYS 88  402 402 LYS LYS A . n 
A 1 89  GLY 89  403 403 GLY GLY A . n 
A 1 90  LEU 90  404 404 LEU LEU A . n 
A 1 91  LEU 91  405 405 LEU LEU A . n 
A 1 92  ILE 92  406 406 ILE ILE A . n 
A 1 93  HIS 93  407 407 HIS HIS A . n 
A 1 94  CYS 94  408 408 CYS CYS A . n 
A 1 95  GLN 95  409 409 GLN GLN A . n 
A 1 96  ALA 96  410 410 ALA ALA A . n 
A 1 97  GLY 97  411 411 GLY GLY A . n 
A 1 98  VAL 98  412 412 VAL VAL A . n 
A 1 99  SER 99  413 413 SER SER A . n 
A 1 100 ARG 100 414 414 ARG ARG A . n 
A 1 101 SER 101 415 415 SER SER A . n 
A 1 102 ALA 102 416 416 ALA ALA A . n 
A 1 103 THR 103 417 417 THR THR A . n 
A 1 104 ILE 104 418 418 ILE ILE A . n 
A 1 105 VAL 105 419 419 VAL VAL A . n 
A 1 106 ILE 106 420 420 ILE ILE A . n 
A 1 107 ALA 107 421 421 ALA ALA A . n 
A 1 108 TYR 108 422 422 TYR TYR A . n 
A 1 109 LEU 109 423 423 LEU LEU A . n 
A 1 110 MET 110 424 424 MET MET A . n 
A 1 111 LYS 111 425 425 LYS LYS A . n 
A 1 112 HIS 112 426 426 HIS HIS A . n 
A 1 113 THR 113 427 427 THR THR A . n 
A 1 114 ARG 114 428 428 ARG ARG A . n 
A 1 115 MET 115 429 429 MET MET A . n 
A 1 116 THR 116 430 430 THR THR A . n 
A 1 117 MET 117 431 431 MET MET A . n 
A 1 118 THR 118 432 432 THR THR A . n 
A 1 119 ASP 119 433 433 ASP ASP A . n 
A 1 120 ALA 120 434 434 ALA ALA A . n 
A 1 121 TYR 121 435 435 TYR TYR A . n 
A 1 122 LYS 122 436 436 LYS LYS A . n 
A 1 123 PHE 123 437 437 PHE PHE A . n 
A 1 124 VAL 124 438 438 VAL VAL A . n 
A 1 125 LYS 125 439 439 LYS LYS A . n 
A 1 126 GLY 126 440 440 GLY GLY A . n 
A 1 127 LYS 127 441 441 LYS LYS A . n 
A 1 128 ARG 128 442 442 ARG ARG A . n 
A 1 129 PRO 129 443 443 PRO PRO A . n 
A 1 130 ILE 130 444 444 ILE ILE A . n 
A 1 131 ILE 131 445 445 ILE ILE A . n 
A 1 132 SER 132 446 446 SER SER A . n 
A 1 133 PRO 133 447 447 PRO PRO A . n 
A 1 134 ASN 134 448 448 ASN ASN A . n 
A 1 135 LEU 135 449 449 LEU LEU A . n 
A 1 136 ASN 136 450 450 ASN ASN A . n 
A 1 137 PHE 137 451 451 PHE PHE A . n 
A 1 138 MET 138 452 452 MET MET A . n 
A 1 139 GLY 139 453 453 GLY GLY A . n 
A 1 140 GLN 140 454 454 GLN GLN A . n 
A 1 141 LEU 141 455 455 LEU LEU A . n 
A 1 142 LEU 142 456 456 LEU LEU A . n 
A 1 143 GLU 143 457 457 GLU GLU A . n 
A 1 144 PHE 144 458 458 PHE PHE A . n 
A 1 145 GLU 145 459 459 GLU GLU A . n 
A 1 146 GLU 146 460 460 GLU GLU A . n 
A 1 147 ASP 147 461 461 ASP ASP A . n 
A 1 148 LEU 148 462 462 LEU LEU A . n 
A 1 149 ASN 149 463 463 ASN ASN A . n 
A 1 150 ASN 150 464 464 ASN ASN A . n 
A 1 151 GLY 151 465 465 GLY GLY A . n 
A 1 152 VAL 152 466 466 VAL VAL A . n 
A 1 153 THR 153 467 467 THR THR A . n 
A 1 154 PRO 154 468 468 PRO PRO A . n 
A 1 155 ARG 155 469 469 ARG ARG A . n 
A 1 156 ILE 156 470 470 ILE ILE A . n 
A 1 157 LEU 157 471 471 LEU LEU A . n 
A 1 158 THR 158 472 472 THR THR A . n 
A 1 159 PRO 159 473 473 PRO PRO A . n 
A 1 160 LYS 160 474 474 LYS LYS A . n 
A 1 161 LEU 161 475 475 LEU LEU A . n 
A 1 162 MET 162 476 476 MET MET A . n 
A 1 163 GLY 163 477 477 GLY GLY A . n 
A 1 164 VAL 164 478 478 VAL VAL A . n 
A 1 165 GLU 165 479 479 GLU GLU A . n 
A 1 166 THR 166 480 480 THR THR A . n 
A 1 167 VAL 167 481 481 VAL VAL A . n 
A 1 168 VAL 168 482 482 VAL VAL A . n 
A 1 169 LYS 169 483 483 LYS LYS A . n 
A 1 170 GLU 170 484 484 GLU GLU A . n 
A 1 171 ALA 171 485 485 ALA ALA A . n 
A 1 172 ALA 172 486 486 ALA ALA A . n 
A 1 173 ALA 173 487 487 ALA ALA A . n 
A 1 174 LEU 174 488 488 LEU LEU A . n 
A 1 175 GLU 175 489 489 GLU GLU A . n 
A 1 176 HIS 176 490 490 HIS HIS A . n 
A 1 177 HIS 177 491 491 HIS HIS A . n 
# 
loop_
_pdbx_nonpoly_scheme.asym_id 
_pdbx_nonpoly_scheme.entity_id 
_pdbx_nonpoly_scheme.mon_id 
_pdbx_nonpoly_scheme.ndb_seq_num 
_pdbx_nonpoly_scheme.pdb_seq_num 
_pdbx_nonpoly_scheme.auth_seq_num 
_pdbx_nonpoly_scheme.pdb_mon_id 
_pdbx_nonpoly_scheme.auth_mon_id 
_pdbx_nonpoly_scheme.pdb_strand_id 
_pdbx_nonpoly_scheme.pdb_ins_code 
B 2 CL  1  1  1  CL  CL  A . 
C 3 HOH 1  2  2  HOH HOH A . 
C 3 HOH 2  3  3  HOH HOH A . 
C 3 HOH 3  4  4  HOH HOH A . 
C 3 HOH 4  5  5  HOH HOH A . 
C 3 HOH 5  6  6  HOH HOH A . 
C 3 HOH 6  7  7  HOH HOH A . 
C 3 HOH 7  8  8  HOH HOH A . 
C 3 HOH 8  9  9  HOH HOH A . 
C 3 HOH 9  10 10 HOH HOH A . 
C 3 HOH 10 11 11 HOH HOH A . 
C 3 HOH 11 12 12 HOH HOH A . 
C 3 HOH 12 13 13 HOH HOH A . 
C 3 HOH 13 14 14 HOH HOH A . 
C 3 HOH 14 15 15 HOH HOH A . 
C 3 HOH 15 16 16 HOH HOH A . 
C 3 HOH 16 17 17 HOH HOH A . 
C 3 HOH 17 18 18 HOH HOH A . 
C 3 HOH 18 19 19 HOH HOH A . 
C 3 HOH 19 20 20 HOH HOH A . 
C 3 HOH 20 21 21 HOH HOH A . 
C 3 HOH 21 22 22 HOH HOH A . 
C 3 HOH 22 23 23 HOH HOH A . 
C 3 HOH 23 24 24 HOH HOH A . 
C 3 HOH 24 25 25 HOH HOH A . 
C 3 HOH 25 26 26 HOH HOH A . 
C 3 HOH 26 27 27 HOH HOH A . 
C 3 HOH 27 28 28 HOH HOH A . 
C 3 HOH 28 29 29 HOH HOH A . 
C 3 HOH 29 30 30 HOH HOH A . 
C 3 HOH 30 31 31 HOH HOH A . 
C 3 HOH 31 32 32 HOH HOH A . 
C 3 HOH 32 33 33 HOH HOH A . 
C 3 HOH 33 34 34 HOH HOH A . 
C 3 HOH 34 35 35 HOH HOH A . 
C 3 HOH 35 36 36 HOH HOH A . 
C 3 HOH 36 37 37 HOH HOH A . 
C 3 HOH 37 38 38 HOH HOH A . 
C 3 HOH 38 39 39 HOH HOH A . 
C 3 HOH 39 40 40 HOH HOH A . 
C 3 HOH 40 41 41 HOH HOH A . 
C 3 HOH 41 42 42 HOH HOH A . 
C 3 HOH 42 43 43 HOH HOH A . 
C 3 HOH 43 44 44 HOH HOH A . 
C 3 HOH 44 45 45 HOH HOH A . 
C 3 HOH 45 46 46 HOH HOH A . 
C 3 HOH 46 47 47 HOH HOH A . 
C 3 HOH 47 48 48 HOH HOH A . 
# 
loop_
_software.name 
_software.classification 
_software.version 
_software.citation_id 
_software.pdbx_ordinal 
SnB       phasing          'THEN SOLVE/RESOLVE' ? 1 
CNS       refinement       1.1                  ? 2 
DENZO     'data reduction' .                    ? 3 
SCALEPACK 'data scaling'   .                    ? 4 
SOLVE     phasing          .                    ? 5 
# 
_cell.entry_id           2OUD 
_cell.length_a           92.514 
_cell.length_b           92.514 
_cell.length_c           78.114 
_cell.angle_alpha        90.00 
_cell.angle_beta         90.00 
_cell.angle_gamma        120.00 
_cell.Z_PDB              6 
_cell.pdbx_unique_axis   ? 
_cell.length_a_esd       ? 
_cell.length_b_esd       ? 
_cell.length_c_esd       ? 
_cell.angle_alpha_esd    ? 
_cell.angle_beta_esd     ? 
_cell.angle_gamma_esd    ? 
# 
_symmetry.entry_id                         2OUD 
_symmetry.space_group_name_H-M             'P 32 2 1' 
_symmetry.pdbx_full_space_group_name_H-M   ? 
_symmetry.cell_setting                     ? 
_symmetry.Int_Tables_number                154 
_symmetry.space_group_name_Hall            ? 
# 
_exptl.entry_id          2OUD 
_exptl.method            'X-RAY DIFFRACTION' 
_exptl.crystals_number   1 
# 
_exptl_crystal.id                    1 
_exptl_crystal.density_meas          ? 
_exptl_crystal.density_Matthews      4.77 
_exptl_crystal.density_percent_sol   74.20 
_exptl_crystal.description           ? 
_exptl_crystal.F_000                 ? 
_exptl_crystal.preparation           ? 
# 
_exptl_crystal_grow.crystal_id      1 
_exptl_crystal_grow.method          'VAPOR DIFFUSION, SITTING DROP' 
_exptl_crystal_grow.temp            277 
_exptl_crystal_grow.temp_details    ? 
_exptl_crystal_grow.pH              6.0 
_exptl_crystal_grow.pdbx_details    
'100 mM Bis-tris (pH 6.0), and 2.7-3.0 M sodium chloride, VAPOR DIFFUSION, SITTING DROP, temperature 277K' 
_exptl_crystal_grow.pdbx_pH_range   . 
# 
_diffrn.id                     1 
_diffrn.ambient_temp           100.0 
_diffrn.ambient_temp_details   ? 
_diffrn.crystal_id             1 
# 
_diffrn_detector.diffrn_id              1 
_diffrn_detector.detector               CCD 
_diffrn_detector.type                   'ADSC QUANTUM 4' 
_diffrn_detector.pdbx_collection_date   ? 
_diffrn_detector.details                MIRRORS 
# 
_diffrn_radiation.diffrn_id                        1 
_diffrn_radiation.wavelength_id                    1 
_diffrn_radiation.pdbx_monochromatic_or_laue_m_l   M 
_diffrn_radiation.monochromator                    'SI(111)' 
_diffrn_radiation.pdbx_diffrn_protocol             'SINGLE WAVELENGTH' 
_diffrn_radiation.pdbx_scattering_type             x-ray 
# 
_diffrn_radiation_wavelength.id           1 
_diffrn_radiation_wavelength.wavelength   0.9798 
_diffrn_radiation_wavelength.wt           1.0 
# 
_diffrn_source.diffrn_id                   1 
_diffrn_source.source                      SYNCHROTRON 
_diffrn_source.type                        'NSLS BEAMLINE X4A' 
_diffrn_source.pdbx_synchrotron_site       NSLS 
_diffrn_source.pdbx_synchrotron_beamline   X4A 
_diffrn_source.pdbx_wavelength             0.9798 
_diffrn_source.pdbx_wavelength_list        ? 
# 
_reflns.entry_id                     2OUD 
_reflns.observed_criterion_sigma_I   ? 
_reflns.observed_criterion_sigma_F   ? 
_reflns.d_resolution_low             30.000 
_reflns.d_resolution_high            2.800 
_reflns.number_obs                   9841 
_reflns.number_all                   ? 
_reflns.percent_possible_obs         99.8 
_reflns.pdbx_Rmerge_I_obs            0.047 
_reflns.pdbx_Rsym_value              ? 
_reflns.pdbx_netI_over_sigmaI        26.2970 
_reflns.B_iso_Wilson_estimate        68.4 
_reflns.pdbx_redundancy              3.600 
_reflns.R_free_details               ? 
_reflns.limit_h_max                  ? 
_reflns.limit_h_min                  ? 
_reflns.limit_k_max                  ? 
_reflns.limit_k_min                  ? 
_reflns.limit_l_max                  ? 
_reflns.limit_l_min                  ? 
_reflns.observed_criterion_F_max     ? 
_reflns.observed_criterion_F_min     ? 
_reflns.pdbx_chi_squared             ? 
_reflns.pdbx_scaling_rejects         ? 
_reflns.pdbx_diffrn_id               1 
_reflns.pdbx_ordinal                 1 
# 
_reflns_shell.d_res_high             2.80 
_reflns_shell.d_res_low              2.90 
_reflns_shell.percent_possible_all   99.3 
_reflns_shell.Rmerge_I_obs           0.335 
_reflns_shell.pdbx_Rsym_value        ? 
_reflns_shell.meanI_over_sigI_obs    3.197 
_reflns_shell.pdbx_redundancy        3.50 
_reflns_shell.percent_possible_obs   ? 
_reflns_shell.number_unique_all      ? 
_reflns_shell.number_measured_all    ? 
_reflns_shell.number_measured_obs    ? 
_reflns_shell.number_unique_obs      ? 
_reflns_shell.pdbx_chi_squared       ? 
_reflns_shell.pdbx_diffrn_id         ? 
_reflns_shell.pdbx_ordinal           1 
# 
_refine.entry_id                                 2OUD 
_refine.ls_number_reflns_obs                     8690 
_refine.ls_number_reflns_all                     ? 
_refine.pdbx_ls_sigma_I                          ? 
_refine.pdbx_ls_sigma_F                          1.0 
_refine.pdbx_data_cutoff_high_absF               414594.83 
_refine.pdbx_data_cutoff_low_absF                0.000000 
_refine.pdbx_data_cutoff_high_rms_absF           ? 
_refine.ls_d_res_low                             29.84 
_refine.ls_d_res_high                            2.80 
_refine.ls_percent_reflns_obs                    88.6 
_refine.ls_R_factor_obs                          0.213 
_refine.ls_R_factor_all                          ? 
_refine.ls_R_factor_R_work                       0.213 
_refine.ls_R_factor_R_free                       0.248 
_refine.ls_R_factor_R_free_error                 0.008 
_refine.ls_R_factor_R_free_error_details         ? 
_refine.ls_percent_reflns_R_free                 10.4 
_refine.ls_number_reflns_R_free                  906 
_refine.ls_number_parameters                     ? 
_refine.ls_number_restraints                     ? 
_refine.occupancy_min                            ? 
_refine.occupancy_max                            ? 
_refine.correlation_coeff_Fo_to_Fc               ? 
_refine.correlation_coeff_Fo_to_Fc_free          ? 
_refine.B_iso_mean                               ? 
_refine.aniso_B[1][1]                            10.37 
_refine.aniso_B[2][2]                            8.59 
_refine.aniso_B[3][3]                            -18.96 
_refine.aniso_B[1][2]                            15.82 
_refine.aniso_B[1][3]                            0.00 
_refine.aniso_B[2][3]                            0.00 
_refine.solvent_model_details                    'FLAT MODEL' 
_refine.solvent_model_param_ksol                 0.326933 
_refine.solvent_model_param_bsol                 42.1219 
_refine.pdbx_solvent_vdw_probe_radii             ? 
_refine.pdbx_solvent_ion_probe_radii             ? 
_refine.pdbx_solvent_shrinkage_radii             ? 
_refine.pdbx_ls_cross_valid_method               THROUGHOUT 
_refine.details                                  ? 
_refine.pdbx_starting_model                      ? 
_refine.pdbx_method_to_determine_struct          SAD 
_refine.pdbx_isotropic_thermal_model             RESTRAINED 
_refine.pdbx_stereochemistry_target_values       ? 
_refine.pdbx_stereochem_target_val_spec_case     ? 
_refine.pdbx_R_Free_selection_details            RANDOM 
_refine.pdbx_overall_ESU_R                       ? 
_refine.pdbx_overall_ESU_R_Free                  ? 
_refine.overall_SU_ML                            ? 
_refine.overall_SU_B                             ? 
_refine.ls_redundancy_reflns_obs                 ? 
_refine.B_iso_min                                ? 
_refine.B_iso_max                                ? 
_refine.overall_SU_R_Cruickshank_DPI             ? 
_refine.overall_SU_R_free                        ? 
_refine.ls_wR_factor_R_free                      ? 
_refine.ls_wR_factor_R_work                      ? 
_refine.overall_FOM_free_R_set                   ? 
_refine.overall_FOM_work_R_set                   ? 
_refine.pdbx_refine_id                           'X-RAY DIFFRACTION' 
_refine.pdbx_diffrn_id                           1 
_refine.pdbx_TLS_residual_ADP_flag               ? 
_refine.pdbx_overall_phase_error                 ? 
_refine.pdbx_overall_SU_R_free_Cruickshank_DPI   ? 
_refine.pdbx_overall_SU_R_Blow_DPI               ? 
_refine.pdbx_overall_SU_R_free_Blow_DPI          ? 
# 
_refine_analyze.entry_id                        2OUD 
_refine_analyze.Luzzati_coordinate_error_obs    0.33 
_refine_analyze.Luzzati_sigma_a_obs             0.45 
_refine_analyze.Luzzati_d_res_low_obs           5.00 
_refine_analyze.Luzzati_coordinate_error_free   0.40 
_refine_analyze.Luzzati_sigma_a_free            0.46 
_refine_analyze.Luzzati_d_res_low_free          ? 
_refine_analyze.number_disordered_residues      ? 
_refine_analyze.occupancy_sum_hydrogen          ? 
_refine_analyze.occupancy_sum_non_hydrogen      ? 
_refine_analyze.pdbx_Luzzati_d_res_high_obs     ? 
_refine_analyze.pdbx_refine_id                  'X-RAY DIFFRACTION' 
# 
_refine_hist.pdbx_refine_id                   'X-RAY DIFFRACTION' 
_refine_hist.cycle_id                         LAST 
_refine_hist.pdbx_number_atoms_protein        1422 
_refine_hist.pdbx_number_atoms_nucleic_acid   0 
_refine_hist.pdbx_number_atoms_ligand         1 
_refine_hist.number_atoms_solvent             47 
_refine_hist.number_atoms_total               1470 
_refine_hist.d_res_high                       2.80 
_refine_hist.d_res_low                        29.84 
# 
loop_
_refine_ls_restr.type 
_refine_ls_restr.dev_ideal 
_refine_ls_restr.dev_ideal_target 
_refine_ls_restr.weight 
_refine_ls_restr.number 
_refine_ls_restr.pdbx_refine_id 
_refine_ls_restr.pdbx_restraint_function 
c_bond_d                0.007 ?    ? ? 'X-RAY DIFFRACTION' ? 
c_bond_d_na             ?     ?    ? ? 'X-RAY DIFFRACTION' ? 
c_bond_d_prot           ?     ?    ? ? 'X-RAY DIFFRACTION' ? 
c_angle_d               ?     ?    ? ? 'X-RAY DIFFRACTION' ? 
c_angle_d_na            ?     ?    ? ? 'X-RAY DIFFRACTION' ? 
c_angle_d_prot          ?     ?    ? ? 'X-RAY DIFFRACTION' ? 
c_angle_deg             1.4   ?    ? ? 'X-RAY DIFFRACTION' ? 
c_angle_deg_na          ?     ?    ? ? 'X-RAY DIFFRACTION' ? 
c_angle_deg_prot        ?     ?    ? ? 'X-RAY DIFFRACTION' ? 
c_dihedral_angle_d      21.5  ?    ? ? 'X-RAY DIFFRACTION' ? 
c_dihedral_angle_d_na   ?     ?    ? ? 'X-RAY DIFFRACTION' ? 
c_dihedral_angle_d_prot ?     ?    ? ? 'X-RAY DIFFRACTION' ? 
c_improper_angle_d      0.96  ?    ? ? 'X-RAY DIFFRACTION' ? 
c_improper_angle_d_na   ?     ?    ? ? 'X-RAY DIFFRACTION' ? 
c_improper_angle_d_prot ?     ?    ? ? 'X-RAY DIFFRACTION' ? 
c_mcbond_it             1.45  1.50 ? ? 'X-RAY DIFFRACTION' ? 
c_mcangle_it            2.55  2.00 ? ? 'X-RAY DIFFRACTION' ? 
c_scbond_it             1.88  2.00 ? ? 'X-RAY DIFFRACTION' ? 
c_scangle_it            3.02  2.50 ? ? 'X-RAY DIFFRACTION' ? 
# 
_refine_ls_shell.pdbx_total_number_of_bins_used   10 
_refine_ls_shell.d_res_high                       2.80 
_refine_ls_shell.d_res_low                        2.90 
_refine_ls_shell.number_reflns_R_work             559 
_refine_ls_shell.R_factor_R_work                  0.298 
_refine_ls_shell.percent_reflns_obs               64.9 
_refine_ls_shell.R_factor_R_free                  0.334 
_refine_ls_shell.R_factor_R_free_error            0.042 
_refine_ls_shell.percent_reflns_R_free            10.3 
_refine_ls_shell.number_reflns_R_free             64 
_refine_ls_shell.number_reflns_all                ? 
_refine_ls_shell.R_factor_all                     ? 
_refine_ls_shell.number_reflns_obs                ? 
_refine_ls_shell.redundancy_reflns_obs            ? 
_refine_ls_shell.pdbx_refine_id                   'X-RAY DIFFRACTION' 
# 
loop_
_pdbx_xplor_file.serial_no 
_pdbx_xplor_file.param_file 
_pdbx_xplor_file.topol_file 
_pdbx_xplor_file.pdbx_refine_id 
1 protein_rep.param protein.top 'X-RAY DIFFRACTION' 
2 dna-rna_rep.param dna-rna.top 'X-RAY DIFFRACTION' 
3 water_rep.param   water.top   'X-RAY DIFFRACTION' 
4 ion.param         ion.top     'X-RAY DIFFRACTION' 
# 
_struct.entry_id                  2OUD 
_struct.title                     'Crystal structure of the catalytic domain of human MKP5' 
_struct.pdbx_model_details        ? 
_struct.pdbx_CASP_flag            ? 
_struct.pdbx_model_type_details   ? 
# 
_struct_keywords.entry_id        2OUD 
_struct_keywords.pdbx_keywords   HYDROLASE 
_struct_keywords.text            'A central five-stranded b-sheet, HYDROLASE' 
# 
loop_
_struct_asym.id 
_struct_asym.pdbx_blank_PDB_chainid_flag 
_struct_asym.pdbx_modified 
_struct_asym.entity_id 
_struct_asym.details 
A N N 1 ? 
B N N 2 ? 
C N N 3 ? 
# 
_struct_ref.id                         1 
_struct_ref.db_name                    UNP 
_struct_ref.db_code                    DUS10_HUMAN 
_struct_ref.pdbx_db_accession          Q9Y6W6 
_struct_ref.entity_id                  1 
_struct_ref.pdbx_seq_one_letter_code   
;PDIENAELTPILPFLFLGNEQDAQDLDTMQRLNIGYVINVTTHLPLYHYEKGLFNYKRLPATDSNKQNLRQYFEEAFEFI
EEAHQCGKGLLIHCQAGVSRSATIVIAYLMKHTRMTMTDAYKFVKGKRPIISPNLNFMGQLLEFEEDLNNGVTPRILTPK
LMGVETVV
;
_struct_ref.pdbx_align_begin           315 
_struct_ref.pdbx_db_isoform            ? 
# 
_struct_ref_seq.align_id                      1 
_struct_ref_seq.ref_id                        1 
_struct_ref_seq.pdbx_PDB_id_code              2OUD 
_struct_ref_seq.pdbx_strand_id                A 
_struct_ref_seq.seq_align_beg                 1 
_struct_ref_seq.pdbx_seq_align_beg_ins_code   ? 
_struct_ref_seq.seq_align_end                 168 
_struct_ref_seq.pdbx_seq_align_end_ins_code   ? 
_struct_ref_seq.pdbx_db_accession             Q9Y6W6 
_struct_ref_seq.db_align_beg                  315 
_struct_ref_seq.pdbx_db_align_beg_ins_code    ? 
_struct_ref_seq.db_align_end                  482 
_struct_ref_seq.pdbx_db_align_end_ins_code    ? 
_struct_ref_seq.pdbx_auth_seq_align_beg       315 
_struct_ref_seq.pdbx_auth_seq_align_end       482 
# 
loop_
_struct_ref_seq_dif.align_id 
_struct_ref_seq_dif.pdbx_pdb_id_code 
_struct_ref_seq_dif.mon_id 
_struct_ref_seq_dif.pdbx_pdb_strand_id 
_struct_ref_seq_dif.seq_num 
_struct_ref_seq_dif.pdbx_pdb_ins_code 
_struct_ref_seq_dif.pdbx_seq_db_name 
_struct_ref_seq_dif.pdbx_seq_db_accession_code 
_struct_ref_seq_dif.db_mon_id 
_struct_ref_seq_dif.pdbx_seq_db_seq_num 
_struct_ref_seq_dif.details 
_struct_ref_seq_dif.pdbx_auth_seq_num 
_struct_ref_seq_dif.pdbx_ordinal 
1 2OUD LYS A 169 ? UNP Q9Y6W6 ? ? 'cloning artifact' 483 1 
1 2OUD GLU A 170 ? UNP Q9Y6W6 ? ? 'cloning artifact' 484 2 
1 2OUD ALA A 171 ? UNP Q9Y6W6 ? ? 'cloning artifact' 485 3 
1 2OUD ALA A 172 ? UNP Q9Y6W6 ? ? 'cloning artifact' 486 4 
1 2OUD ALA A 173 ? UNP Q9Y6W6 ? ? 'cloning artifact' 487 5 
1 2OUD LEU A 174 ? UNP Q9Y6W6 ? ? 'cloning artifact' 488 6 
1 2OUD GLU A 175 ? UNP Q9Y6W6 ? ? 'cloning artifact' 489 7 
1 2OUD HIS A 176 ? UNP Q9Y6W6 ? ? 'cloning artifact' 490 8 
1 2OUD HIS A 177 ? UNP Q9Y6W6 ? ? 'cloning artifact' 491 9 
# 
_pdbx_struct_assembly.id                   1 
_pdbx_struct_assembly.details              author_defined_assembly 
_pdbx_struct_assembly.method_details       ? 
_pdbx_struct_assembly.oligomeric_details   monomeric 
_pdbx_struct_assembly.oligomeric_count     1 
# 
_pdbx_struct_assembly_gen.assembly_id       1 
_pdbx_struct_assembly_gen.oper_expression   1 
_pdbx_struct_assembly_gen.asym_id_list      A,B,C 
# 
_pdbx_struct_oper_list.id                   1 
_pdbx_struct_oper_list.type                 'identity operation' 
_pdbx_struct_oper_list.name                 1_555 
_pdbx_struct_oper_list.symmetry_operation   x,y,z 
_pdbx_struct_oper_list.matrix[1][1]         1.0000000000 
_pdbx_struct_oper_list.matrix[1][2]         0.0000000000 
_pdbx_struct_oper_list.matrix[1][3]         0.0000000000 
_pdbx_struct_oper_list.vector[1]            0.0000000000 
_pdbx_struct_oper_list.matrix[2][1]         0.0000000000 
_pdbx_struct_oper_list.matrix[2][2]         1.0000000000 
_pdbx_struct_oper_list.matrix[2][3]         0.0000000000 
_pdbx_struct_oper_list.vector[2]            0.0000000000 
_pdbx_struct_oper_list.matrix[3][1]         0.0000000000 
_pdbx_struct_oper_list.matrix[3][2]         0.0000000000 
_pdbx_struct_oper_list.matrix[3][3]         1.0000000000 
_pdbx_struct_oper_list.vector[3]            0.0000000000 
# 
loop_
_struct_conf.conf_type_id 
_struct_conf.id 
_struct_conf.pdbx_PDB_helix_id 
_struct_conf.beg_label_comp_id 
_struct_conf.beg_label_asym_id 
_struct_conf.beg_label_seq_id 
_struct_conf.pdbx_beg_PDB_ins_code 
_struct_conf.end_label_comp_id 
_struct_conf.end_label_asym_id 
_struct_conf.end_label_seq_id 
_struct_conf.pdbx_end_PDB_ins_code 
_struct_conf.beg_auth_comp_id 
_struct_conf.beg_auth_asym_id 
_struct_conf.beg_auth_seq_id 
_struct_conf.end_auth_comp_id 
_struct_conf.end_auth_asym_id 
_struct_conf.end_auth_seq_id 
_struct_conf.pdbx_PDB_helix_class 
_struct_conf.details 
_struct_conf.pdbx_PDB_helix_length 
HELX_P HELX_P1 1 ASP A 25  ? LEU A 32  ? ASP A 339 LEU A 346 1 ? 8  
HELX_P HELX_P2 2 LEU A 69  ? CYS A 86  ? LEU A 383 CYS A 400 1 ? 18 
HELX_P HELX_P3 3 SER A 99  ? HIS A 112 ? SER A 413 HIS A 426 1 ? 14 
HELX_P HELX_P4 4 THR A 116 ? ARG A 128 ? THR A 430 ARG A 442 1 ? 13 
HELX_P HELX_P5 5 ASN A 134 ? GLY A 151 ? ASN A 448 GLY A 465 1 ? 18 
HELX_P HELX_P6 6 GLY A 163 ? HIS A 177 ? GLY A 477 HIS A 491 1 ? 15 
# 
_struct_conf_type.id          HELX_P 
_struct_conf_type.criteria    ? 
_struct_conf_type.reference   ? 
# 
_struct_sheet.id               A 
_struct_sheet.type             ? 
_struct_sheet.number_strands   5 
_struct_sheet.details          ? 
# 
loop_
_struct_sheet_order.sheet_id 
_struct_sheet_order.range_id_1 
_struct_sheet_order.range_id_2 
_struct_sheet_order.offset 
_struct_sheet_order.sense 
A 1 2 ? anti-parallel 
A 2 3 ? parallel      
A 3 4 ? parallel      
A 4 5 ? parallel      
# 
loop_
_struct_sheet_range.sheet_id 
_struct_sheet_range.id 
_struct_sheet_range.beg_label_comp_id 
_struct_sheet_range.beg_label_asym_id 
_struct_sheet_range.beg_label_seq_id 
_struct_sheet_range.pdbx_beg_PDB_ins_code 
_struct_sheet_range.end_label_comp_id 
_struct_sheet_range.end_label_asym_id 
_struct_sheet_range.end_label_seq_id 
_struct_sheet_range.pdbx_end_PDB_ins_code 
_struct_sheet_range.beg_auth_comp_id 
_struct_sheet_range.beg_auth_asym_id 
_struct_sheet_range.beg_auth_seq_id 
_struct_sheet_range.end_auth_comp_id 
_struct_sheet_range.end_auth_asym_id 
_struct_sheet_range.end_auth_seq_id 
A 1 THR A 9  ? LEU A 12 ? THR A 323 LEU A 326 
A 2 LEU A 15 ? GLY A 18 ? LEU A 329 GLY A 332 
A 3 GLY A 89 ? HIS A 93 ? GLY A 403 HIS A 407 
A 4 ILE A 34 ? ASN A 39 ? ILE A 348 ASN A 353 
A 5 ASN A 55 ? ARG A 58 ? ASN A 369 ARG A 372 
# 
loop_
_pdbx_struct_sheet_hbond.sheet_id 
_pdbx_struct_sheet_hbond.range_id_1 
_pdbx_struct_sheet_hbond.range_id_2 
_pdbx_struct_sheet_hbond.range_1_label_atom_id 
_pdbx_struct_sheet_hbond.range_1_label_comp_id 
_pdbx_struct_sheet_hbond.range_1_label_asym_id 
_pdbx_struct_sheet_hbond.range_1_label_seq_id 
_pdbx_struct_sheet_hbond.range_1_PDB_ins_code 
_pdbx_struct_sheet_hbond.range_1_auth_atom_id 
_pdbx_struct_sheet_hbond.range_1_auth_comp_id 
_pdbx_struct_sheet_hbond.range_1_auth_asym_id 
_pdbx_struct_sheet_hbond.range_1_auth_seq_id 
_pdbx_struct_sheet_hbond.range_2_label_atom_id 
_pdbx_struct_sheet_hbond.range_2_label_comp_id 
_pdbx_struct_sheet_hbond.range_2_label_asym_id 
_pdbx_struct_sheet_hbond.range_2_label_seq_id 
_pdbx_struct_sheet_hbond.range_2_PDB_ins_code 
_pdbx_struct_sheet_hbond.range_2_auth_atom_id 
_pdbx_struct_sheet_hbond.range_2_auth_comp_id 
_pdbx_struct_sheet_hbond.range_2_auth_asym_id 
_pdbx_struct_sheet_hbond.range_2_auth_seq_id 
A 1 2 N THR A 9  ? N THR A 323 O LEU A 17 ? O LEU A 331 
A 2 3 N PHE A 16 ? N PHE A 330 O LEU A 90 ? O LEU A 404 
A 3 4 O GLY A 89 ? O GLY A 403 N GLY A 35 ? N GLY A 349 
A 4 5 N VAL A 37 ? N VAL A 351 O ASN A 55 ? O ASN A 369 
# 
_pdbx_validate_close_contact.id               1 
_pdbx_validate_close_contact.PDB_model_num    1 
_pdbx_validate_close_contact.auth_atom_id_1   O 
_pdbx_validate_close_contact.auth_asym_id_1   A 
_pdbx_validate_close_contact.auth_comp_id_1   THR 
_pdbx_validate_close_contact.auth_seq_id_1    427 
_pdbx_validate_close_contact.PDB_ins_code_1   ? 
_pdbx_validate_close_contact.label_alt_id_1   ? 
_pdbx_validate_close_contact.auth_atom_id_2   N 
_pdbx_validate_close_contact.auth_asym_id_2   A 
_pdbx_validate_close_contact.auth_comp_id_2   MET 
_pdbx_validate_close_contact.auth_seq_id_2    429 
_pdbx_validate_close_contact.PDB_ins_code_2   ? 
_pdbx_validate_close_contact.label_alt_id_2   ? 
_pdbx_validate_close_contact.dist             2.12 
# 
_pdbx_validate_symm_contact.id                1 
_pdbx_validate_symm_contact.PDB_model_num     1 
_pdbx_validate_symm_contact.auth_atom_id_1    O 
_pdbx_validate_symm_contact.auth_asym_id_1    A 
_pdbx_validate_symm_contact.auth_comp_id_1    HOH 
_pdbx_validate_symm_contact.auth_seq_id_1     40 
_pdbx_validate_symm_contact.PDB_ins_code_1    ? 
_pdbx_validate_symm_contact.label_alt_id_1    ? 
_pdbx_validate_symm_contact.site_symmetry_1   1_555 
_pdbx_validate_symm_contact.auth_atom_id_2    O 
_pdbx_validate_symm_contact.auth_asym_id_2    A 
_pdbx_validate_symm_contact.auth_comp_id_2    HOH 
_pdbx_validate_symm_contact.auth_seq_id_2     40 
_pdbx_validate_symm_contact.PDB_ins_code_2    ? 
_pdbx_validate_symm_contact.label_alt_id_2    ? 
_pdbx_validate_symm_contact.site_symmetry_2   6_765 
_pdbx_validate_symm_contact.dist              1.80 
# 
_pdbx_validate_rmsd_angle.id                         1 
_pdbx_validate_rmsd_angle.PDB_model_num              1 
_pdbx_validate_rmsd_angle.auth_atom_id_1             C 
_pdbx_validate_rmsd_angle.auth_asym_id_1             A 
_pdbx_validate_rmsd_angle.auth_comp_id_1             ARG 
_pdbx_validate_rmsd_angle.auth_seq_id_1              442 
_pdbx_validate_rmsd_angle.PDB_ins_code_1             ? 
_pdbx_validate_rmsd_angle.label_alt_id_1             ? 
_pdbx_validate_rmsd_angle.auth_atom_id_2             N 
_pdbx_validate_rmsd_angle.auth_asym_id_2             A 
_pdbx_validate_rmsd_angle.auth_comp_id_2             PRO 
_pdbx_validate_rmsd_angle.auth_seq_id_2              443 
_pdbx_validate_rmsd_angle.PDB_ins_code_2             ? 
_pdbx_validate_rmsd_angle.label_alt_id_2             ? 
_pdbx_validate_rmsd_angle.auth_atom_id_3             CA 
_pdbx_validate_rmsd_angle.auth_asym_id_3             A 
_pdbx_validate_rmsd_angle.auth_comp_id_3             PRO 
_pdbx_validate_rmsd_angle.auth_seq_id_3              443 
_pdbx_validate_rmsd_angle.PDB_ins_code_3             ? 
_pdbx_validate_rmsd_angle.label_alt_id_3             ? 
_pdbx_validate_rmsd_angle.angle_value                128.97 
_pdbx_validate_rmsd_angle.angle_target_value         119.30 
_pdbx_validate_rmsd_angle.angle_deviation            9.67 
_pdbx_validate_rmsd_angle.angle_standard_deviation   1.50 
_pdbx_validate_rmsd_angle.linker_flag                Y 
# 
loop_
_pdbx_validate_torsion.id 
_pdbx_validate_torsion.PDB_model_num 
_pdbx_validate_torsion.auth_comp_id 
_pdbx_validate_torsion.auth_asym_id 
_pdbx_validate_torsion.auth_seq_id 
_pdbx_validate_torsion.PDB_ins_code 
_pdbx_validate_torsion.label_alt_id 
_pdbx_validate_torsion.phi 
_pdbx_validate_torsion.psi 
1  1 ASP A 316 ? ? 64.11   -131.90 
2  1 ILE A 317 ? ? -63.44  0.09    
3  1 ASN A 319 ? ? 172.62  32.30   
4  1 ASP A 339 ? ? -63.68  85.65   
5  1 VAL A 354 ? ? -92.77  59.49   
6  1 LYS A 365 ? ? -59.34  -7.98   
7  1 PRO A 374 ? ? -58.90  70.10   
8  1 ASP A 377 ? ? -90.99  39.51   
9  1 CYS A 408 ? ? -138.70 -139.61 
10 1 THR A 427 ? ? -160.48 33.49   
11 1 ARG A 428 ? ? 24.10   25.36   
12 1 PRO A 443 ? ? -38.12  -37.50  
13 1 SER A 446 ? ? -167.28 83.95   
14 1 PRO A 468 ? ? -57.32  92.36   
15 1 LEU A 471 ? ? -106.68 44.71   
16 1 PRO A 473 ? ? -53.96  -3.55   
17 1 LYS A 474 ? ? -42.06  -19.62  
18 1 LEU A 475 ? ? -102.87 -131.93 
19 1 MET A 476 ? ? -23.72  135.20  
# 
loop_
_chem_comp_atom.comp_id 
_chem_comp_atom.atom_id 
_chem_comp_atom.type_symbol 
_chem_comp_atom.pdbx_aromatic_flag 
_chem_comp_atom.pdbx_stereo_config 
_chem_comp_atom.pdbx_ordinal 
ALA N    N  N N 1   
ALA CA   C  N S 2   
ALA C    C  N N 3   
ALA O    O  N N 4   
ALA CB   C  N N 5   
ALA OXT  O  N N 6   
ALA H    H  N N 7   
ALA H2   H  N N 8   
ALA HA   H  N N 9   
ALA HB1  H  N N 10  
ALA HB2  H  N N 11  
ALA HB3  H  N N 12  
ALA HXT  H  N N 13  
ARG N    N  N N 14  
ARG CA   C  N S 15  
ARG C    C  N N 16  
ARG O    O  N N 17  
ARG CB   C  N N 18  
ARG CG   C  N N 19  
ARG CD   C  N N 20  
ARG NE   N  N N 21  
ARG CZ   C  N N 22  
ARG NH1  N  N N 23  
ARG NH2  N  N N 24  
ARG OXT  O  N N 25  
ARG H    H  N N 26  
ARG H2   H  N N 27  
ARG HA   H  N N 28  
ARG HB2  H  N N 29  
ARG HB3  H  N N 30  
ARG HG2  H  N N 31  
ARG HG3  H  N N 32  
ARG HD2  H  N N 33  
ARG HD3  H  N N 34  
ARG HE   H  N N 35  
ARG HH11 H  N N 36  
ARG HH12 H  N N 37  
ARG HH21 H  N N 38  
ARG HH22 H  N N 39  
ARG HXT  H  N N 40  
ASN N    N  N N 41  
ASN CA   C  N S 42  
ASN C    C  N N 43  
ASN O    O  N N 44  
ASN CB   C  N N 45  
ASN CG   C  N N 46  
ASN OD1  O  N N 47  
ASN ND2  N  N N 48  
ASN OXT  O  N N 49  
ASN H    H  N N 50  
ASN H2   H  N N 51  
ASN HA   H  N N 52  
ASN HB2  H  N N 53  
ASN HB3  H  N N 54  
ASN HD21 H  N N 55  
ASN HD22 H  N N 56  
ASN HXT  H  N N 57  
ASP N    N  N N 58  
ASP CA   C  N S 59  
ASP C    C  N N 60  
ASP O    O  N N 61  
ASP CB   C  N N 62  
ASP CG   C  N N 63  
ASP OD1  O  N N 64  
ASP OD2  O  N N 65  
ASP OXT  O  N N 66  
ASP H    H  N N 67  
ASP H2   H  N N 68  
ASP HA   H  N N 69  
ASP HB2  H  N N 70  
ASP HB3  H  N N 71  
ASP HD2  H  N N 72  
ASP HXT  H  N N 73  
CL  CL   CL N N 74  
CYS N    N  N N 75  
CYS CA   C  N R 76  
CYS C    C  N N 77  
CYS O    O  N N 78  
CYS CB   C  N N 79  
CYS SG   S  N N 80  
CYS OXT  O  N N 81  
CYS H    H  N N 82  
CYS H2   H  N N 83  
CYS HA   H  N N 84  
CYS HB2  H  N N 85  
CYS HB3  H  N N 86  
CYS HG   H  N N 87  
CYS HXT  H  N N 88  
GLN N    N  N N 89  
GLN CA   C  N S 90  
GLN C    C  N N 91  
GLN O    O  N N 92  
GLN CB   C  N N 93  
GLN CG   C  N N 94  
GLN CD   C  N N 95  
GLN OE1  O  N N 96  
GLN NE2  N  N N 97  
GLN OXT  O  N N 98  
GLN H    H  N N 99  
GLN H2   H  N N 100 
GLN HA   H  N N 101 
GLN HB2  H  N N 102 
GLN HB3  H  N N 103 
GLN HG2  H  N N 104 
GLN HG3  H  N N 105 
GLN HE21 H  N N 106 
GLN HE22 H  N N 107 
GLN HXT  H  N N 108 
GLU N    N  N N 109 
GLU CA   C  N S 110 
GLU C    C  N N 111 
GLU O    O  N N 112 
GLU CB   C  N N 113 
GLU CG   C  N N 114 
GLU CD   C  N N 115 
GLU OE1  O  N N 116 
GLU OE2  O  N N 117 
GLU OXT  O  N N 118 
GLU H    H  N N 119 
GLU H2   H  N N 120 
GLU HA   H  N N 121 
GLU HB2  H  N N 122 
GLU HB3  H  N N 123 
GLU HG2  H  N N 124 
GLU HG3  H  N N 125 
GLU HE2  H  N N 126 
GLU HXT  H  N N 127 
GLY N    N  N N 128 
GLY CA   C  N N 129 
GLY C    C  N N 130 
GLY O    O  N N 131 
GLY OXT  O  N N 132 
GLY H    H  N N 133 
GLY H2   H  N N 134 
GLY HA2  H  N N 135 
GLY HA3  H  N N 136 
GLY HXT  H  N N 137 
HIS N    N  N N 138 
HIS CA   C  N S 139 
HIS C    C  N N 140 
HIS O    O  N N 141 
HIS CB   C  N N 142 
HIS CG   C  Y N 143 
HIS ND1  N  Y N 144 
HIS CD2  C  Y N 145 
HIS CE1  C  Y N 146 
HIS NE2  N  Y N 147 
HIS OXT  O  N N 148 
HIS H    H  N N 149 
HIS H2   H  N N 150 
HIS HA   H  N N 151 
HIS HB2  H  N N 152 
HIS HB3  H  N N 153 
HIS HD1  H  N N 154 
HIS HD2  H  N N 155 
HIS HE1  H  N N 156 
HIS HE2  H  N N 157 
HIS HXT  H  N N 158 
HOH O    O  N N 159 
HOH H1   H  N N 160 
HOH H2   H  N N 161 
ILE N    N  N N 162 
ILE CA   C  N S 163 
ILE C    C  N N 164 
ILE O    O  N N 165 
ILE CB   C  N S 166 
ILE CG1  C  N N 167 
ILE CG2  C  N N 168 
ILE CD1  C  N N 169 
ILE OXT  O  N N 170 
ILE H    H  N N 171 
ILE H2   H  N N 172 
ILE HA   H  N N 173 
ILE HB   H  N N 174 
ILE HG12 H  N N 175 
ILE HG13 H  N N 176 
ILE HG21 H  N N 177 
ILE HG22 H  N N 178 
ILE HG23 H  N N 179 
ILE HD11 H  N N 180 
ILE HD12 H  N N 181 
ILE HD13 H  N N 182 
ILE HXT  H  N N 183 
LEU N    N  N N 184 
LEU CA   C  N S 185 
LEU C    C  N N 186 
LEU O    O  N N 187 
LEU CB   C  N N 188 
LEU CG   C  N N 189 
LEU CD1  C  N N 190 
LEU CD2  C  N N 191 
LEU OXT  O  N N 192 
LEU H    H  N N 193 
LEU H2   H  N N 194 
LEU HA   H  N N 195 
LEU HB2  H  N N 196 
LEU HB3  H  N N 197 
LEU HG   H  N N 198 
LEU HD11 H  N N 199 
LEU HD12 H  N N 200 
LEU HD13 H  N N 201 
LEU HD21 H  N N 202 
LEU HD22 H  N N 203 
LEU HD23 H  N N 204 
LEU HXT  H  N N 205 
LYS N    N  N N 206 
LYS CA   C  N S 207 
LYS C    C  N N 208 
LYS O    O  N N 209 
LYS CB   C  N N 210 
LYS CG   C  N N 211 
LYS CD   C  N N 212 
LYS CE   C  N N 213 
LYS NZ   N  N N 214 
LYS OXT  O  N N 215 
LYS H    H  N N 216 
LYS H2   H  N N 217 
LYS HA   H  N N 218 
LYS HB2  H  N N 219 
LYS HB3  H  N N 220 
LYS HG2  H  N N 221 
LYS HG3  H  N N 222 
LYS HD2  H  N N 223 
LYS HD3  H  N N 224 
LYS HE2  H  N N 225 
LYS HE3  H  N N 226 
LYS HZ1  H  N N 227 
LYS HZ2  H  N N 228 
LYS HZ3  H  N N 229 
LYS HXT  H  N N 230 
MET N    N  N N 231 
MET CA   C  N S 232 
MET C    C  N N 233 
MET O    O  N N 234 
MET CB   C  N N 235 
MET CG   C  N N 236 
MET SD   S  N N 237 
MET CE   C  N N 238 
MET OXT  O  N N 239 
MET H    H  N N 240 
MET H2   H  N N 241 
MET HA   H  N N 242 
MET HB2  H  N N 243 
MET HB3  H  N N 244 
MET HG2  H  N N 245 
MET HG3  H  N N 246 
MET HE1  H  N N 247 
MET HE2  H  N N 248 
MET HE3  H  N N 249 
MET HXT  H  N N 250 
PHE N    N  N N 251 
PHE CA   C  N S 252 
PHE C    C  N N 253 
PHE O    O  N N 254 
PHE CB   C  N N 255 
PHE CG   C  Y N 256 
PHE CD1  C  Y N 257 
PHE CD2  C  Y N 258 
PHE CE1  C  Y N 259 
PHE CE2  C  Y N 260 
PHE CZ   C  Y N 261 
PHE OXT  O  N N 262 
PHE H    H  N N 263 
PHE H2   H  N N 264 
PHE HA   H  N N 265 
PHE HB2  H  N N 266 
PHE HB3  H  N N 267 
PHE HD1  H  N N 268 
PHE HD2  H  N N 269 
PHE HE1  H  N N 270 
PHE HE2  H  N N 271 
PHE HZ   H  N N 272 
PHE HXT  H  N N 273 
PRO N    N  N N 274 
PRO CA   C  N S 275 
PRO C    C  N N 276 
PRO O    O  N N 277 
PRO CB   C  N N 278 
PRO CG   C  N N 279 
PRO CD   C  N N 280 
PRO OXT  O  N N 281 
PRO H    H  N N 282 
PRO HA   H  N N 283 
PRO HB2  H  N N 284 
PRO HB3  H  N N 285 
PRO HG2  H  N N 286 
PRO HG3  H  N N 287 
PRO HD2  H  N N 288 
PRO HD3  H  N N 289 
PRO HXT  H  N N 290 
SER N    N  N N 291 
SER CA   C  N S 292 
SER C    C  N N 293 
SER O    O  N N 294 
SER CB   C  N N 295 
SER OG   O  N N 296 
SER OXT  O  N N 297 
SER H    H  N N 298 
SER H2   H  N N 299 
SER HA   H  N N 300 
SER HB2  H  N N 301 
SER HB3  H  N N 302 
SER HG   H  N N 303 
SER HXT  H  N N 304 
THR N    N  N N 305 
THR CA   C  N S 306 
THR C    C  N N 307 
THR O    O  N N 308 
THR CB   C  N R 309 
THR OG1  O  N N 310 
THR CG2  C  N N 311 
THR OXT  O  N N 312 
THR H    H  N N 313 
THR H2   H  N N 314 
THR HA   H  N N 315 
THR HB   H  N N 316 
THR HG1  H  N N 317 
THR HG21 H  N N 318 
THR HG22 H  N N 319 
THR HG23 H  N N 320 
THR HXT  H  N N 321 
TYR N    N  N N 322 
TYR CA   C  N S 323 
TYR C    C  N N 324 
TYR O    O  N N 325 
TYR CB   C  N N 326 
TYR CG   C  Y N 327 
TYR CD1  C  Y N 328 
TYR CD2  C  Y N 329 
TYR CE1  C  Y N 330 
TYR CE2  C  Y N 331 
TYR CZ   C  Y N 332 
TYR OH   O  N N 333 
TYR OXT  O  N N 334 
TYR H    H  N N 335 
TYR H2   H  N N 336 
TYR HA   H  N N 337 
TYR HB2  H  N N 338 
TYR HB3  H  N N 339 
TYR HD1  H  N N 340 
TYR HD2  H  N N 341 
TYR HE1  H  N N 342 
TYR HE2  H  N N 343 
TYR HH   H  N N 344 
TYR HXT  H  N N 345 
VAL N    N  N N 346 
VAL CA   C  N S 347 
VAL C    C  N N 348 
VAL O    O  N N 349 
VAL CB   C  N N 350 
VAL CG1  C  N N 351 
VAL CG2  C  N N 352 
VAL OXT  O  N N 353 
VAL H    H  N N 354 
VAL H2   H  N N 355 
VAL HA   H  N N 356 
VAL HB   H  N N 357 
VAL HG11 H  N N 358 
VAL HG12 H  N N 359 
VAL HG13 H  N N 360 
VAL HG21 H  N N 361 
VAL HG22 H  N N 362 
VAL HG23 H  N N 363 
VAL HXT  H  N N 364 
# 
loop_
_chem_comp_bond.comp_id 
_chem_comp_bond.atom_id_1 
_chem_comp_bond.atom_id_2 
_chem_comp_bond.value_order 
_chem_comp_bond.pdbx_aromatic_flag 
_chem_comp_bond.pdbx_stereo_config 
_chem_comp_bond.pdbx_ordinal 
ALA N   CA   sing N N 1   
ALA N   H    sing N N 2   
ALA N   H2   sing N N 3   
ALA CA  C    sing N N 4   
ALA CA  CB   sing N N 5   
ALA CA  HA   sing N N 6   
ALA C   O    doub N N 7   
ALA C   OXT  sing N N 8   
ALA CB  HB1  sing N N 9   
ALA CB  HB2  sing N N 10  
ALA CB  HB3  sing N N 11  
ALA OXT HXT  sing N N 12  
ARG N   CA   sing N N 13  
ARG N   H    sing N N 14  
ARG N   H2   sing N N 15  
ARG CA  C    sing N N 16  
ARG CA  CB   sing N N 17  
ARG CA  HA   sing N N 18  
ARG C   O    doub N N 19  
ARG C   OXT  sing N N 20  
ARG CB  CG   sing N N 21  
ARG CB  HB2  sing N N 22  
ARG CB  HB3  sing N N 23  
ARG CG  CD   sing N N 24  
ARG CG  HG2  sing N N 25  
ARG CG  HG3  sing N N 26  
ARG CD  NE   sing N N 27  
ARG CD  HD2  sing N N 28  
ARG CD  HD3  sing N N 29  
ARG NE  CZ   sing N N 30  
ARG NE  HE   sing N N 31  
ARG CZ  NH1  sing N N 32  
ARG CZ  NH2  doub N N 33  
ARG NH1 HH11 sing N N 34  
ARG NH1 HH12 sing N N 35  
ARG NH2 HH21 sing N N 36  
ARG NH2 HH22 sing N N 37  
ARG OXT HXT  sing N N 38  
ASN N   CA   sing N N 39  
ASN N   H    sing N N 40  
ASN N   H2   sing N N 41  
ASN CA  C    sing N N 42  
ASN CA  CB   sing N N 43  
ASN CA  HA   sing N N 44  
ASN C   O    doub N N 45  
ASN C   OXT  sing N N 46  
ASN CB  CG   sing N N 47  
ASN CB  HB2  sing N N 48  
ASN CB  HB3  sing N N 49  
ASN CG  OD1  doub N N 50  
ASN CG  ND2  sing N N 51  
ASN ND2 HD21 sing N N 52  
ASN ND2 HD22 sing N N 53  
ASN OXT HXT  sing N N 54  
ASP N   CA   sing N N 55  
ASP N   H    sing N N 56  
ASP N   H2   sing N N 57  
ASP CA  C    sing N N 58  
ASP CA  CB   sing N N 59  
ASP CA  HA   sing N N 60  
ASP C   O    doub N N 61  
ASP C   OXT  sing N N 62  
ASP CB  CG   sing N N 63  
ASP CB  HB2  sing N N 64  
ASP CB  HB3  sing N N 65  
ASP CG  OD1  doub N N 66  
ASP CG  OD2  sing N N 67  
ASP OD2 HD2  sing N N 68  
ASP OXT HXT  sing N N 69  
CYS N   CA   sing N N 70  
CYS N   H    sing N N 71  
CYS N   H2   sing N N 72  
CYS CA  C    sing N N 73  
CYS CA  CB   sing N N 74  
CYS CA  HA   sing N N 75  
CYS C   O    doub N N 76  
CYS C   OXT  sing N N 77  
CYS CB  SG   sing N N 78  
CYS CB  HB2  sing N N 79  
CYS CB  HB3  sing N N 80  
CYS SG  HG   sing N N 81  
CYS OXT HXT  sing N N 82  
GLN N   CA   sing N N 83  
GLN N   H    sing N N 84  
GLN N   H2   sing N N 85  
GLN CA  C    sing N N 86  
GLN CA  CB   sing N N 87  
GLN CA  HA   sing N N 88  
GLN C   O    doub N N 89  
GLN C   OXT  sing N N 90  
GLN CB  CG   sing N N 91  
GLN CB  HB2  sing N N 92  
GLN CB  HB3  sing N N 93  
GLN CG  CD   sing N N 94  
GLN CG  HG2  sing N N 95  
GLN CG  HG3  sing N N 96  
GLN CD  OE1  doub N N 97  
GLN CD  NE2  sing N N 98  
GLN NE2 HE21 sing N N 99  
GLN NE2 HE22 sing N N 100 
GLN OXT HXT  sing N N 101 
GLU N   CA   sing N N 102 
GLU N   H    sing N N 103 
GLU N   H2   sing N N 104 
GLU CA  C    sing N N 105 
GLU CA  CB   sing N N 106 
GLU CA  HA   sing N N 107 
GLU C   O    doub N N 108 
GLU C   OXT  sing N N 109 
GLU CB  CG   sing N N 110 
GLU CB  HB2  sing N N 111 
GLU CB  HB3  sing N N 112 
GLU CG  CD   sing N N 113 
GLU CG  HG2  sing N N 114 
GLU CG  HG3  sing N N 115 
GLU CD  OE1  doub N N 116 
GLU CD  OE2  sing N N 117 
GLU OE2 HE2  sing N N 118 
GLU OXT HXT  sing N N 119 
GLY N   CA   sing N N 120 
GLY N   H    sing N N 121 
GLY N   H2   sing N N 122 
GLY CA  C    sing N N 123 
GLY CA  HA2  sing N N 124 
GLY CA  HA3  sing N N 125 
GLY C   O    doub N N 126 
GLY C   OXT  sing N N 127 
GLY OXT HXT  sing N N 128 
HIS N   CA   sing N N 129 
HIS N   H    sing N N 130 
HIS N   H2   sing N N 131 
HIS CA  C    sing N N 132 
HIS CA  CB   sing N N 133 
HIS CA  HA   sing N N 134 
HIS C   O    doub N N 135 
HIS C   OXT  sing N N 136 
HIS CB  CG   sing N N 137 
HIS CB  HB2  sing N N 138 
HIS CB  HB3  sing N N 139 
HIS CG  ND1  sing Y N 140 
HIS CG  CD2  doub Y N 141 
HIS ND1 CE1  doub Y N 142 
HIS ND1 HD1  sing N N 143 
HIS CD2 NE2  sing Y N 144 
HIS CD2 HD2  sing N N 145 
HIS CE1 NE2  sing Y N 146 
HIS CE1 HE1  sing N N 147 
HIS NE2 HE2  sing N N 148 
HIS OXT HXT  sing N N 149 
HOH O   H1   sing N N 150 
HOH O   H2   sing N N 151 
ILE N   CA   sing N N 152 
ILE N   H    sing N N 153 
ILE N   H2   sing N N 154 
ILE CA  C    sing N N 155 
ILE CA  CB   sing N N 156 
ILE CA  HA   sing N N 157 
ILE C   O    doub N N 158 
ILE C   OXT  sing N N 159 
ILE CB  CG1  sing N N 160 
ILE CB  CG2  sing N N 161 
ILE CB  HB   sing N N 162 
ILE CG1 CD1  sing N N 163 
ILE CG1 HG12 sing N N 164 
ILE CG1 HG13 sing N N 165 
ILE CG2 HG21 sing N N 166 
ILE CG2 HG22 sing N N 167 
ILE CG2 HG23 sing N N 168 
ILE CD1 HD11 sing N N 169 
ILE CD1 HD12 sing N N 170 
ILE CD1 HD13 sing N N 171 
ILE OXT HXT  sing N N 172 
LEU N   CA   sing N N 173 
LEU N   H    sing N N 174 
LEU N   H2   sing N N 175 
LEU CA  C    sing N N 176 
LEU CA  CB   sing N N 177 
LEU CA  HA   sing N N 178 
LEU C   O    doub N N 179 
LEU C   OXT  sing N N 180 
LEU CB  CG   sing N N 181 
LEU CB  HB2  sing N N 182 
LEU CB  HB3  sing N N 183 
LEU CG  CD1  sing N N 184 
LEU CG  CD2  sing N N 185 
LEU CG  HG   sing N N 186 
LEU CD1 HD11 sing N N 187 
LEU CD1 HD12 sing N N 188 
LEU CD1 HD13 sing N N 189 
LEU CD2 HD21 sing N N 190 
LEU CD2 HD22 sing N N 191 
LEU CD2 HD23 sing N N 192 
LEU OXT HXT  sing N N 193 
LYS N   CA   sing N N 194 
LYS N   H    sing N N 195 
LYS N   H2   sing N N 196 
LYS CA  C    sing N N 197 
LYS CA  CB   sing N N 198 
LYS CA  HA   sing N N 199 
LYS C   O    doub N N 200 
LYS C   OXT  sing N N 201 
LYS CB  CG   sing N N 202 
LYS CB  HB2  sing N N 203 
LYS CB  HB3  sing N N 204 
LYS CG  CD   sing N N 205 
LYS CG  HG2  sing N N 206 
LYS CG  HG3  sing N N 207 
LYS CD  CE   sing N N 208 
LYS CD  HD2  sing N N 209 
LYS CD  HD3  sing N N 210 
LYS CE  NZ   sing N N 211 
LYS CE  HE2  sing N N 212 
LYS CE  HE3  sing N N 213 
LYS NZ  HZ1  sing N N 214 
LYS NZ  HZ2  sing N N 215 
LYS NZ  HZ3  sing N N 216 
LYS OXT HXT  sing N N 217 
MET N   CA   sing N N 218 
MET N   H    sing N N 219 
MET N   H2   sing N N 220 
MET CA  C    sing N N 221 
MET CA  CB   sing N N 222 
MET CA  HA   sing N N 223 
MET C   O    doub N N 224 
MET C   OXT  sing N N 225 
MET CB  CG   sing N N 226 
MET CB  HB2  sing N N 227 
MET CB  HB3  sing N N 228 
MET CG  SD   sing N N 229 
MET CG  HG2  sing N N 230 
MET CG  HG3  sing N N 231 
MET SD  CE   sing N N 232 
MET CE  HE1  sing N N 233 
MET CE  HE2  sing N N 234 
MET CE  HE3  sing N N 235 
MET OXT HXT  sing N N 236 
PHE N   CA   sing N N 237 
PHE N   H    sing N N 238 
PHE N   H2   sing N N 239 
PHE CA  C    sing N N 240 
PHE CA  CB   sing N N 241 
PHE CA  HA   sing N N 242 
PHE C   O    doub N N 243 
PHE C   OXT  sing N N 244 
PHE CB  CG   sing N N 245 
PHE CB  HB2  sing N N 246 
PHE CB  HB3  sing N N 247 
PHE CG  CD1  doub Y N 248 
PHE CG  CD2  sing Y N 249 
PHE CD1 CE1  sing Y N 250 
PHE CD1 HD1  sing N N 251 
PHE CD2 CE2  doub Y N 252 
PHE CD2 HD2  sing N N 253 
PHE CE1 CZ   doub Y N 254 
PHE CE1 HE1  sing N N 255 
PHE CE2 CZ   sing Y N 256 
PHE CE2 HE2  sing N N 257 
PHE CZ  HZ   sing N N 258 
PHE OXT HXT  sing N N 259 
PRO N   CA   sing N N 260 
PRO N   CD   sing N N 261 
PRO N   H    sing N N 262 
PRO CA  C    sing N N 263 
PRO CA  CB   sing N N 264 
PRO CA  HA   sing N N 265 
PRO C   O    doub N N 266 
PRO C   OXT  sing N N 267 
PRO CB  CG   sing N N 268 
PRO CB  HB2  sing N N 269 
PRO CB  HB3  sing N N 270 
PRO CG  CD   sing N N 271 
PRO CG  HG2  sing N N 272 
PRO CG  HG3  sing N N 273 
PRO CD  HD2  sing N N 274 
PRO CD  HD3  sing N N 275 
PRO OXT HXT  sing N N 276 
SER N   CA   sing N N 277 
SER N   H    sing N N 278 
SER N   H2   sing N N 279 
SER CA  C    sing N N 280 
SER CA  CB   sing N N 281 
SER CA  HA   sing N N 282 
SER C   O    doub N N 283 
SER C   OXT  sing N N 284 
SER CB  OG   sing N N 285 
SER CB  HB2  sing N N 286 
SER CB  HB3  sing N N 287 
SER OG  HG   sing N N 288 
SER OXT HXT  sing N N 289 
THR N   CA   sing N N 290 
THR N   H    sing N N 291 
THR N   H2   sing N N 292 
THR CA  C    sing N N 293 
THR CA  CB   sing N N 294 
THR CA  HA   sing N N 295 
THR C   O    doub N N 296 
THR C   OXT  sing N N 297 
THR CB  OG1  sing N N 298 
THR CB  CG2  sing N N 299 
THR CB  HB   sing N N 300 
THR OG1 HG1  sing N N 301 
THR CG2 HG21 sing N N 302 
THR CG2 HG22 sing N N 303 
THR CG2 HG23 sing N N 304 
THR OXT HXT  sing N N 305 
TYR N   CA   sing N N 306 
TYR N   H    sing N N 307 
TYR N   H2   sing N N 308 
TYR CA  C    sing N N 309 
TYR CA  CB   sing N N 310 
TYR CA  HA   sing N N 311 
TYR C   O    doub N N 312 
TYR C   OXT  sing N N 313 
TYR CB  CG   sing N N 314 
TYR CB  HB2  sing N N 315 
TYR CB  HB3  sing N N 316 
TYR CG  CD1  doub Y N 317 
TYR CG  CD2  sing Y N 318 
TYR CD1 CE1  sing Y N 319 
TYR CD1 HD1  sing N N 320 
TYR CD2 CE2  doub Y N 321 
TYR CD2 HD2  sing N N 322 
TYR CE1 CZ   doub Y N 323 
TYR CE1 HE1  sing N N 324 
TYR CE2 CZ   sing Y N 325 
TYR CE2 HE2  sing N N 326 
TYR CZ  OH   sing N N 327 
TYR OH  HH   sing N N 328 
TYR OXT HXT  sing N N 329 
VAL N   CA   sing N N 330 
VAL N   H    sing N N 331 
VAL N   H2   sing N N 332 
VAL CA  C    sing N N 333 
VAL CA  CB   sing N N 334 
VAL CA  HA   sing N N 335 
VAL C   O    doub N N 336 
VAL C   OXT  sing N N 337 
VAL CB  CG1  sing N N 338 
VAL CB  CG2  sing N N 339 
VAL CB  HB   sing N N 340 
VAL CG1 HG11 sing N N 341 
VAL CG1 HG12 sing N N 342 
VAL CG1 HG13 sing N N 343 
VAL CG2 HG21 sing N N 344 
VAL CG2 HG22 sing N N 345 
VAL CG2 HG23 sing N N 346 
VAL OXT HXT  sing N N 347 
# 
_atom_sites.entry_id                    2OUD 
_atom_sites.fract_transf_matrix[1][1]   -0.01187487 
_atom_sites.fract_transf_matrix[1][2]   -0.00383779 
_atom_sites.fract_transf_matrix[1][3]   -0.00020807 
_atom_sites.fract_transf_matrix[2][1]   -0.00275343 
_atom_sites.fract_transf_matrix[2][2]   -0.01191277 
_atom_sites.fract_transf_matrix[2][3]   0.00250598 
_atom_sites.fract_transf_matrix[3][1]   -0.00114786 
_atom_sites.fract_transf_matrix[3][2]   0.00287826 
_atom_sites.fract_transf_matrix[3][3]   0.01242132 
_atom_sites.fract_transf_vector[1]      0.820144 
_atom_sites.fract_transf_vector[2]      0.466789 
_atom_sites.fract_transf_vector[3]      0.469647 
# 
loop_
_atom_type.symbol 
C  
CL 
N  
O  
S  
# 
loop_
_atom_site.group_PDB 
_atom_site.id 
_atom_site.type_symbol 
_atom_site.label_atom_id 
_atom_site.label_alt_id 
_atom_site.label_comp_id 
_atom_site.label_asym_id 
_atom_site.label_entity_id 
_atom_site.label_seq_id 
_atom_site.pdbx_PDB_ins_code 
_atom_site.Cartn_x 
_atom_site.Cartn_y 
_atom_site.Cartn_z 
_atom_site.occupancy 
_atom_site.B_iso_or_equiv 
_atom_site.pdbx_formal_charge 
_atom_site.auth_seq_id 
_atom_site.auth_comp_id 
_atom_site.auth_asym_id 
_atom_site.auth_atom_id 
_atom_site.pdbx_PDB_model_num 
ATOM   1    N  N   . PRO A 1 1   ? 11.264  -16.301 -8.345  1.00 129.07 ? 315 PRO A N   1 
ATOM   2    C  CA  . PRO A 1 1   ? 11.679  -17.055 -7.139  1.00 128.79 ? 315 PRO A CA  1 
ATOM   3    C  C   . PRO A 1 1   ? 12.782  -16.344 -6.354  1.00 128.42 ? 315 PRO A C   1 
ATOM   4    O  O   . PRO A 1 1   ? 12.820  -15.112 -6.296  1.00 128.15 ? 315 PRO A O   1 
ATOM   5    C  CB  . PRO A 1 1   ? 12.143  -18.425 -7.618  1.00 129.11 ? 315 PRO A CB  1 
ATOM   6    C  CG  . PRO A 1 1   ? 11.311  -18.589 -8.894  1.00 129.31 ? 315 PRO A CG  1 
ATOM   7    C  CD  . PRO A 1 1   ? 11.294  -17.184 -9.526  1.00 129.32 ? 315 PRO A CD  1 
ATOM   8    N  N   . ASP A 1 2   ? 13.681  -17.126 -5.759  1.00 128.08 ? 316 ASP A N   1 
ATOM   9    C  CA  . ASP A 1 2   ? 14.781  -16.585 -4.961  1.00 127.01 ? 316 ASP A CA  1 
ATOM   10   C  C   . ASP A 1 2   ? 14.236  -15.862 -3.738  1.00 125.56 ? 316 ASP A C   1 
ATOM   11   O  O   . ASP A 1 2   ? 13.381  -16.393 -3.026  1.00 124.70 ? 316 ASP A O   1 
ATOM   12   C  CB  . ASP A 1 2   ? 15.641  -15.623 -5.793  1.00 128.63 ? 316 ASP A CB  1 
ATOM   13   C  CG  . ASP A 1 2   ? 16.900  -16.282 -6.341  1.00 130.06 ? 316 ASP A CG  1 
ATOM   14   O  OD1 . ASP A 1 2   ? 17.668  -15.603 -7.059  1.00 130.83 ? 316 ASP A OD1 1 
ATOM   15   O  OD2 . ASP A 1 2   ? 17.125  -17.478 -6.051  1.00 130.86 ? 316 ASP A OD2 1 
ATOM   16   N  N   . ILE A 1 3   ? 14.730  -14.651 -3.498  1.00 124.30 ? 317 ILE A N   1 
ATOM   17   C  CA  . ILE A 1 3   ? 14.284  -13.859 -2.357  1.00 122.42 ? 317 ILE A CA  1 
ATOM   18   C  C   . ILE A 1 3   ? 12.801  -13.513 -2.474  1.00 120.75 ? 317 ILE A C   1 
ATOM   19   O  O   . ILE A 1 3   ? 12.240  -12.848 -1.603  1.00 120.66 ? 317 ILE A O   1 
ATOM   20   C  CB  . ILE A 1 3   ? 15.115  -12.552 -2.209  1.00 122.45 ? 317 ILE A CB  1 
ATOM   21   C  CG1 . ILE A 1 3   ? 15.206  -11.828 -3.556  1.00 123.01 ? 317 ILE A CG1 1 
ATOM   22   C  CG2 . ILE A 1 3   ? 16.501  -12.874 -1.660  1.00 121.44 ? 317 ILE A CG2 1 
ATOM   23   C  CD1 . ILE A 1 3   ? 15.980  -10.519 -3.506  1.00 122.99 ? 317 ILE A CD1 1 
ATOM   24   N  N   . GLU A 1 4   ? 12.169  -13.969 -3.553  1.00 118.59 ? 318 GLU A N   1 
ATOM   25   C  CA  . GLU A 1 4   ? 10.750  -13.719 -3.755  1.00 115.73 ? 318 GLU A CA  1 
ATOM   26   C  C   . GLU A 1 4   ? 9.897   -14.883 -3.271  1.00 114.19 ? 318 GLU A C   1 
ATOM   27   O  O   . GLU A 1 4   ? 9.579   -15.832 -3.995  1.00 113.53 ? 318 GLU A O   1 
ATOM   28   C  CB  . GLU A 1 4   ? 10.470  -13.399 -5.212  1.00 115.66 ? 318 GLU A CB  1 
ATOM   29   C  CG  . GLU A 1 4   ? 11.043  -12.067 -5.603  1.00 116.08 ? 318 GLU A CG  1 
ATOM   30   C  CD  . GLU A 1 4   ? 10.294  -11.440 -6.744  1.00 116.85 ? 318 GLU A CD  1 
ATOM   31   O  OE1 . GLU A 1 4   ? 9.046   -11.479 -6.709  1.00 117.51 ? 318 GLU A OE1 1 
ATOM   32   O  OE2 . GLU A 1 4   ? 10.946  -10.901 -7.664  1.00 117.40 ? 318 GLU A OE2 1 
ATOM   33   N  N   . ASN A 1 5   ? 9.558   -14.760 -1.998  1.00 112.13 ? 319 ASN A N   1 
ATOM   34   C  CA  . ASN A 1 5   ? 8.760   -15.686 -1.216  1.00 109.28 ? 319 ASN A CA  1 
ATOM   35   C  C   . ASN A 1 5   ? 8.958   -15.006 0.139   1.00 106.65 ? 319 ASN A C   1 
ATOM   36   O  O   . ASN A 1 5   ? 9.033   -15.642 1.193   1.00 106.69 ? 319 ASN A O   1 
ATOM   37   C  CB  . ASN A 1 5   ? 9.369   -17.095 -1.230  1.00 110.68 ? 319 ASN A CB  1 
ATOM   38   C  CG  . ASN A 1 5   ? 10.780  -17.146 -0.644  1.00 112.46 ? 319 ASN A CG  1 
ATOM   39   O  OD1 . ASN A 1 5   ? 11.368  -18.222 -0.518  1.00 113.22 ? 319 ASN A OD1 1 
ATOM   40   N  ND2 . ASN A 1 5   ? 11.327  -15.989 -0.288  1.00 112.52 ? 319 ASN A ND2 1 
ATOM   41   N  N   . ALA A 1 6   ? 9.086   -13.682 0.053   1.00 102.09 ? 320 ALA A N   1 
ATOM   42   C  CA  . ALA A 1 6   ? 9.299   -12.808 1.189   1.00 97.20  ? 320 ALA A CA  1 
ATOM   43   C  C   . ALA A 1 6   ? 8.137   -12.872 2.154   1.00 94.64  ? 320 ALA A C   1 
ATOM   44   O  O   . ALA A 1 6   ? 7.103   -13.464 1.863   1.00 94.62  ? 320 ALA A O   1 
ATOM   45   C  CB  . ALA A 1 6   ? 9.498   -11.383 0.711   1.00 96.89  ? 320 ALA A CB  1 
ATOM   46   N  N   . GLU A 1 7   ? 8.318   -12.245 3.307   1.00 91.66  ? 321 GLU A N   1 
ATOM   47   C  CA  . GLU A 1 7   ? 7.300   -12.230 4.342   1.00 89.10  ? 321 GLU A CA  1 
ATOM   48   C  C   . GLU A 1 7   ? 6.423   -10.993 4.251   1.00 85.09  ? 321 GLU A C   1 
ATOM   49   O  O   . GLU A 1 7   ? 6.849   -9.946  3.774   1.00 84.87  ? 321 GLU A O   1 
ATOM   50   C  CB  . GLU A 1 7   ? 7.962   -12.302 5.730   1.00 92.46  ? 321 GLU A CB  1 
ATOM   51   C  CG  . GLU A 1 7   ? 9.048   -11.246 5.998   1.00 96.04  ? 321 GLU A CG  1 
ATOM   52   C  CD  . GLU A 1 7   ? 10.342  -11.482 5.211   1.00 98.38  ? 321 GLU A CD  1 
ATOM   53   O  OE1 . GLU A 1 7   ? 11.237  -10.605 5.243   1.00 99.42  ? 321 GLU A OE1 1 
ATOM   54   O  OE2 . GLU A 1 7   ? 10.471  -12.544 4.564   1.00 99.43  ? 321 GLU A OE2 1 
ATOM   55   N  N   . LEU A 1 8   ? 5.184   -11.122 4.702   1.00 80.64  ? 322 LEU A N   1 
ATOM   56   C  CA  . LEU A 1 8   ? 4.270   -9.997  4.685   1.00 76.44  ? 322 LEU A CA  1 
ATOM   57   C  C   . LEU A 1 8   ? 4.983   -8.819  5.335   1.00 74.72  ? 322 LEU A C   1 
ATOM   58   O  O   . LEU A 1 8   ? 5.507   -8.946  6.442   1.00 75.48  ? 322 LEU A O   1 
ATOM   59   C  CB  . LEU A 1 8   ? 3.016   -10.340 5.480   1.00 75.14  ? 322 LEU A CB  1 
ATOM   60   C  CG  . LEU A 1 8   ? 2.118   -9.156  5.825   1.00 74.26  ? 322 LEU A CG  1 
ATOM   61   C  CD1 . LEU A 1 8   ? 1.582   -8.531  4.548   1.00 74.26  ? 322 LEU A CD1 1 
ATOM   62   C  CD2 . LEU A 1 8   ? 0.989   -9.619  6.715   1.00 72.11  ? 322 LEU A CD2 1 
ATOM   63   N  N   . THR A 1 9   ? 5.001   -7.677  4.651   1.00 71.39  ? 323 THR A N   1 
ATOM   64   C  CA  . THR A 1 9   ? 5.660   -6.478  5.168   1.00 67.06  ? 323 THR A CA  1 
ATOM   65   C  C   . THR A 1 9   ? 4.737   -5.494  5.886   1.00 67.05  ? 323 THR A C   1 
ATOM   66   O  O   . THR A 1 9   ? 3.668   -5.144  5.384   1.00 66.67  ? 323 THR A O   1 
ATOM   67   C  CB  . THR A 1 9   ? 6.348   -5.689  4.052   1.00 64.27  ? 323 THR A CB  1 
ATOM   68   O  OG1 . THR A 1 9   ? 7.220   -6.550  3.311   1.00 63.04  ? 323 THR A OG1 1 
ATOM   69   C  CG2 . THR A 1 9   ? 7.148   -4.542  4.644   1.00 62.73  ? 323 THR A CG2 1 
ATOM   70   N  N   . PRO A 1 10  ? 5.136   -5.047  7.085   1.00 66.74  ? 324 PRO A N   1 
ATOM   71   C  CA  . PRO A 1 10  ? 4.315   -4.090  7.831   1.00 65.70  ? 324 PRO A CA  1 
ATOM   72   C  C   . PRO A 1 10  ? 4.817   -2.703  7.455   1.00 65.36  ? 324 PRO A C   1 
ATOM   73   O  O   . PRO A 1 10  ? 5.946   -2.345  7.784   1.00 67.58  ? 324 PRO A O   1 
ATOM   74   C  CB  . PRO A 1 10  ? 4.629   -4.408  9.294   1.00 64.93  ? 324 PRO A CB  1 
ATOM   75   C  CG  . PRO A 1 10  ? 5.329   -5.745  9.253   1.00 65.87  ? 324 PRO A CG  1 
ATOM   76   C  CD  . PRO A 1 10  ? 6.104   -5.695  7.980   1.00 66.57  ? 324 PRO A CD  1 
ATOM   77   N  N   . ILE A 1 11  ? 4.006   -1.930  6.745   1.00 63.40  ? 325 ILE A N   1 
ATOM   78   C  CA  . ILE A 1 11  ? 4.425   -0.594  6.364   1.00 61.00  ? 325 ILE A CA  1 
ATOM   79   C  C   . ILE A 1 11  ? 4.101   0.333   7.525   1.00 61.37  ? 325 ILE A C   1 
ATOM   80   O  O   . ILE A 1 11  ? 4.936   1.134   7.959   1.00 62.94  ? 325 ILE A O   1 
ATOM   81   C  CB  . ILE A 1 11  ? 3.697   -0.132  5.102   1.00 59.18  ? 325 ILE A CB  1 
ATOM   82   C  CG1 . ILE A 1 11  ? 3.942   -1.141  3.978   1.00 57.12  ? 325 ILE A CG1 1 
ATOM   83   C  CG2 . ILE A 1 11  ? 4.179   1.247   4.694   1.00 58.82  ? 325 ILE A CG2 1 
ATOM   84   C  CD1 . ILE A 1 11  ? 5.378   -1.328  3.608   1.00 53.81  ? 325 ILE A CD1 1 
ATOM   85   N  N   . LEU A 1 12  ? 2.882   0.210   8.030   1.00 60.06  ? 326 LEU A N   1 
ATOM   86   C  CA  . LEU A 1 12  ? 2.430   1.002   9.161   1.00 60.39  ? 326 LEU A CA  1 
ATOM   87   C  C   . LEU A 1 12  ? 1.742   0.024   10.085  1.00 61.96  ? 326 LEU A C   1 
ATOM   88   O  O   . LEU A 1 12  ? 1.441   -1.097  9.690   1.00 62.88  ? 326 LEU A O   1 
ATOM   89   C  CB  . LEU A 1 12  ? 1.445   2.083   8.713   1.00 58.45  ? 326 LEU A CB  1 
ATOM   90   C  CG  . LEU A 1 12  ? 2.020   3.174   7.806   1.00 57.01  ? 326 LEU A CG  1 
ATOM   91   C  CD1 . LEU A 1 12  ? 0.913   4.079   7.295   1.00 54.32  ? 326 LEU A CD1 1 
ATOM   92   C  CD2 . LEU A 1 12  ? 3.051   3.962   8.575   1.00 55.66  ? 326 LEU A CD2 1 
ATOM   93   N  N   . PRO A 1 13  ? 1.499   0.422   11.339  1.00 63.77  ? 327 PRO A N   1 
ATOM   94   C  CA  . PRO A 1 13  ? 0.836   -0.481  12.281  1.00 64.42  ? 327 PRO A CA  1 
ATOM   95   C  C   . PRO A 1 13  ? -0.437  -1.134  11.717  1.00 64.89  ? 327 PRO A C   1 
ATOM   96   O  O   . PRO A 1 13  ? -0.720  -2.301  11.992  1.00 65.44  ? 327 PRO A O   1 
ATOM   97   C  CB  . PRO A 1 13  ? 0.544   0.434   13.466  1.00 63.19  ? 327 PRO A CB  1 
ATOM   98   C  CG  . PRO A 1 13  ? 1.707   1.340   13.457  1.00 62.19  ? 327 PRO A CG  1 
ATOM   99   C  CD  . PRO A 1 13  ? 1.836   1.696   11.997  1.00 63.67  ? 327 PRO A CD  1 
ATOM   100  N  N   . PHE A 1 14  ? -1.187  -0.380  10.919  1.00 64.06  ? 328 PHE A N   1 
ATOM   101  C  CA  . PHE A 1 14  ? -2.438  -0.867  10.351  1.00 64.04  ? 328 PHE A CA  1 
ATOM   102  C  C   . PHE A 1 14  ? -2.341  -1.128  8.855   1.00 63.13  ? 328 PHE A C   1 
ATOM   103  O  O   . PHE A 1 14  ? -3.361  -1.308  8.194   1.00 62.63  ? 328 PHE A O   1 
ATOM   104  C  CB  . PHE A 1 14  ? -3.526  0.174   10.573  1.00 65.82  ? 328 PHE A CB  1 
ATOM   105  C  CG  . PHE A 1 14  ? -3.303  1.445   9.792   1.00 67.71  ? 328 PHE A CG  1 
ATOM   106  C  CD1 . PHE A 1 14  ? -4.128  1.776   8.722   1.00 68.11  ? 328 PHE A CD1 1 
ATOM   107  C  CD2 . PHE A 1 14  ? -2.240  2.294   10.107  1.00 67.64  ? 328 PHE A CD2 1 
ATOM   108  C  CE1 . PHE A 1 14  ? -3.897  2.938   7.975   1.00 69.65  ? 328 PHE A CE1 1 
ATOM   109  C  CE2 . PHE A 1 14  ? -2.002  3.456   9.369   1.00 67.64  ? 328 PHE A CE2 1 
ATOM   110  C  CZ  . PHE A 1 14  ? -2.830  3.778   8.302   1.00 67.84  ? 328 PHE A CZ  1 
ATOM   111  N  N   . LEU A 1 15  ? -1.128  -1.142  8.319   1.00 61.37  ? 329 LEU A N   1 
ATOM   112  C  CA  . LEU A 1 15  ? -0.958  -1.340  6.888   1.00 59.03  ? 329 LEU A CA  1 
ATOM   113  C  C   . LEU A 1 15  ? 0.099   -2.372  6.555   1.00 57.98  ? 329 LEU A C   1 
ATOM   114  O  O   . LEU A 1 15  ? 1.258   -2.209  6.909   1.00 59.44  ? 329 LEU A O   1 
ATOM   115  C  CB  . LEU A 1 15  ? -0.602  -0.003  6.237   1.00 58.26  ? 329 LEU A CB  1 
ATOM   116  C  CG  . LEU A 1 15  ? -0.515  0.046   4.713   1.00 59.05  ? 329 LEU A CG  1 
ATOM   117  C  CD1 . LEU A 1 15  ? -1.817  -0.475  4.110   1.00 58.36  ? 329 LEU A CD1 1 
ATOM   118  C  CD2 . LEU A 1 15  ? -0.243  1.475   4.269   1.00 57.67  ? 329 LEU A CD2 1 
ATOM   119  N  N   . PHE A 1 16  ? -0.304  -3.431  5.862   1.00 57.24  ? 330 PHE A N   1 
ATOM   120  C  CA  . PHE A 1 16  ? 0.614   -4.496  5.478   1.00 55.89  ? 330 PHE A CA  1 
ATOM   121  C  C   . PHE A 1 16  ? 0.653   -4.687  3.961   1.00 56.84  ? 330 PHE A C   1 
ATOM   122  O  O   . PHE A 1 16  ? -0.382  -4.641  3.293   1.00 57.12  ? 330 PHE A O   1 
ATOM   123  C  CB  . PHE A 1 16  ? 0.200   -5.809  6.147   1.00 54.40  ? 330 PHE A CB  1 
ATOM   124  C  CG  . PHE A 1 16  ? 0.108   -5.719  7.632   1.00 54.13  ? 330 PHE A CG  1 
ATOM   125  C  CD1 . PHE A 1 16  ? -0.986  -5.105  8.236   1.00 54.91  ? 330 PHE A CD1 1 
ATOM   126  C  CD2 . PHE A 1 16  ? 1.160   -6.160  8.432   1.00 54.21  ? 330 PHE A CD2 1 
ATOM   127  C  CE1 . PHE A 1 16  ? -1.033  -4.922  9.617   1.00 54.25  ? 330 PHE A CE1 1 
ATOM   128  C  CE2 . PHE A 1 16  ? 1.128   -5.984  9.810   1.00 52.67  ? 330 PHE A CE2 1 
ATOM   129  C  CZ  . PHE A 1 16  ? 0.027   -5.360  10.405  1.00 53.56  ? 330 PHE A CZ  1 
ATOM   130  N  N   . LEU A 1 17  ? 1.854   -4.916  3.430   1.00 55.51  ? 331 LEU A N   1 
ATOM   131  C  CA  . LEU A 1 17  ? 2.054   -5.130  2.003   1.00 53.73  ? 331 LEU A CA  1 
ATOM   132  C  C   . LEU A 1 17  ? 2.559   -6.549  1.741   1.00 55.97  ? 331 LEU A C   1 
ATOM   133  O  O   . LEU A 1 17  ? 3.597   -6.951  2.253   1.00 57.04  ? 331 LEU A O   1 
ATOM   134  C  CB  . LEU A 1 17  ? 3.067   -4.114  1.470   1.00 50.27  ? 331 LEU A CB  1 
ATOM   135  C  CG  . LEU A 1 17  ? 3.575   -4.304  0.042   1.00 48.84  ? 331 LEU A CG  1 
ATOM   136  C  CD1 . LEU A 1 17  ? 2.398   -4.323  -0.916  1.00 45.62  ? 331 LEU A CD1 1 
ATOM   137  C  CD2 . LEU A 1 17  ? 4.553   -3.198  -0.307  1.00 45.79  ? 331 LEU A CD2 1 
ATOM   138  N  N   . GLY A 1 18  ? 1.834   -7.312  0.933   1.00 57.88  ? 332 GLY A N   1 
ATOM   139  C  CA  . GLY A 1 18  ? 2.269   -8.668  0.650   1.00 59.90  ? 332 GLY A CA  1 
ATOM   140  C  C   . GLY A 1 18  ? 1.986   -9.173  -0.754  1.00 62.33  ? 332 GLY A C   1 
ATOM   141  O  O   . GLY A 1 18  ? 1.649   -8.409  -1.659  1.00 61.97  ? 332 GLY A O   1 
ATOM   142  N  N   . ASN A 1 19  ? 2.129   -10.484 -0.925  1.00 63.98  ? 333 ASN A N   1 
ATOM   143  C  CA  . ASN A 1 19  ? 1.902   -11.139 -2.205  1.00 65.31  ? 333 ASN A CA  1 
ATOM   144  C  C   . ASN A 1 19  ? 0.654   -12.020 -2.134  1.00 66.80  ? 333 ASN A C   1 
ATOM   145  O  O   . ASN A 1 19  ? -0.095  -11.972 -1.150  1.00 64.53  ? 333 ASN A O   1 
ATOM   146  C  CB  . ASN A 1 19  ? 3.126   -11.981 -2.576  1.00 65.94  ? 333 ASN A CB  1 
ATOM   147  C  CG  . ASN A 1 19  ? 3.501   -12.982 -1.487  1.00 65.94  ? 333 ASN A CG  1 
ATOM   148  O  OD1 . ASN A 1 19  ? 4.605   -13.523 -1.487  1.00 66.78  ? 333 ASN A OD1 1 
ATOM   149  N  ND2 . ASN A 1 19  ? 2.581   -13.236 -0.563  1.00 64.60  ? 333 ASN A ND2 1 
ATOM   150  N  N   . GLU A 1 20  ? 0.441   -12.828 -3.171  1.00 69.04  ? 334 GLU A N   1 
ATOM   151  C  CA  . GLU A 1 20  ? -0.725  -13.703 -3.219  1.00 71.53  ? 334 GLU A CA  1 
ATOM   152  C  C   . GLU A 1 20  ? -0.711  -14.773 -2.143  1.00 72.19  ? 334 GLU A C   1 
ATOM   153  O  O   . GLU A 1 20  ? -1.739  -15.385 -1.858  1.00 74.04  ? 334 GLU A O   1 
ATOM   154  C  CB  . GLU A 1 20  ? -0.852  -14.360 -4.592  1.00 72.45  ? 334 GLU A CB  1 
ATOM   155  C  CG  . GLU A 1 20  ? 0.396   -15.039 -5.079  1.00 76.20  ? 334 GLU A CG  1 
ATOM   156  C  CD  . GLU A 1 20  ? 0.166   -15.808 -6.370  1.00 79.30  ? 334 GLU A CD  1 
ATOM   157  O  OE1 . GLU A 1 20  ? 1.155   -16.328 -6.936  1.00 81.32  ? 334 GLU A OE1 1 
ATOM   158  O  OE2 . GLU A 1 20  ? -1.001  -15.902 -6.817  1.00 79.73  ? 334 GLU A OE2 1 
ATOM   159  N  N   . GLN A 1 21  ? 0.452   -14.995 -1.541  1.00 72.15  ? 335 GLN A N   1 
ATOM   160  C  CA  . GLN A 1 21  ? 0.588   -15.989 -0.486  1.00 70.81  ? 335 GLN A CA  1 
ATOM   161  C  C   . GLN A 1 21  ? -0.037  -15.413 0.770   1.00 69.72  ? 335 GLN A C   1 
ATOM   162  O  O   . GLN A 1 21  ? -0.946  -15.993 1.360   1.00 69.27  ? 335 GLN A O   1 
ATOM   163  C  CB  . GLN A 1 21  ? 2.058   -16.265 -0.208  1.00 73.09  ? 335 GLN A CB  1 
ATOM   164  C  CG  . GLN A 1 21  ? 2.968   -16.060 -1.405  1.00 78.12  ? 335 GLN A CG  1 
ATOM   165  C  CD  . GLN A 1 21  ? 2.949   -17.223 -2.365  1.00 79.54  ? 335 GLN A CD  1 
ATOM   166  O  OE1 . GLN A 1 21  ? 3.285   -18.346 -1.993  1.00 81.24  ? 335 GLN A OE1 1 
ATOM   167  N  NE2 . GLN A 1 21  ? 2.559   -16.963 -3.611  1.00 81.15  ? 335 GLN A NE2 1 
ATOM   168  N  N   . ASP A 1 22  ? 0.468   -14.253 1.169   1.00 68.98  ? 336 ASP A N   1 
ATOM   169  C  CA  . ASP A 1 22  ? -0.003  -13.580 2.364   1.00 67.72  ? 336 ASP A CA  1 
ATOM   170  C  C   . ASP A 1 22  ? -1.497  -13.348 2.259   1.00 68.20  ? 336 ASP A C   1 
ATOM   171  O  O   . ASP A 1 22  ? -2.200  -13.272 3.268   1.00 69.07  ? 336 ASP A O   1 
ATOM   172  C  CB  . ASP A 1 22  ? 0.734   -12.252 2.525   1.00 67.12  ? 336 ASP A CB  1 
ATOM   173  C  CG  . ASP A 1 22  ? 2.237   -12.418 2.473   1.00 66.02  ? 336 ASP A CG  1 
ATOM   174  O  OD1 . ASP A 1 22  ? 2.792   -13.117 3.340   1.00 65.77  ? 336 ASP A OD1 1 
ATOM   175  O  OD2 . ASP A 1 22  ? 2.868   -11.856 1.559   1.00 66.79  ? 336 ASP A OD2 1 
ATOM   176  N  N   . ALA A 1 23  ? -1.976  -13.239 1.024   1.00 68.75  ? 337 ALA A N   1 
ATOM   177  C  CA  . ALA A 1 23  ? -3.394  -13.017 0.765   1.00 68.47  ? 337 ALA A CA  1 
ATOM   178  C  C   . ALA A 1 23  ? -4.184  -14.256 1.152   1.00 68.70  ? 337 ALA A C   1 
ATOM   179  O  O   . ALA A 1 23  ? -5.359  -14.165 1.492   1.00 68.15  ? 337 ALA A O   1 
ATOM   180  C  CB  . ALA A 1 23  ? -3.610  -12.702 -0.706  1.00 67.90  ? 337 ALA A CB  1 
ATOM   181  N  N   . GLN A 1 24  ? -3.519  -15.409 1.103   1.00 69.72  ? 338 GLN A N   1 
ATOM   182  C  CA  . GLN A 1 24  ? -4.137  -16.686 1.440   1.00 70.04  ? 338 GLN A CA  1 
ATOM   183  C  C   . GLN A 1 24  ? -3.905  -17.112 2.887   1.00 71.22  ? 338 GLN A C   1 
ATOM   184  O  O   . GLN A 1 24  ? -4.711  -17.838 3.452   1.00 72.45  ? 338 GLN A O   1 
ATOM   185  C  CB  . GLN A 1 24  ? -3.622  -17.771 0.500   1.00 68.72  ? 338 GLN A CB  1 
ATOM   186  C  CG  . GLN A 1 24  ? -3.787  -17.414 -0.961  1.00 69.54  ? 338 GLN A CG  1 
ATOM   187  C  CD  . GLN A 1 24  ? -3.525  -18.579 -1.886  1.00 69.98  ? 338 GLN A CD  1 
ATOM   188  O  OE1 . GLN A 1 24  ? -4.180  -19.620 -1.787  1.00 71.95  ? 338 GLN A OE1 1 
ATOM   189  N  NE2 . GLN A 1 24  ? -2.571  -18.413 -2.796  1.00 67.08  ? 338 GLN A NE2 1 
ATOM   190  N  N   . ASP A 1 25  ? -2.806  -16.660 3.483   1.00 72.83  ? 339 ASP A N   1 
ATOM   191  C  CA  . ASP A 1 25  ? -2.482  -17.005 4.869   1.00 73.98  ? 339 ASP A CA  1 
ATOM   192  C  C   . ASP A 1 25  ? -3.523  -16.460 5.852   1.00 73.60  ? 339 ASP A C   1 
ATOM   193  O  O   . ASP A 1 25  ? -3.351  -15.385 6.430   1.00 73.13  ? 339 ASP A O   1 
ATOM   194  C  CB  . ASP A 1 25  ? -1.101  -16.456 5.232   1.00 77.46  ? 339 ASP A CB  1 
ATOM   195  C  CG  . ASP A 1 25  ? -0.631  -16.910 6.601   1.00 80.27  ? 339 ASP A CG  1 
ATOM   196  O  OD1 . ASP A 1 25  ? -1.426  -16.860 7.569   1.00 82.28  ? 339 ASP A OD1 1 
ATOM   197  O  OD2 . ASP A 1 25  ? 0.547   -17.308 6.711   1.00 82.89  ? 339 ASP A OD2 1 
ATOM   198  N  N   . LEU A 1 26  ? -4.590  -17.223 6.052   1.00 73.96  ? 340 LEU A N   1 
ATOM   199  C  CA  . LEU A 1 26  ? -5.674  -16.830 6.945   1.00 74.18  ? 340 LEU A CA  1 
ATOM   200  C  C   . LEU A 1 26  ? -5.230  -16.691 8.401   1.00 74.92  ? 340 LEU A C   1 
ATOM   201  O  O   . LEU A 1 26  ? -5.763  -15.871 9.146   1.00 74.82  ? 340 LEU A O   1 
ATOM   202  C  CB  . LEU A 1 26  ? -6.808  -17.848 6.840   1.00 72.43  ? 340 LEU A CB  1 
ATOM   203  C  CG  . LEU A 1 26  ? -8.229  -17.389 7.157   1.00 71.80  ? 340 LEU A CG  1 
ATOM   204  C  CD1 . LEU A 1 26  ? -9.173  -18.541 6.890   1.00 72.99  ? 340 LEU A CD1 1 
ATOM   205  C  CD2 . LEU A 1 26  ? -8.349  -16.937 8.590   1.00 70.69  ? 340 LEU A CD2 1 
ATOM   206  N  N   . ASP A 1 27  ? -4.253  -17.489 8.812   1.00 76.67  ? 341 ASP A N   1 
ATOM   207  C  CA  . ASP A 1 27  ? -3.776  -17.424 10.190  1.00 78.63  ? 341 ASP A CA  1 
ATOM   208  C  C   . ASP A 1 27  ? -3.125  -16.084 10.526  1.00 77.70  ? 341 ASP A C   1 
ATOM   209  O  O   . ASP A 1 27  ? -3.528  -15.410 11.481  1.00 76.61  ? 341 ASP A O   1 
ATOM   210  C  CB  . ASP A 1 27  ? -2.793  -18.560 10.457  1.00 82.15  ? 341 ASP A CB  1 
ATOM   211  C  CG  . ASP A 1 27  ? -3.440  -19.924 10.322  1.00 84.97  ? 341 ASP A CG  1 
ATOM   212  O  OD1 . ASP A 1 27  ? -4.506  -20.136 10.946  1.00 85.47  ? 341 ASP A OD1 1 
ATOM   213  O  OD2 . ASP A 1 27  ? -2.882  -20.777 9.598   1.00 85.97  ? 341 ASP A OD2 1 
ATOM   214  N  N   . THR A 1 28  ? -2.120  -15.711 9.735   1.00 75.95  ? 342 THR A N   1 
ATOM   215  C  CA  . THR A 1 28  ? -1.404  -14.452 9.918   1.00 74.59  ? 342 THR A CA  1 
ATOM   216  C  C   . THR A 1 28  ? -2.376  -13.278 9.888   1.00 75.12  ? 342 THR A C   1 
ATOM   217  O  O   . THR A 1 28  ? -2.311  -12.371 10.720  1.00 74.27  ? 342 THR A O   1 
ATOM   218  C  CB  . THR A 1 28  ? -0.380  -14.227 8.796   1.00 73.65  ? 342 THR A CB  1 
ATOM   219  O  OG1 . THR A 1 28  ? 0.405   -15.407 8.620   1.00 73.29  ? 342 THR A OG1 1 
ATOM   220  C  CG2 . THR A 1 28  ? 0.540   -13.062 9.137   1.00 73.53  ? 342 THR A CG2 1 
ATOM   221  N  N   . MET A 1 29  ? -3.278  -13.300 8.914   1.00 75.25  ? 343 MET A N   1 
ATOM   222  C  CA  . MET A 1 29  ? -4.249  -12.233 8.766   1.00 76.36  ? 343 MET A CA  1 
ATOM   223  C  C   . MET A 1 29  ? -5.060  -12.023 10.044  1.00 76.78  ? 343 MET A C   1 
ATOM   224  O  O   . MET A 1 29  ? -5.143  -10.901 10.558  1.00 76.04  ? 343 MET A O   1 
ATOM   225  C  CB  . MET A 1 29  ? -5.159  -12.528 7.567   1.00 77.36  ? 343 MET A CB  1 
ATOM   226  C  CG  . MET A 1 29  ? -4.418  -12.471 6.221   1.00 79.79  ? 343 MET A CG  1 
ATOM   227  S  SD  . MET A 1 29  ? -5.426  -12.885 4.765   1.00 82.25  ? 343 MET A SD  1 
ATOM   228  C  CE  . MET A 1 29  ? -6.760  -11.695 4.960   1.00 81.43  ? 343 MET A CE  1 
ATOM   229  N  N   . GLN A 1 30  ? -5.646  -13.096 10.567  1.00 77.71  ? 344 GLN A N   1 
ATOM   230  C  CA  . GLN A 1 30  ? -6.436  -12.989 11.789  1.00 78.81  ? 344 GLN A CA  1 
ATOM   231  C  C   . GLN A 1 30  ? -5.551  -12.612 12.971  1.00 78.42  ? 344 GLN A C   1 
ATOM   232  O  O   . GLN A 1 30  ? -5.977  -11.879 13.868  1.00 78.37  ? 344 GLN A O   1 
ATOM   233  C  CB  . GLN A 1 30  ? -7.166  -14.298 12.071  1.00 79.35  ? 344 GLN A CB  1 
ATOM   234  C  CG  . GLN A 1 30  ? -8.310  -14.553 11.116  1.00 81.47  ? 344 GLN A CG  1 
ATOM   235  C  CD  . GLN A 1 30  ? -9.128  -15.770 11.491  1.00 83.39  ? 344 GLN A CD  1 
ATOM   236  O  OE1 . GLN A 1 30  ? -8.603  -16.885 11.573  1.00 83.95  ? 344 GLN A OE1 1 
ATOM   237  N  NE2 . GLN A 1 30  ? -10.426 -15.566 11.719  1.00 83.25  ? 344 GLN A NE2 1 
ATOM   238  N  N   . ARG A 1 31  ? -4.320  -13.118 12.958  1.00 77.12  ? 345 ARG A N   1 
ATOM   239  C  CA  . ARG A 1 31  ? -3.346  -12.827 14.003  1.00 75.15  ? 345 ARG A CA  1 
ATOM   240  C  C   . ARG A 1 31  ? -3.055  -11.331 14.015  1.00 73.80  ? 345 ARG A C   1 
ATOM   241  O  O   . ARG A 1 31  ? -3.089  -10.694 15.068  1.00 72.90  ? 345 ARG A O   1 
ATOM   242  C  CB  . ARG A 1 31  ? -2.048  -13.592 13.736  1.00 76.45  ? 345 ARG A CB  1 
ATOM   243  C  CG  . ARG A 1 31  ? -0.998  -13.454 14.825  1.00 77.74  ? 345 ARG A CG  1 
ATOM   244  C  CD  . ARG A 1 31  ? 0.302   -14.110 14.404  1.00 79.03  ? 345 ARG A CD  1 
ATOM   245  N  NE  . ARG A 1 31  ? 1.076   -13.250 13.515  1.00 82.64  ? 345 ARG A NE  1 
ATOM   246  C  CZ  . ARG A 1 31  ? 1.980   -13.693 12.644  1.00 85.13  ? 345 ARG A CZ  1 
ATOM   247  N  NH1 . ARG A 1 31  ? 2.226   -14.996 12.541  1.00 84.80  ? 345 ARG A NH1 1 
ATOM   248  N  NH2 . ARG A 1 31  ? 2.640   -12.831 11.872  1.00 85.67  ? 345 ARG A NH2 1 
ATOM   249  N  N   . LEU A 1 32  ? -2.779  -10.784 12.829  1.00 72.11  ? 346 LEU A N   1 
ATOM   250  C  CA  . LEU A 1 32  ? -2.468  -9.368  12.662  1.00 70.07  ? 346 LEU A CA  1 
ATOM   251  C  C   . LEU A 1 32  ? -3.709  -8.486  12.709  1.00 69.24  ? 346 LEU A C   1 
ATOM   252  O  O   . LEU A 1 32  ? -3.631  -7.276  12.487  1.00 68.68  ? 346 LEU A O   1 
ATOM   253  C  CB  . LEU A 1 32  ? -1.740  -9.147  11.339  1.00 70.09  ? 346 LEU A CB  1 
ATOM   254  C  CG  . LEU A 1 32  ? -0.438  -9.928  11.149  1.00 70.90  ? 346 LEU A CG  1 
ATOM   255  C  CD1 . LEU A 1 32  ? 0.141   -9.635  9.785   1.00 70.68  ? 346 LEU A CD1 1 
ATOM   256  C  CD2 . LEU A 1 32  ? 0.553   -9.543  12.224  1.00 71.88  ? 346 LEU A CD2 1 
ATOM   257  N  N   . ASN A 1 33  ? -4.849  -9.103  12.999  1.00 67.61  ? 347 ASN A N   1 
ATOM   258  C  CA  . ASN A 1 33  ? -6.114  -8.391  13.089  1.00 66.53  ? 347 ASN A CA  1 
ATOM   259  C  C   . ASN A 1 33  ? -6.467  -7.681  11.788  1.00 65.40  ? 347 ASN A C   1 
ATOM   260  O  O   . ASN A 1 33  ? -6.884  -6.516  11.789  1.00 63.55  ? 347 ASN A O   1 
ATOM   261  C  CB  . ASN A 1 33  ? -6.073  -7.378  14.237  1.00 68.02  ? 347 ASN A CB  1 
ATOM   262  C  CG  . ASN A 1 33  ? -7.444  -6.775  14.543  1.00 69.15  ? 347 ASN A CG  1 
ATOM   263  O  OD1 . ASN A 1 33  ? -8.409  -7.502  14.787  1.00 70.73  ? 347 ASN A OD1 1 
ATOM   264  N  ND2 . ASN A 1 33  ? -7.529  -5.444  14.538  1.00 68.16  ? 347 ASN A ND2 1 
ATOM   265  N  N   . ILE A 1 34  ? -6.301  -8.386  10.676  1.00 64.08  ? 348 ILE A N   1 
ATOM   266  C  CA  . ILE A 1 34  ? -6.636  -7.811  9.382   1.00 63.99  ? 348 ILE A CA  1 
ATOM   267  C  C   . ILE A 1 34  ? -8.149  -7.824  9.202   1.00 63.03  ? 348 ILE A C   1 
ATOM   268  O  O   . ILE A 1 34  ? -8.788  -8.846  9.403   1.00 64.09  ? 348 ILE A O   1 
ATOM   269  C  CB  . ILE A 1 34  ? -6.017  -8.608  8.234   1.00 63.83  ? 348 ILE A CB  1 
ATOM   270  C  CG1 . ILE A 1 34  ? -4.493  -8.575  8.330   1.00 64.24  ? 348 ILE A CG1 1 
ATOM   271  C  CG2 . ILE A 1 34  ? -6.481  -8.039  6.914   1.00 64.71  ? 348 ILE A CG2 1 
ATOM   272  C  CD1 . ILE A 1 34  ? -3.900  -7.197  8.275   1.00 63.81  ? 348 ILE A CD1 1 
ATOM   273  N  N   . GLY A 1 35  ? -8.716  -6.685  8.831   1.00 62.39  ? 349 GLY A N   1 
ATOM   274  C  CA  . GLY A 1 35  ? -10.151 -6.606  8.623   1.00 61.67  ? 349 GLY A CA  1 
ATOM   275  C  C   . GLY A 1 35  ? -10.490 -6.147  7.212   1.00 61.43  ? 349 GLY A C   1 
ATOM   276  O  O   . GLY A 1 35  ? -11.657 -6.138  6.801   1.00 59.61  ? 349 GLY A O   1 
ATOM   277  N  N   . TYR A 1 36  ? -9.455  -5.764  6.468   1.00 60.28  ? 350 TYR A N   1 
ATOM   278  C  CA  . TYR A 1 36  ? -9.616  -5.284  5.106   1.00 58.58  ? 350 TYR A CA  1 
ATOM   279  C  C   . TYR A 1 36  ? -8.519  -5.788  4.185   1.00 59.30  ? 350 TYR A C   1 
ATOM   280  O  O   . TYR A 1 36  ? -7.369  -5.957  4.593   1.00 60.40  ? 350 TYR A O   1 
ATOM   281  C  CB  . TYR A 1 36  ? -9.598  -3.763  5.075   1.00 55.70  ? 350 TYR A CB  1 
ATOM   282  C  CG  . TYR A 1 36  ? -10.755 -3.086  5.766   1.00 54.90  ? 350 TYR A CG  1 
ATOM   283  C  CD1 . TYR A 1 36  ? -10.925 -3.167  7.145   1.00 54.94  ? 350 TYR A CD1 1 
ATOM   284  C  CD2 . TYR A 1 36  ? -11.649 -2.309  5.042   1.00 54.42  ? 350 TYR A CD2 1 
ATOM   285  C  CE1 . TYR A 1 36  ? -11.962 -2.477  7.783   1.00 54.21  ? 350 TYR A CE1 1 
ATOM   286  C  CE2 . TYR A 1 36  ? -12.680 -1.620  5.667   1.00 54.17  ? 350 TYR A CE2 1 
ATOM   287  C  CZ  . TYR A 1 36  ? -12.831 -1.704  7.033   1.00 53.58  ? 350 TYR A CZ  1 
ATOM   288  O  OH  . TYR A 1 36  ? -13.842 -0.992  7.634   1.00 55.52  ? 350 TYR A OH  1 
ATOM   289  N  N   . VAL A 1 37  ? -8.879  -6.004  2.924   1.00 59.40  ? 351 VAL A N   1 
ATOM   290  C  CA  . VAL A 1 37  ? -7.929  -6.473  1.923   1.00 57.76  ? 351 VAL A CA  1 
ATOM   291  C  C   . VAL A 1 37  ? -8.148  -5.744  0.613   1.00 57.15  ? 351 VAL A C   1 
ATOM   292  O  O   . VAL A 1 37  ? -9.283  -5.450  0.233   1.00 56.98  ? 351 VAL A O   1 
ATOM   293  C  CB  . VAL A 1 37  ? -8.081  -7.985  1.633   1.00 56.89  ? 351 VAL A CB  1 
ATOM   294  C  CG1 . VAL A 1 37  ? -7.026  -8.428  0.637   1.00 53.60  ? 351 VAL A CG1 1 
ATOM   295  C  CG2 . VAL A 1 37  ? -7.974  -8.781  2.921   1.00 57.05  ? 351 VAL A CG2 1 
ATOM   296  N  N   . ILE A 1 38  ? -7.047  -5.442  -0.064  1.00 55.73  ? 352 ILE A N   1 
ATOM   297  C  CA  . ILE A 1 38  ? -7.098  -4.786  -1.355  1.00 53.62  ? 352 ILE A CA  1 
ATOM   298  C  C   . ILE A 1 38  ? -6.329  -5.725  -2.260  1.00 53.62  ? 352 ILE A C   1 
ATOM   299  O  O   . ILE A 1 38  ? -5.181  -6.072  -1.984  1.00 52.86  ? 352 ILE A O   1 
ATOM   300  C  CB  . ILE A 1 38  ? -6.420  -3.383  -1.342  1.00 52.80  ? 352 ILE A CB  1 
ATOM   301  C  CG1 . ILE A 1 38  ? -7.203  -2.433  -0.434  1.00 49.96  ? 352 ILE A CG1 1 
ATOM   302  C  CG2 . ILE A 1 38  ? -6.369  -2.800  -2.764  1.00 51.33  ? 352 ILE A CG2 1 
ATOM   303  C  CD1 . ILE A 1 38  ? -6.679  -1.013  -0.427  1.00 47.61  ? 352 ILE A CD1 1 
ATOM   304  N  N   . ASN A 1 39  ? -6.992  -6.154  -3.326  1.00 53.85  ? 353 ASN A N   1 
ATOM   305  C  CA  . ASN A 1 39  ? -6.420  -7.066  -4.302  1.00 53.81  ? 353 ASN A CA  1 
ATOM   306  C  C   . ASN A 1 39  ? -6.180  -6.271  -5.582  1.00 53.88  ? 353 ASN A C   1 
ATOM   307  O  O   . ASN A 1 39  ? -7.121  -5.926  -6.294  1.00 54.36  ? 353 ASN A O   1 
ATOM   308  C  CB  . ASN A 1 39  ? -7.404  -8.207  -4.541  1.00 53.74  ? 353 ASN A CB  1 
ATOM   309  C  CG  . ASN A 1 39  ? -6.861  -9.272  -5.452  1.00 55.31  ? 353 ASN A CG  1 
ATOM   310  O  OD1 . ASN A 1 39  ? -7.114  -10.457 -5.242  1.00 55.78  ? 353 ASN A OD1 1 
ATOM   311  N  ND2 . ASN A 1 39  ? -6.121  -8.865  -6.480  1.00 54.09  ? 353 ASN A ND2 1 
ATOM   312  N  N   . VAL A 1 40  ? -4.915  -5.973  -5.861  1.00 54.05  ? 354 VAL A N   1 
ATOM   313  C  CA  . VAL A 1 40  ? -4.560  -5.190  -7.039  1.00 53.11  ? 354 VAL A CA  1 
ATOM   314  C  C   . VAL A 1 40  ? -4.245  -6.073  -8.234  1.00 53.35  ? 354 VAL A C   1 
ATOM   315  O  O   . VAL A 1 40  ? -3.141  -6.030  -8.779  1.00 53.09  ? 354 VAL A O   1 
ATOM   316  C  CB  . VAL A 1 40  ? -3.346  -4.284  -6.758  1.00 52.25  ? 354 VAL A CB  1 
ATOM   317  C  CG1 . VAL A 1 40  ? -3.232  -3.246  -7.840  1.00 52.48  ? 354 VAL A CG1 1 
ATOM   318  C  CG2 . VAL A 1 40  ? -3.484  -3.620  -5.397  1.00 51.87  ? 354 VAL A CG2 1 
ATOM   319  N  N   . THR A 1 41  ? -5.227  -6.878  -8.634  1.00 54.62  ? 355 THR A N   1 
ATOM   320  C  CA  . THR A 1 41  ? -5.093  -7.787  -9.772  1.00 54.94  ? 355 THR A CA  1 
ATOM   321  C  C   . THR A 1 41  ? -6.476  -8.005  -10.372 1.00 55.48  ? 355 THR A C   1 
ATOM   322  O  O   . THR A 1 41  ? -7.484  -7.688  -9.741  1.00 54.93  ? 355 THR A O   1 
ATOM   323  C  CB  . THR A 1 41  ? -4.545  -9.168  -9.347  1.00 54.53  ? 355 THR A CB  1 
ATOM   324  O  OG1 . THR A 1 41  ? -5.548  -9.868  -8.601  1.00 56.17  ? 355 THR A OG1 1 
ATOM   325  C  CG2 . THR A 1 41  ? -3.308  -9.016  -8.478  1.00 54.07  ? 355 THR A CG2 1 
ATOM   326  N  N   . THR A 1 42  ? -6.521  -8.558  -11.583 1.00 56.10  ? 356 THR A N   1 
ATOM   327  C  CA  . THR A 1 42  ? -7.789  -8.824  -12.251 1.00 56.11  ? 356 THR A CA  1 
ATOM   328  C  C   . THR A 1 42  ? -8.152  -10.297 -12.284 1.00 56.23  ? 356 THR A C   1 
ATOM   329  O  O   . THR A 1 42  ? -9.324  -10.639 -12.341 1.00 57.55  ? 356 THR A O   1 
ATOM   330  C  CB  . THR A 1 42  ? -7.790  -8.338  -13.715 1.00 55.35  ? 356 THR A CB  1 
ATOM   331  O  OG1 . THR A 1 42  ? -6.680  -8.909  -14.416 1.00 53.91  ? 356 THR A OG1 1 
ATOM   332  C  CG2 . THR A 1 42  ? -7.707  -6.838  -13.777 1.00 57.37  ? 356 THR A CG2 1 
ATOM   333  N  N   . HIS A 1 43  ? -7.149  -11.167 -12.239 1.00 57.27  ? 357 HIS A N   1 
ATOM   334  C  CA  . HIS A 1 43  ? -7.385  -12.606 -12.316 1.00 56.96  ? 357 HIS A CA  1 
ATOM   335  C  C   . HIS A 1 43  ? -7.352  -13.369 -10.991 1.00 55.84  ? 357 HIS A C   1 
ATOM   336  O  O   . HIS A 1 43  ? -8.004  -14.401 -10.861 1.00 54.54  ? 357 HIS A O   1 
ATOM   337  C  CB  . HIS A 1 43  ? -6.380  -13.228 -13.275 1.00 58.89  ? 357 HIS A CB  1 
ATOM   338  C  CG  . HIS A 1 43  ? -4.993  -13.288 -12.723 1.00 62.18  ? 357 HIS A CG  1 
ATOM   339  N  ND1 . HIS A 1 43  ? -4.333  -12.173 -12.256 1.00 64.38  ? 357 HIS A ND1 1 
ATOM   340  C  CD2 . HIS A 1 43  ? -4.169  -14.337 -12.496 1.00 63.29  ? 357 HIS A CD2 1 
ATOM   341  C  CE1 . HIS A 1 43  ? -3.163  -12.535 -11.759 1.00 64.99  ? 357 HIS A CE1 1 
ATOM   342  N  NE2 . HIS A 1 43  ? -3.040  -13.843 -11.891 1.00 64.63  ? 357 HIS A NE2 1 
ATOM   343  N  N   . LEU A 1 44  ? -6.591  -12.891 -10.012 1.00 55.90  ? 358 LEU A N   1 
ATOM   344  C  CA  . LEU A 1 44  ? -6.538  -13.588 -8.726  1.00 56.94  ? 358 LEU A CA  1 
ATOM   345  C  C   . LEU A 1 44  ? -7.888  -13.503 -8.047  1.00 55.07  ? 358 LEU A C   1 
ATOM   346  O  O   . LEU A 1 44  ? -8.647  -12.582 -8.294  1.00 55.64  ? 358 LEU A O   1 
ATOM   347  C  CB  . LEU A 1 44  ? -5.480  -12.979 -7.799  1.00 58.40  ? 358 LEU A CB  1 
ATOM   348  C  CG  . LEU A 1 44  ? -4.024  -13.375 -8.034  1.00 59.73  ? 358 LEU A CG  1 
ATOM   349  C  CD1 . LEU A 1 44  ? -3.118  -12.644 -7.048  1.00 60.78  ? 358 LEU A CD1 1 
ATOM   350  C  CD2 . LEU A 1 44  ? -3.882  -14.875 -7.858  1.00 61.20  ? 358 LEU A CD2 1 
ATOM   351  N  N   . PRO A 1 45  ? -8.211  -14.475 -7.191  1.00 54.48  ? 359 PRO A N   1 
ATOM   352  C  CA  . PRO A 1 45  ? -9.510  -14.407 -6.521  1.00 53.78  ? 359 PRO A CA  1 
ATOM   353  C  C   . PRO A 1 45  ? -9.386  -13.646 -5.218  1.00 53.20  ? 359 PRO A C   1 
ATOM   354  O  O   . PRO A 1 45  ? -8.284  -13.395 -4.752  1.00 54.27  ? 359 PRO A O   1 
ATOM   355  C  CB  . PRO A 1 45  ? -9.852  -15.878 -6.290  1.00 53.67  ? 359 PRO A CB  1 
ATOM   356  C  CG  . PRO A 1 45  ? -8.521  -16.479 -6.015  1.00 52.58  ? 359 PRO A CG  1 
ATOM   357  C  CD  . PRO A 1 45  ? -7.617  -15.819 -7.054  1.00 54.31  ? 359 PRO A CD  1 
ATOM   358  N  N   . LEU A 1 46  ? -10.519 -13.258 -4.646  1.00 52.81  ? 360 LEU A N   1 
ATOM   359  C  CA  . LEU A 1 46  ? -10.519 -12.571 -3.369  1.00 51.52  ? 360 LEU A CA  1 
ATOM   360  C  C   . LEU A 1 46  ? -10.568 -13.690 -2.326  1.00 52.88  ? 360 LEU A C   1 
ATOM   361  O  O   . LEU A 1 46  ? -11.633 -14.005 -1.767  1.00 52.90  ? 360 LEU A O   1 
ATOM   362  C  CB  . LEU A 1 46  ? -11.745 -11.668 -3.236  1.00 51.69  ? 360 LEU A CB  1 
ATOM   363  C  CG  . LEU A 1 46  ? -11.962 -10.562 -4.274  1.00 52.11  ? 360 LEU A CG  1 
ATOM   364  C  CD1 . LEU A 1 46  ? -13.218 -9.799  -3.895  1.00 50.96  ? 360 LEU A CD1 1 
ATOM   365  C  CD2 . LEU A 1 46  ? -10.764 -9.624  -4.348  1.00 50.89  ? 360 LEU A CD2 1 
ATOM   366  N  N   . TYR A 1 47  ? -9.403  -14.299 -2.103  1.00 53.10  ? 361 TYR A N   1 
ATOM   367  C  CA  . TYR A 1 47  ? -9.213  -15.395 -1.158  1.00 53.44  ? 361 TYR A CA  1 
ATOM   368  C  C   . TYR A 1 47  ? -9.958  -15.216 0.166   1.00 56.15  ? 361 TYR A C   1 
ATOM   369  O  O   . TYR A 1 47  ? -9.889  -14.151 0.789   1.00 56.13  ? 361 TYR A O   1 
ATOM   370  C  CB  . TYR A 1 47  ? -7.721  -15.563 -0.871  1.00 52.01  ? 361 TYR A CB  1 
ATOM   371  C  CG  . TYR A 1 47  ? -6.859  -15.821 -2.091  1.00 52.01  ? 361 TYR A CG  1 
ATOM   372  C  CD1 . TYR A 1 47  ? -5.894  -14.907 -2.489  1.00 51.54  ? 361 TYR A CD1 1 
ATOM   373  C  CD2 . TYR A 1 47  ? -6.980  -16.998 -2.819  1.00 52.52  ? 361 TYR A CD2 1 
ATOM   374  C  CE1 . TYR A 1 47  ? -5.066  -15.158 -3.578  1.00 53.52  ? 361 TYR A CE1 1 
ATOM   375  C  CE2 . TYR A 1 47  ? -6.160  -17.263 -3.914  1.00 53.86  ? 361 TYR A CE2 1 
ATOM   376  C  CZ  . TYR A 1 47  ? -5.202  -16.340 -4.290  1.00 54.85  ? 361 TYR A CZ  1 
ATOM   377  O  OH  . TYR A 1 47  ? -4.380  -16.597 -5.376  1.00 55.70  ? 361 TYR A OH  1 
ATOM   378  N  N   . HIS A 1 48  ? -10.648 -16.274 0.591   1.00 58.19  ? 362 HIS A N   1 
ATOM   379  C  CA  . HIS A 1 48  ? -11.419 -16.294 1.839   1.00 61.25  ? 362 HIS A CA  1 
ATOM   380  C  C   . HIS A 1 48  ? -12.634 -15.383 1.786   1.00 62.22  ? 362 HIS A C   1 
ATOM   381  O  O   . HIS A 1 48  ? -13.165 -14.972 2.819   1.00 61.49  ? 362 HIS A O   1 
ATOM   382  C  CB  . HIS A 1 48  ? -10.533 -15.908 3.030   1.00 62.52  ? 362 HIS A CB  1 
ATOM   383  C  CG  . HIS A 1 48  ? -9.300  -16.749 3.156   1.00 67.04  ? 362 HIS A CG  1 
ATOM   384  N  ND1 . HIS A 1 48  ? -9.335  -18.128 3.143   1.00 69.53  ? 362 HIS A ND1 1 
ATOM   385  C  CD2 . HIS A 1 48  ? -7.994  -16.408 3.271   1.00 68.41  ? 362 HIS A CD2 1 
ATOM   386  C  CE1 . HIS A 1 48  ? -8.104  -18.600 3.242   1.00 69.05  ? 362 HIS A CE1 1 
ATOM   387  N  NE2 . HIS A 1 48  ? -7.272  -17.576 3.321   1.00 68.88  ? 362 HIS A NE2 1 
ATOM   388  N  N   . TYR A 1 49  ? -13.085 -15.076 0.577   1.00 64.77  ? 363 TYR A N   1 
ATOM   389  C  CA  . TYR A 1 49  ? -14.238 -14.203 0.422   1.00 68.26  ? 363 TYR A CA  1 
ATOM   390  C  C   . TYR A 1 49  ? -15.487 -14.862 0.976   1.00 70.22  ? 363 TYR A C   1 
ATOM   391  O  O   . TYR A 1 49  ? -16.255 -14.247 1.725   1.00 70.11  ? 363 TYR A O   1 
ATOM   392  C  CB  . TYR A 1 49  ? -14.476 -13.868 -1.052  1.00 66.85  ? 363 TYR A CB  1 
ATOM   393  C  CG  . TYR A 1 49  ? -15.611 -12.877 -1.253  1.00 67.07  ? 363 TYR A CG  1 
ATOM   394  C  CD1 . TYR A 1 49  ? -15.424 -11.525 -0.993  1.00 67.19  ? 363 TYR A CD1 1 
ATOM   395  C  CD2 . TYR A 1 49  ? -16.873 -13.295 -1.683  1.00 65.24  ? 363 TYR A CD2 1 
ATOM   396  C  CE1 . TYR A 1 49  ? -16.462 -10.604 -1.154  1.00 67.65  ? 363 TYR A CE1 1 
ATOM   397  C  CE2 . TYR A 1 49  ? -17.921 -12.379 -1.849  1.00 65.62  ? 363 TYR A CE2 1 
ATOM   398  C  CZ  . TYR A 1 49  ? -17.705 -11.031 -1.583  1.00 66.66  ? 363 TYR A CZ  1 
ATOM   399  O  OH  . TYR A 1 49  ? -18.710 -10.097 -1.755  1.00 65.70  ? 363 TYR A OH  1 
ATOM   400  N  N   . GLU A 1 50  ? -15.676 -16.119 0.580   1.00 72.58  ? 364 GLU A N   1 
ATOM   401  C  CA  . GLU A 1 50  ? -16.826 -16.922 0.973   1.00 74.77  ? 364 GLU A CA  1 
ATOM   402  C  C   . GLU A 1 50  ? -16.973 -16.969 2.488   1.00 74.64  ? 364 GLU A C   1 
ATOM   403  O  O   . GLU A 1 50  ? -18.081 -16.892 3.023   1.00 74.62  ? 364 GLU A O   1 
ATOM   404  C  CB  . GLU A 1 50  ? -16.677 -18.343 0.414   1.00 76.66  ? 364 GLU A CB  1 
ATOM   405  C  CG  . GLU A 1 50  ? -15.499 -19.138 1.011   1.00 83.66  ? 364 GLU A CG  1 
ATOM   406  C  CD  . GLU A 1 50  ? -14.115 -18.681 0.526   1.00 85.49  ? 364 GLU A CD  1 
ATOM   407  O  OE1 . GLU A 1 50  ? -13.100 -19.149 1.098   1.00 83.72  ? 364 GLU A OE1 1 
ATOM   408  O  OE2 . GLU A 1 50  ? -14.040 -17.872 -0.428  1.00 87.63  ? 364 GLU A OE2 1 
ATOM   409  N  N   . LYS A 1 51  ? -15.835 -17.078 3.163   1.00 73.80  ? 365 LYS A N   1 
ATOM   410  C  CA  . LYS A 1 51  ? -15.768 -17.150 4.614   1.00 72.65  ? 365 LYS A CA  1 
ATOM   411  C  C   . LYS A 1 51  ? -16.375 -15.919 5.303   1.00 73.34  ? 365 LYS A C   1 
ATOM   412  O  O   . LYS A 1 51  ? -16.518 -15.888 6.523   1.00 73.31  ? 365 LYS A O   1 
ATOM   413  C  CB  . LYS A 1 51  ? -14.304 -17.319 5.015   1.00 71.87  ? 365 LYS A CB  1 
ATOM   414  C  CG  . LYS A 1 51  ? -14.063 -18.281 6.150   1.00 70.95  ? 365 LYS A CG  1 
ATOM   415  C  CD  . LYS A 1 51  ? -12.641 -18.812 6.118   1.00 69.34  ? 365 LYS A CD  1 
ATOM   416  C  CE  . LYS A 1 51  ? -12.401 -19.621 4.858   1.00 68.81  ? 365 LYS A CE  1 
ATOM   417  N  NZ  . LYS A 1 51  ? -11.047 -20.216 4.831   1.00 69.63  ? 365 LYS A NZ  1 
ATOM   418  N  N   . GLY A 1 52  ? -16.720 -14.904 4.520   1.00 74.36  ? 366 GLY A N   1 
ATOM   419  C  CA  . GLY A 1 52  ? -17.319 -13.699 5.072   1.00 74.66  ? 366 GLY A CA  1 
ATOM   420  C  C   . GLY A 1 52  ? -16.639 -13.067 6.278   1.00 75.34  ? 366 GLY A C   1 
ATOM   421  O  O   . GLY A 1 52  ? -17.314 -12.631 7.210   1.00 74.66  ? 366 GLY A O   1 
ATOM   422  N  N   . LEU A 1 53  ? -15.312 -12.988 6.263   1.00 75.84  ? 367 LEU A N   1 
ATOM   423  C  CA  . LEU A 1 53  ? -14.582 -12.396 7.387   1.00 75.41  ? 367 LEU A CA  1 
ATOM   424  C  C   . LEU A 1 53  ? -14.200 -10.938 7.172   1.00 74.67  ? 367 LEU A C   1 
ATOM   425  O  O   . LEU A 1 53  ? -14.608 -10.062 7.934   1.00 74.47  ? 367 LEU A O   1 
ATOM   426  C  CB  . LEU A 1 53  ? -13.312 -13.196 7.675   1.00 75.41  ? 367 LEU A CB  1 
ATOM   427  C  CG  . LEU A 1 53  ? -13.552 -14.619 8.173   1.00 75.67  ? 367 LEU A CG  1 
ATOM   428  C  CD1 . LEU A 1 53  ? -12.240 -15.407 8.219   1.00 75.40  ? 367 LEU A CD1 1 
ATOM   429  C  CD2 . LEU A 1 53  ? -14.195 -14.533 9.539   1.00 74.69  ? 367 LEU A CD2 1 
ATOM   430  N  N   . PHE A 1 54  ? -13.419 -10.683 6.126   1.00 73.75  ? 368 PHE A N   1 
ATOM   431  C  CA  . PHE A 1 54  ? -12.966 -9.328  5.840   1.00 71.52  ? 368 PHE A CA  1 
ATOM   432  C  C   . PHE A 1 54  ? -13.759 -8.556  4.773   1.00 69.97  ? 368 PHE A C   1 
ATOM   433  O  O   . PHE A 1 54  ? -14.674 -9.078  4.125   1.00 69.89  ? 368 PHE A O   1 
ATOM   434  C  CB  . PHE A 1 54  ? -11.492 -9.351  5.430   1.00 70.83  ? 368 PHE A CB  1 
ATOM   435  C  CG  . PHE A 1 54  ? -10.743 -10.560 5.906   1.00 70.78  ? 368 PHE A CG  1 
ATOM   436  C  CD1 . PHE A 1 54  ? -10.684 -11.709 5.124   1.00 70.41  ? 368 PHE A CD1 1 
ATOM   437  C  CD2 . PHE A 1 54  ? -10.073 -10.544 7.126   1.00 70.76  ? 368 PHE A CD2 1 
ATOM   438  C  CE1 . PHE A 1 54  ? -9.957  -12.837 5.550   1.00 71.05  ? 368 PHE A CE1 1 
ATOM   439  C  CE2 . PHE A 1 54  ? -9.343  -11.663 7.565   1.00 70.97  ? 368 PHE A CE2 1 
ATOM   440  C  CZ  . PHE A 1 54  ? -9.285  -12.811 6.773   1.00 70.93  ? 368 PHE A CZ  1 
ATOM   441  N  N   . ASN A 1 55  ? -13.393 -7.288  4.622   1.00 67.82  ? 369 ASN A N   1 
ATOM   442  C  CA  . ASN A 1 55  ? -13.998 -6.413  3.629   1.00 65.02  ? 369 ASN A CA  1 
ATOM   443  C  C   . ASN A 1 55  ? -12.973 -6.342  2.504   1.00 62.49  ? 369 ASN A C   1 
ATOM   444  O  O   . ASN A 1 55  ? -11.775 -6.214  2.762   1.00 61.05  ? 369 ASN A O   1 
ATOM   445  C  CB  . ASN A 1 55  ? -14.234 -5.024  4.223   1.00 65.95  ? 369 ASN A CB  1 
ATOM   446  C  CG  . ASN A 1 55  ? -15.347 -5.011  5.250   1.00 67.35  ? 369 ASN A CG  1 
ATOM   447  O  OD1 . ASN A 1 55  ? -15.217 -4.402  6.317   1.00 67.73  ? 369 ASN A OD1 1 
ATOM   448  N  ND2 . ASN A 1 55  ? -16.459 -5.674  4.930   1.00 67.01  ? 369 ASN A ND2 1 
ATOM   449  N  N   . TYR A 1 56  ? -13.433 -6.436  1.261   1.00 59.78  ? 370 TYR A N   1 
ATOM   450  C  CA  . TYR A 1 56  ? -12.512 -6.400  0.134   1.00 57.05  ? 370 TYR A CA  1 
ATOM   451  C  C   . TYR A 1 56  ? -12.699 -5.238  -0.817  1.00 56.05  ? 370 TYR A C   1 
ATOM   452  O  O   . TYR A 1 56  ? -13.730 -4.571  -0.823  1.00 57.50  ? 370 TYR A O   1 
ATOM   453  C  CB  . TYR A 1 56  ? -12.626 -7.675  -0.687  1.00 55.49  ? 370 TYR A CB  1 
ATOM   454  C  CG  . TYR A 1 56  ? -12.272 -8.945  0.042   1.00 56.83  ? 370 TYR A CG  1 
ATOM   455  C  CD1 . TYR A 1 56  ? -13.156 -9.525  0.951   1.00 55.89  ? 370 TYR A CD1 1 
ATOM   456  C  CD2 . TYR A 1 56  ? -11.078 -9.618  -0.242  1.00 56.60  ? 370 TYR A CD2 1 
ATOM   457  C  CE1 . TYR A 1 56  ? -12.865 -10.749 1.549   1.00 56.02  ? 370 TYR A CE1 1 
ATOM   458  C  CE2 . TYR A 1 56  ? -10.779 -10.838 0.350   1.00 55.38  ? 370 TYR A CE2 1 
ATOM   459  C  CZ  . TYR A 1 56  ? -11.676 -11.401 1.239   1.00 55.78  ? 370 TYR A CZ  1 
ATOM   460  O  OH  . TYR A 1 56  ? -11.395 -12.628 1.792   1.00 55.50  ? 370 TYR A OH  1 
ATOM   461  N  N   . LYS A 1 57  ? -11.670 -5.007  -1.621  1.00 53.91  ? 371 LYS A N   1 
ATOM   462  C  CA  . LYS A 1 57  ? -11.693 -3.982  -2.644  1.00 51.97  ? 371 LYS A CA  1 
ATOM   463  C  C   . LYS A 1 57  ? -10.654 -4.362  -3.681  1.00 51.67  ? 371 LYS A C   1 
ATOM   464  O  O   . LYS A 1 57  ? -9.465  -4.398  -3.390  1.00 52.57  ? 371 LYS A O   1 
ATOM   465  C  CB  . LYS A 1 57  ? -11.374 -2.594  -2.093  1.00 50.43  ? 371 LYS A CB  1 
ATOM   466  C  CG  . LYS A 1 57  ? -11.315 -1.557  -3.218  1.00 52.62  ? 371 LYS A CG  1 
ATOM   467  C  CD  . LYS A 1 57  ? -11.167 -0.123  -2.733  1.00 54.10  ? 371 LYS A CD  1 
ATOM   468  C  CE  . LYS A 1 57  ? -12.451 0.397   -2.110  1.00 55.66  ? 371 LYS A CE  1 
ATOM   469  N  NZ  . LYS A 1 57  ? -13.589 0.293   -3.064  1.00 56.34  ? 371 LYS A NZ  1 
ATOM   470  N  N   . ARG A 1 58  ? -11.101 -4.684  -4.887  1.00 51.53  ? 372 ARG A N   1 
ATOM   471  C  CA  . ARG A 1 58  ? -10.162 -5.038  -5.936  1.00 50.83  ? 372 ARG A CA  1 
ATOM   472  C  C   . ARG A 1 58  ? -9.900  -3.831  -6.822  1.00 50.79  ? 372 ARG A C   1 
ATOM   473  O  O   . ARG A 1 58  ? -10.813 -3.072  -7.148  1.00 50.89  ? 372 ARG A O   1 
ATOM   474  C  CB  . ARG A 1 58  ? -10.683 -6.185  -6.813  1.00 49.61  ? 372 ARG A CB  1 
ATOM   475  C  CG  . ARG A 1 58  ? -9.920  -6.301  -8.129  1.00 48.35  ? 372 ARG A CG  1 
ATOM   476  C  CD  . ARG A 1 58  ? -10.466 -7.342  -9.098  1.00 50.95  ? 372 ARG A CD  1 
ATOM   477  N  NE  . ARG A 1 58  ? -10.045 -8.700  -8.759  1.00 53.71  ? 372 ARG A NE  1 
ATOM   478  C  CZ  . ARG A 1 58  ? -10.865 -9.610  -8.252  1.00 56.58  ? 372 ARG A CZ  1 
ATOM   479  N  NH1 . ARG A 1 58  ? -12.138 -9.294  -8.044  1.00 61.67  ? 372 ARG A NH1 1 
ATOM   480  N  NH2 . ARG A 1 58  ? -10.426 -10.818 -7.932  1.00 54.25  ? 372 ARG A NH2 1 
ATOM   481  N  N   . LEU A 1 59  ? -8.634  -3.651  -7.172  1.00 49.59  ? 373 LEU A N   1 
ATOM   482  C  CA  . LEU A 1 59  ? -8.212  -2.593  -8.068  1.00 47.92  ? 373 LEU A CA  1 
ATOM   483  C  C   . LEU A 1 59  ? -7.730  -3.478  -9.213  1.00 46.95  ? 373 LEU A C   1 
ATOM   484  O  O   . LEU A 1 59  ? -6.578  -3.904  -9.235  1.00 46.91  ? 373 LEU A O   1 
ATOM   485  C  CB  . LEU A 1 59  ? -7.068  -1.800  -7.440  1.00 48.24  ? 373 LEU A CB  1 
ATOM   486  C  CG  . LEU A 1 59  ? -7.285  -1.375  -5.979  1.00 50.33  ? 373 LEU A CG  1 
ATOM   487  C  CD1 . LEU A 1 59  ? -6.188  -0.408  -5.575  1.00 51.04  ? 373 LEU A CD1 1 
ATOM   488  C  CD2 . LEU A 1 59  ? -8.640  -0.723  -5.794  1.00 50.07  ? 373 LEU A CD2 1 
ATOM   489  N  N   . PRO A 1 60  ? -8.629  -3.786  -10.167 1.00 46.84  ? 374 PRO A N   1 
ATOM   490  C  CA  . PRO A 1 60  ? -8.414  -4.635  -11.352 1.00 46.32  ? 374 PRO A CA  1 
ATOM   491  C  C   . PRO A 1 60  ? -7.312  -4.173  -12.299 1.00 47.73  ? 374 PRO A C   1 
ATOM   492  O  O   . PRO A 1 60  ? -7.583  -3.758  -13.422 1.00 48.49  ? 374 PRO A O   1 
ATOM   493  C  CB  . PRO A 1 60  ? -9.780  -4.632  -12.010 1.00 43.28  ? 374 PRO A CB  1 
ATOM   494  C  CG  . PRO A 1 60  ? -10.227 -3.248  -11.755 1.00 43.83  ? 374 PRO A CG  1 
ATOM   495  C  CD  . PRO A 1 60  ? -9.891  -3.035  -10.305 1.00 44.12  ? 374 PRO A CD  1 
ATOM   496  N  N   . ALA A 1 61  ? -6.067  -4.284  -11.855 1.00 48.24  ? 375 ALA A N   1 
ATOM   497  C  CA  . ALA A 1 61  ? -4.959  -3.825  -12.664 1.00 49.09  ? 375 ALA A CA  1 
ATOM   498  C  C   . ALA A 1 61  ? -3.898  -4.868  -12.959 1.00 50.09  ? 375 ALA A C   1 
ATOM   499  O  O   . ALA A 1 61  ? -3.677  -5.792  -12.182 1.00 51.23  ? 375 ALA A O   1 
ATOM   500  C  CB  . ALA A 1 61  ? -4.323  -2.627  -11.992 1.00 48.49  ? 375 ALA A CB  1 
ATOM   501  N  N   . THR A 1 62  ? -3.239  -4.700  -14.096 1.00 49.68  ? 376 THR A N   1 
ATOM   502  C  CA  . THR A 1 62  ? -2.172  -5.593  -14.504 1.00 50.65  ? 376 THR A CA  1 
ATOM   503  C  C   . THR A 1 62  ? -0.879  -4.806  -14.352 1.00 52.18  ? 376 THR A C   1 
ATOM   504  O  O   . THR A 1 62  ? -0.916  -3.589  -14.201 1.00 52.73  ? 376 THR A O   1 
ATOM   505  C  CB  . THR A 1 62  ? -2.334  -6.021  -15.980 1.00 51.04  ? 376 THR A CB  1 
ATOM   506  O  OG1 . THR A 1 62  ? -2.045  -4.911  -16.845 1.00 50.43  ? 376 THR A OG1 1 
ATOM   507  C  CG2 . THR A 1 62  ? -3.766  -6.493  -16.233 1.00 48.84  ? 376 THR A CG2 1 
ATOM   508  N  N   . ASP A 1 63  ? 0.258   -5.492  -14.379 1.00 54.51  ? 377 ASP A N   1 
ATOM   509  C  CA  . ASP A 1 63  ? 1.548   -4.823  -14.258 1.00 57.01  ? 377 ASP A CA  1 
ATOM   510  C  C   . ASP A 1 63  ? 2.078   -4.455  -15.656 1.00 58.55  ? 377 ASP A C   1 
ATOM   511  O  O   . ASP A 1 63  ? 3.269   -4.556  -15.944 1.00 59.17  ? 377 ASP A O   1 
ATOM   512  C  CB  . ASP A 1 63  ? 2.532   -5.733  -13.508 1.00 57.02  ? 377 ASP A CB  1 
ATOM   513  C  CG  . ASP A 1 63  ? 3.873   -5.064  -13.243 1.00 57.64  ? 377 ASP A CG  1 
ATOM   514  O  OD1 . ASP A 1 63  ? 3.889   -3.886  -12.839 1.00 57.39  ? 377 ASP A OD1 1 
ATOM   515  O  OD2 . ASP A 1 63  ? 4.919   -5.722  -13.428 1.00 60.66  ? 377 ASP A OD2 1 
ATOM   516  N  N   . SER A 1 64  ? 1.172   -4.014  -16.521 1.00 59.97  ? 378 SER A N   1 
ATOM   517  C  CA  . SER A 1 64  ? 1.533   -3.634  -17.878 1.00 61.97  ? 378 SER A CA  1 
ATOM   518  C  C   . SER A 1 64  ? 2.105   -2.233  -17.907 1.00 64.20  ? 378 SER A C   1 
ATOM   519  O  O   . SER A 1 64  ? 1.878   -1.438  -16.996 1.00 65.25  ? 378 SER A O   1 
ATOM   520  C  CB  . SER A 1 64  ? 0.310   -3.683  -18.790 1.00 61.21  ? 378 SER A CB  1 
ATOM   521  O  OG  . SER A 1 64  ? -0.625  -2.690  -18.424 1.00 62.79  ? 378 SER A OG  1 
ATOM   522  N  N   . ASN A 1 65  ? 2.841   -1.927  -18.969 1.00 66.02  ? 379 ASN A N   1 
ATOM   523  C  CA  . ASN A 1 65  ? 3.439   -0.618  -19.116 1.00 66.44  ? 379 ASN A CA  1 
ATOM   524  C  C   . ASN A 1 65  ? 2.386   0.365   -19.599 1.00 65.79  ? 379 ASN A C   1 
ATOM   525  O  O   . ASN A 1 65  ? 2.684   1.520   -19.881 1.00 65.85  ? 379 ASN A O   1 
ATOM   526  C  CB  . ASN A 1 65  ? 4.601   -0.680  -20.108 1.00 68.80  ? 379 ASN A CB  1 
ATOM   527  C  CG  . ASN A 1 65  ? 5.626   0.411   -19.866 1.00 72.50  ? 379 ASN A CG  1 
ATOM   528  O  OD1 . ASN A 1 65  ? 5.826   1.288   -20.705 1.00 74.37  ? 379 ASN A OD1 1 
ATOM   529  N  ND2 . ASN A 1 65  ? 6.275   0.367   -18.702 1.00 74.09  ? 379 ASN A ND2 1 
ATOM   530  N  N   . LYS A 1 66  ? 1.144   -0.091  -19.685 1.00 65.80  ? 380 LYS A N   1 
ATOM   531  C  CA  . LYS A 1 66  ? 0.064   0.775   -20.142 1.00 65.87  ? 380 LYS A CA  1 
ATOM   532  C  C   . LYS A 1 66  ? -1.011  1.025   -19.081 1.00 64.26  ? 380 LYS A C   1 
ATOM   533  O  O   . LYS A 1 66  ? -1.803  1.961   -19.203 1.00 64.64  ? 380 LYS A O   1 
ATOM   534  C  CB  . LYS A 1 66  ? -0.559  0.188   -21.415 1.00 68.95  ? 380 LYS A CB  1 
ATOM   535  C  CG  . LYS A 1 66  ? 0.439   0.115   -22.573 1.00 73.75  ? 380 LYS A CG  1 
ATOM   536  C  CD  . LYS A 1 66  ? -0.071  -0.669  -23.787 1.00 77.30  ? 380 LYS A CD  1 
ATOM   537  C  CE  . LYS A 1 66  ? -1.010  0.146   -24.671 1.00 79.41  ? 380 LYS A CE  1 
ATOM   538  N  NZ  . LYS A 1 66  ? -1.363  -0.609  -25.917 1.00 80.15  ? 380 LYS A NZ  1 
ATOM   539  N  N   . GLN A 1 67  ? -1.028  0.198   -18.037 1.00 61.43  ? 381 GLN A N   1 
ATOM   540  C  CA  . GLN A 1 67  ? -2.005  0.324   -16.958 1.00 60.36  ? 381 GLN A CA  1 
ATOM   541  C  C   . GLN A 1 67  ? -2.049  1.699   -16.292 1.00 59.94  ? 381 GLN A C   1 
ATOM   542  O  O   . GLN A 1 67  ? -1.019  2.339   -16.082 1.00 59.85  ? 381 GLN A O   1 
ATOM   543  C  CB  . GLN A 1 67  ? -1.722  -0.712  -15.865 1.00 60.47  ? 381 GLN A CB  1 
ATOM   544  C  CG  . GLN A 1 67  ? -2.709  -1.864  -15.761 1.00 61.61  ? 381 GLN A CG  1 
ATOM   545  C  CD  . GLN A 1 67  ? -4.078  -1.439  -15.266 1.00 62.26  ? 381 GLN A CD  1 
ATOM   546  O  OE1 . GLN A 1 67  ? -4.270  -0.317  -14.801 1.00 62.19  ? 381 GLN A OE1 1 
ATOM   547  N  NE2 . GLN A 1 67  ? -5.042  -2.347  -15.357 1.00 63.43  ? 381 GLN A NE2 1 
ATOM   548  N  N   . ASN A 1 68  ? -3.257  2.138   -15.957 1.00 58.35  ? 382 ASN A N   1 
ATOM   549  C  CA  . ASN A 1 68  ? -3.459  3.392   -15.251 1.00 56.87  ? 382 ASN A CA  1 
ATOM   550  C  C   . ASN A 1 68  ? -3.745  3.001   -13.796 1.00 57.08  ? 382 ASN A C   1 
ATOM   551  O  O   . ASN A 1 68  ? -4.772  2.373   -13.518 1.00 56.92  ? 382 ASN A O   1 
ATOM   552  C  CB  . ASN A 1 68  ? -4.674  4.129   -15.811 1.00 56.52  ? 382 ASN A CB  1 
ATOM   553  C  CG  . ASN A 1 68  ? -5.083  5.328   -14.956 1.00 58.40  ? 382 ASN A CG  1 
ATOM   554  O  OD1 . ASN A 1 68  ? -4.989  5.300   -13.723 1.00 60.16  ? 382 ASN A OD1 1 
ATOM   555  N  ND2 . ASN A 1 68  ? -5.565  6.377   -15.608 1.00 58.94  ? 382 ASN A ND2 1 
ATOM   556  N  N   . LEU A 1 69  ? -2.848  3.344   -12.873 1.00 56.11  ? 383 LEU A N   1 
ATOM   557  C  CA  . LEU A 1 69  ? -3.077  3.021   -11.465 1.00 55.81  ? 383 LEU A CA  1 
ATOM   558  C  C   . LEU A 1 69  ? -3.592  4.231   -10.698 1.00 56.77  ? 383 LEU A C   1 
ATOM   559  O  O   . LEU A 1 69  ? -4.200  4.075   -9.641  1.00 56.68  ? 383 LEU A O   1 
ATOM   560  C  CB  . LEU A 1 69  ? -1.806  2.519   -10.776 1.00 54.20  ? 383 LEU A CB  1 
ATOM   561  C  CG  . LEU A 1 69  ? -1.441  1.041   -10.685 1.00 51.48  ? 383 LEU A CG  1 
ATOM   562  C  CD1 . LEU A 1 69  ? -0.344  0.909   -9.661  1.00 54.09  ? 383 LEU A CD1 1 
ATOM   563  C  CD2 . LEU A 1 69  ? -2.609  0.202   -10.266 1.00 49.03  ? 383 LEU A CD2 1 
ATOM   564  N  N   . ARG A 1 70  ? -3.336  5.430   -11.217 1.00 57.26  ? 384 ARG A N   1 
ATOM   565  C  CA  . ARG A 1 70  ? -3.798  6.657   -10.562 1.00 58.83  ? 384 ARG A CA  1 
ATOM   566  C  C   . ARG A 1 70  ? -5.281  6.606   -10.270 1.00 58.07  ? 384 ARG A C   1 
ATOM   567  O  O   . ARG A 1 70  ? -5.729  6.928   -9.166  1.00 57.45  ? 384 ARG A O   1 
ATOM   568  C  CB  . ARG A 1 70  ? -3.553  7.876   -11.440 1.00 59.38  ? 384 ARG A CB  1 
ATOM   569  C  CG  . ARG A 1 70  ? -2.199  8.491   -11.273 1.00 64.72  ? 384 ARG A CG  1 
ATOM   570  C  CD  . ARG A 1 70  ? -2.337  9.979   -10.986 1.00 66.81  ? 384 ARG A CD  1 
ATOM   571  N  NE  . ARG A 1 70  ? -3.208  10.224  -9.841  1.00 63.47  ? 384 ARG A NE  1 
ATOM   572  C  CZ  . ARG A 1 70  ? -3.410  11.427  -9.317  1.00 63.77  ? 384 ARG A CZ  1 
ATOM   573  N  NH1 . ARG A 1 70  ? -2.806  12.487  -9.840  1.00 59.94  ? 384 ARG A NH1 1 
ATOM   574  N  NH2 . ARG A 1 70  ? -4.201  11.563  -8.264  1.00 65.53  ? 384 ARG A NH2 1 
ATOM   575  N  N   . GLN A 1 71  ? -6.036  6.204   -11.286 1.00 57.02  ? 385 GLN A N   1 
ATOM   576  C  CA  . GLN A 1 71  ? -7.479  6.123   -11.190 1.00 56.13  ? 385 GLN A CA  1 
ATOM   577  C  C   . GLN A 1 71  ? -7.956  5.436   -9.930  1.00 55.43  ? 385 GLN A C   1 
ATOM   578  O  O   . GLN A 1 71  ? -9.080  5.654   -9.492  1.00 56.23  ? 385 GLN A O   1 
ATOM   579  C  CB  . GLN A 1 71  ? -8.029  5.391   -12.398 1.00 55.92  ? 385 GLN A CB  1 
ATOM   580  C  CG  . GLN A 1 71  ? -7.577  3.972   -12.522 1.00 56.27  ? 385 GLN A CG  1 
ATOM   581  C  CD  . GLN A 1 71  ? -8.244  3.298   -13.696 1.00 57.95  ? 385 GLN A CD  1 
ATOM   582  O  OE1 . GLN A 1 71  ? -9.468  3.362   -13.839 1.00 58.08  ? 385 GLN A OE1 1 
ATOM   583  N  NE2 . GLN A 1 71  ? -7.449  2.648   -14.549 1.00 56.60  ? 385 GLN A NE2 1 
ATOM   584  N  N   . TYR A 1 72  ? -7.091  4.622   -9.339  1.00 53.89  ? 386 TYR A N   1 
ATOM   585  C  CA  . TYR A 1 72  ? -7.438  3.885   -8.138  1.00 51.75  ? 386 TYR A CA  1 
ATOM   586  C  C   . TYR A 1 72  ? -6.933  4.451   -6.822  1.00 51.77  ? 386 TYR A C   1 
ATOM   587  O  O   . TYR A 1 72  ? -7.442  4.084   -5.774  1.00 53.09  ? 386 TYR A O   1 
ATOM   588  C  CB  . TYR A 1 72  ? -6.947  2.451   -8.273  1.00 50.77  ? 386 TYR A CB  1 
ATOM   589  C  CG  . TYR A 1 72  ? -7.523  1.750   -9.463  1.00 49.26  ? 386 TYR A CG  1 
ATOM   590  C  CD1 . TYR A 1 72  ? -6.700  1.224   -10.458 1.00 48.28  ? 386 TYR A CD1 1 
ATOM   591  C  CD2 . TYR A 1 72  ? -8.900  1.623   -9.604  1.00 47.99  ? 386 TYR A CD2 1 
ATOM   592  C  CE1 . TYR A 1 72  ? -7.245  0.586   -11.573 1.00 49.28  ? 386 TYR A CE1 1 
ATOM   593  C  CE2 . TYR A 1 72  ? -9.454  0.992   -10.703 1.00 48.22  ? 386 TYR A CE2 1 
ATOM   594  C  CZ  . TYR A 1 72  ? -8.633  0.479   -11.688 1.00 48.22  ? 386 TYR A CZ  1 
ATOM   595  O  OH  . TYR A 1 72  ? -9.215  -0.102  -12.791 1.00 48.41  ? 386 TYR A OH  1 
ATOM   596  N  N   . PHE A 1 73  ? -5.938  5.330   -6.861  1.00 53.01  ? 387 PHE A N   1 
ATOM   597  C  CA  . PHE A 1 73  ? -5.383  5.891   -5.632  1.00 53.87  ? 387 PHE A CA  1 
ATOM   598  C  C   . PHE A 1 73  ? -6.453  6.319   -4.630  1.00 56.57  ? 387 PHE A C   1 
ATOM   599  O  O   . PHE A 1 73  ? -6.587  5.738   -3.546  1.00 56.46  ? 387 PHE A O   1 
ATOM   600  C  CB  . PHE A 1 73  ? -4.485  7.090   -5.947  1.00 51.32  ? 387 PHE A CB  1 
ATOM   601  C  CG  . PHE A 1 73  ? -3.191  6.735   -6.634  1.00 48.99  ? 387 PHE A CG  1 
ATOM   602  C  CD1 . PHE A 1 73  ? -2.213  7.708   -6.835  1.00 47.16  ? 387 PHE A CD1 1 
ATOM   603  C  CD2 . PHE A 1 73  ? -2.955  5.446   -7.104  1.00 47.51  ? 387 PHE A CD2 1 
ATOM   604  C  CE1 . PHE A 1 73  ? -1.022  7.405   -7.497  1.00 45.71  ? 387 PHE A CE1 1 
ATOM   605  C  CE2 . PHE A 1 73  ? -1.768  5.140   -7.764  1.00 46.51  ? 387 PHE A CE2 1 
ATOM   606  C  CZ  . PHE A 1 73  ? -0.802  6.124   -7.961  1.00 43.90  ? 387 PHE A CZ  1 
ATOM   607  N  N   . GLU A 1 74  ? -7.204  7.346   -5.008  1.00 59.59  ? 388 GLU A N   1 
ATOM   608  C  CA  . GLU A 1 74  ? -8.275  7.902   -4.185  1.00 62.48  ? 388 GLU A CA  1 
ATOM   609  C  C   . GLU A 1 74  ? -9.087  6.800   -3.503  1.00 61.68  ? 388 GLU A C   1 
ATOM   610  O  O   . GLU A 1 74  ? -9.233  6.777   -2.280  1.00 62.22  ? 388 GLU A O   1 
ATOM   611  C  CB  . GLU A 1 74  ? -9.180  8.760   -5.075  1.00 66.17  ? 388 GLU A CB  1 
ATOM   612  C  CG  . GLU A 1 74  ? -10.396 9.382   -4.398  1.00 72.73  ? 388 GLU A CG  1 
ATOM   613  C  CD  . GLU A 1 74  ? -11.268 10.169  -5.379  1.00 75.88  ? 388 GLU A CD  1 
ATOM   614  O  OE1 . GLU A 1 74  ? -11.705 9.583   -6.406  1.00 76.14  ? 388 GLU A OE1 1 
ATOM   615  O  OE2 . GLU A 1 74  ? -11.513 11.373  -5.120  1.00 76.94  ? 388 GLU A OE2 1 
ATOM   616  N  N   . GLU A 1 75  ? -9.598  5.886   -4.315  1.00 60.80  ? 389 GLU A N   1 
ATOM   617  C  CA  . GLU A 1 75  ? -10.399 4.765   -3.847  1.00 59.84  ? 389 GLU A CA  1 
ATOM   618  C  C   . GLU A 1 75  ? -9.645  3.922   -2.822  1.00 58.37  ? 389 GLU A C   1 
ATOM   619  O  O   . GLU A 1 75  ? -10.148 3.636   -1.741  1.00 55.55  ? 389 GLU A O   1 
ATOM   620  C  CB  . GLU A 1 75  ? -10.758 3.904   -5.051  1.00 62.41  ? 389 GLU A CB  1 
ATOM   621  C  CG  . GLU A 1 75  ? -12.012 3.091   -4.925  1.00 67.06  ? 389 GLU A CG  1 
ATOM   622  C  CD  . GLU A 1 75  ? -12.151 2.115   -6.072  1.00 71.04  ? 389 GLU A CD  1 
ATOM   623  O  OE1 . GLU A 1 75  ? -11.993 2.533   -7.246  1.00 72.24  ? 389 GLU A OE1 1 
ATOM   624  O  OE2 . GLU A 1 75  ? -12.413 0.924   -5.799  1.00 75.48  ? 389 GLU A OE2 1 
ATOM   625  N  N   . ALA A 1 76  ? -8.432  3.519   -3.179  1.00 58.78  ? 390 ALA A N   1 
ATOM   626  C  CA  . ALA A 1 76  ? -7.600  2.698   -2.308  1.00 59.10  ? 390 ALA A CA  1 
ATOM   627  C  C   . ALA A 1 76  ? -7.312  3.426   -1.012  1.00 60.76  ? 390 ALA A C   1 
ATOM   628  O  O   . ALA A 1 76  ? -7.276  2.819   0.063   1.00 60.83  ? 390 ALA A O   1 
ATOM   629  C  CB  . ALA A 1 76  ? -6.299  2.360   -3.005  1.00 58.07  ? 390 ALA A CB  1 
ATOM   630  N  N   . PHE A 1 77  ? -7.101  4.733   -1.125  1.00 61.30  ? 391 PHE A N   1 
ATOM   631  C  CA  . PHE A 1 77  ? -6.805  5.558   0.034   1.00 61.56  ? 391 PHE A CA  1 
ATOM   632  C  C   . PHE A 1 77  ? -7.951  5.553   1.038   1.00 62.26  ? 391 PHE A C   1 
ATOM   633  O  O   . PHE A 1 77  ? -7.727  5.405   2.238   1.00 62.27  ? 391 PHE A O   1 
ATOM   634  C  CB  . PHE A 1 77  ? -6.495  6.982   -0.416  1.00 61.24  ? 391 PHE A CB  1 
ATOM   635  C  CG  . PHE A 1 77  ? -5.214  7.106   -1.189  1.00 62.55  ? 391 PHE A CG  1 
ATOM   636  C  CD1 . PHE A 1 77  ? -4.890  8.296   -1.835  1.00 62.62  ? 391 PHE A CD1 1 
ATOM   637  C  CD2 . PHE A 1 77  ? -4.326  6.028   -1.278  1.00 63.19  ? 391 PHE A CD2 1 
ATOM   638  C  CE1 . PHE A 1 77  ? -3.702  8.417   -2.560  1.00 63.05  ? 391 PHE A CE1 1 
ATOM   639  C  CE2 . PHE A 1 77  ? -3.135  6.137   -2.000  1.00 61.89  ? 391 PHE A CE2 1 
ATOM   640  C  CZ  . PHE A 1 77  ? -2.823  7.332   -2.643  1.00 62.79  ? 391 PHE A CZ  1 
ATOM   641  N  N   . GLU A 1 78  ? -9.177  5.706   0.552   1.00 63.12  ? 392 GLU A N   1 
ATOM   642  C  CA  . GLU A 1 78  ? -10.331 5.706   1.444   1.00 64.21  ? 392 GLU A CA  1 
ATOM   643  C  C   . GLU A 1 78  ? -10.416 4.383   2.188   1.00 62.42  ? 392 GLU A C   1 
ATOM   644  O  O   . GLU A 1 78  ? -10.502 4.353   3.410   1.00 61.64  ? 392 GLU A O   1 
ATOM   645  C  CB  . GLU A 1 78  ? -11.624 5.910   0.657   1.00 66.98  ? 392 GLU A CB  1 
ATOM   646  C  CG  . GLU A 1 78  ? -11.619 7.119   -0.252  1.00 72.96  ? 392 GLU A CG  1 
ATOM   647  C  CD  . GLU A 1 78  ? -12.995 7.411   -0.827  1.00 77.79  ? 392 GLU A CD  1 
ATOM   648  O  OE1 . GLU A 1 78  ? -13.887 7.820   -0.043  1.00 79.24  ? 392 GLU A OE1 1 
ATOM   649  O  OE2 . GLU A 1 78  ? -13.185 7.226   -2.057  1.00 80.09  ? 392 GLU A OE2 1 
ATOM   650  N  N   . PHE A 1 79  ? -10.388 3.292   1.433   1.00 61.21  ? 393 PHE A N   1 
ATOM   651  C  CA  . PHE A 1 79  ? -10.471 1.954   1.993   1.00 60.61  ? 393 PHE A CA  1 
ATOM   652  C  C   . PHE A 1 79  ? -9.387  1.765   3.040   1.00 61.54  ? 393 PHE A C   1 
ATOM   653  O  O   . PHE A 1 79  ? -9.615  1.115   4.054   1.00 62.07  ? 393 PHE A O   1 
ATOM   654  C  CB  . PHE A 1 79  ? -10.320 0.923   0.877   1.00 59.98  ? 393 PHE A CB  1 
ATOM   655  C  CG  . PHE A 1 79  ? -10.965 -0.397  1.172   1.00 58.04  ? 393 PHE A CG  1 
ATOM   656  C  CD1 . PHE A 1 79  ? -12.312 -0.472  1.490   1.00 57.66  ? 393 PHE A CD1 1 
ATOM   657  C  CD2 . PHE A 1 79  ? -10.236 -1.576  1.085   1.00 59.69  ? 393 PHE A CD2 1 
ATOM   658  C  CE1 . PHE A 1 79  ? -12.924 -1.707  1.715   1.00 57.03  ? 393 PHE A CE1 1 
ATOM   659  C  CE2 . PHE A 1 79  ? -10.844 -2.817  1.309   1.00 58.57  ? 393 PHE A CE2 1 
ATOM   660  C  CZ  . PHE A 1 79  ? -12.185 -2.878  1.621   1.00 56.37  ? 393 PHE A CZ  1 
ATOM   661  N  N   . ILE A 1 80  ? -8.205  2.319   2.797   1.00 62.73  ? 394 ILE A N   1 
ATOM   662  C  CA  . ILE A 1 80  ? -7.136  2.208   3.780   1.00 64.40  ? 394 ILE A CA  1 
ATOM   663  C  C   . ILE A 1 80  ? -7.539  3.021   5.002   1.00 66.07  ? 394 ILE A C   1 
ATOM   664  O  O   . ILE A 1 80  ? -7.389  2.556   6.123   1.00 65.88  ? 394 ILE A O   1 
ATOM   665  C  CB  . ILE A 1 80  ? -5.775  2.740   3.252   1.00 63.66  ? 394 ILE A CB  1 
ATOM   666  C  CG1 . ILE A 1 80  ? -5.212  1.773   2.213   1.00 63.35  ? 394 ILE A CG1 1 
ATOM   667  C  CG2 . ILE A 1 80  ? -4.780  2.908   4.408   1.00 60.61  ? 394 ILE A CG2 1 
ATOM   668  C  CD1 . ILE A 1 80  ? -3.856  2.178   1.673   1.00 63.03  ? 394 ILE A CD1 1 
ATOM   669  N  N   . GLU A 1 81  ? -8.057  4.228   4.785   1.00 69.14  ? 395 GLU A N   1 
ATOM   670  C  CA  . GLU A 1 81  ? -8.478  5.083   5.896   1.00 73.54  ? 395 GLU A CA  1 
ATOM   671  C  C   . GLU A 1 81  ? -9.660  4.512   6.671   1.00 73.91  ? 395 GLU A C   1 
ATOM   672  O  O   . GLU A 1 81  ? -9.755  4.691   7.880   1.00 74.21  ? 395 GLU A O   1 
ATOM   673  C  CB  . GLU A 1 81  ? -8.822  6.495   5.406   1.00 76.28  ? 395 GLU A CB  1 
ATOM   674  C  CG  . GLU A 1 81  ? -7.601  7.380   5.167   1.00 81.92  ? 395 GLU A CG  1 
ATOM   675  C  CD  . GLU A 1 81  ? -6.683  7.475   6.390   1.00 85.70  ? 395 GLU A CD  1 
ATOM   676  O  OE1 . GLU A 1 81  ? -7.111  8.011   7.441   1.00 86.63  ? 395 GLU A OE1 1 
ATOM   677  O  OE2 . GLU A 1 81  ? -5.526  7.006   6.294   1.00 87.67  ? 395 GLU A OE2 1 
ATOM   678  N  N   . GLU A 1 82  ? -10.566 3.838   5.976   1.00 74.92  ? 396 GLU A N   1 
ATOM   679  C  CA  . GLU A 1 82  ? -11.707 3.231   6.634   1.00 75.57  ? 396 GLU A CA  1 
ATOM   680  C  C   . GLU A 1 82  ? -11.176 2.179   7.608   1.00 75.44  ? 396 GLU A C   1 
ATOM   681  O  O   . GLU A 1 82  ? -11.598 2.122   8.757   1.00 76.58  ? 396 GLU A O   1 
ATOM   682  C  CB  . GLU A 1 82  ? -12.624 2.581   5.602   1.00 77.28  ? 396 GLU A CB  1 
ATOM   683  C  CG  . GLU A 1 82  ? -13.758 1.775   6.201   1.00 81.48  ? 396 GLU A CG  1 
ATOM   684  C  CD  . GLU A 1 82  ? -14.746 1.290   5.151   1.00 84.85  ? 396 GLU A CD  1 
ATOM   685  O  OE1 . GLU A 1 82  ? -15.656 0.510   5.507   1.00 85.66  ? 396 GLU A OE1 1 
ATOM   686  O  OE2 . GLU A 1 82  ? -14.617 1.691   3.969   1.00 86.41  ? 396 GLU A OE2 1 
ATOM   687  N  N   . ALA A 1 83  ? -10.239 1.358   7.147   1.00 74.70  ? 397 ALA A N   1 
ATOM   688  C  CA  . ALA A 1 83  ? -9.648  0.324   7.989   1.00 74.77  ? 397 ALA A CA  1 
ATOM   689  C  C   . ALA A 1 83  ? -8.948  0.954   9.189   1.00 75.71  ? 397 ALA A C   1 
ATOM   690  O  O   . ALA A 1 83  ? -8.967  0.414   10.294  1.00 75.08  ? 397 ALA A O   1 
ATOM   691  C  CB  . ALA A 1 83  ? -8.656  -0.496  7.185   1.00 73.17  ? 397 ALA A CB  1 
ATOM   692  N  N   . HIS A 1 84  ? -8.326  2.104   8.948   1.00 77.98  ? 398 HIS A N   1 
ATOM   693  C  CA  . HIS A 1 84  ? -7.600  2.856   9.969   1.00 79.30  ? 398 HIS A CA  1 
ATOM   694  C  C   . HIS A 1 84  ? -8.608  3.425   10.956  1.00 79.34  ? 398 HIS A C   1 
ATOM   695  O  O   . HIS A 1 84  ? -8.508  3.217   12.162  1.00 79.13  ? 398 HIS A O   1 
ATOM   696  C  CB  . HIS A 1 84  ? -6.835  4.004   9.302   1.00 80.64  ? 398 HIS A CB  1 
ATOM   697  C  CG  . HIS A 1 84  ? -5.851  4.693   10.197  1.00 83.35  ? 398 HIS A CG  1 
ATOM   698  N  ND1 . HIS A 1 84  ? -4.799  4.034   10.797  1.00 84.10  ? 398 HIS A ND1 1 
ATOM   699  C  CD2 . HIS A 1 84  ? -5.724  5.996   10.544  1.00 84.07  ? 398 HIS A CD2 1 
ATOM   700  C  CE1 . HIS A 1 84  ? -4.064  4.901   11.472  1.00 82.91  ? 398 HIS A CE1 1 
ATOM   701  N  NE2 . HIS A 1 84  ? -4.603  6.099   11.334  1.00 83.39  ? 398 HIS A NE2 1 
ATOM   702  N  N   . GLN A 1 85  ? -9.589  4.133   10.411  1.00 80.15  ? 399 GLN A N   1 
ATOM   703  C  CA  . GLN A 1 85  ? -10.638 4.767   11.194  1.00 80.62  ? 399 GLN A CA  1 
ATOM   704  C  C   . GLN A 1 85  ? -11.222 3.848   12.249  1.00 79.90  ? 399 GLN A C   1 
ATOM   705  O  O   . GLN A 1 85  ? -11.773 4.319   13.238  1.00 80.65  ? 399 GLN A O   1 
ATOM   706  C  CB  . GLN A 1 85  ? -11.761 5.253   10.269  1.00 82.87  ? 399 GLN A CB  1 
ATOM   707  C  CG  . GLN A 1 85  ? -12.745 6.226   10.915  1.00 87.16  ? 399 GLN A CG  1 
ATOM   708  C  CD  . GLN A 1 85  ? -12.065 7.479   11.471  1.00 89.89  ? 399 GLN A CD  1 
ATOM   709  O  OE1 . GLN A 1 85  ? -11.234 8.104   10.800  1.00 90.82  ? 399 GLN A OE1 1 
ATOM   710  N  NE2 . GLN A 1 85  ? -12.426 7.857   12.700  1.00 90.19  ? 399 GLN A NE2 1 
ATOM   711  N  N   . CYS A 1 86  ? -11.099 2.539   12.059  1.00 78.52  ? 400 CYS A N   1 
ATOM   712  C  CA  . CYS A 1 86  ? -11.662 1.619   13.033  1.00 76.77  ? 400 CYS A CA  1 
ATOM   713  C  C   . CYS A 1 86  ? -10.813 0.412   13.412  1.00 76.09  ? 400 CYS A C   1 
ATOM   714  O  O   . CYS A 1 86  ? -11.148 -0.727  13.091  1.00 76.27  ? 400 CYS A O   1 
ATOM   715  C  CB  . CYS A 1 86  ? -13.042 1.162   12.560  1.00 77.32  ? 400 CYS A CB  1 
ATOM   716  S  SG  . CYS A 1 86  ? -13.097 0.524   10.881  1.00 78.58  ? 400 CYS A SG  1 
ATOM   717  N  N   . GLY A 1 87  ? -9.715  0.689   14.108  1.00 74.96  ? 401 GLY A N   1 
ATOM   718  C  CA  . GLY A 1 87  ? -8.798  -0.333  14.599  1.00 73.91  ? 401 GLY A CA  1 
ATOM   719  C  C   . GLY A 1 87  ? -8.500  -1.603  13.823  1.00 73.72  ? 401 GLY A C   1 
ATOM   720  O  O   . GLY A 1 87  ? -7.855  -2.511  14.356  1.00 72.72  ? 401 GLY A O   1 
ATOM   721  N  N   . LYS A 1 88  ? -8.941  -1.682  12.572  1.00 74.51  ? 402 LYS A N   1 
ATOM   722  C  CA  . LYS A 1 88  ? -8.687  -2.875  11.770  1.00 74.12  ? 402 LYS A CA  1 
ATOM   723  C  C   . LYS A 1 88  ? -7.398  -2.743  10.970  1.00 71.74  ? 402 LYS A C   1 
ATOM   724  O  O   . LYS A 1 88  ? -6.969  -1.641  10.642  1.00 71.53  ? 402 LYS A O   1 
ATOM   725  C  CB  . LYS A 1 88  ? -9.857  -3.147  10.812  1.00 76.21  ? 402 LYS A CB  1 
ATOM   726  C  CG  . LYS A 1 88  ? -11.209 -3.383  11.488  1.00 79.04  ? 402 LYS A CG  1 
ATOM   727  C  CD  . LYS A 1 88  ? -11.115 -4.388  12.646  1.00 81.13  ? 402 LYS A CD  1 
ATOM   728  C  CE  . LYS A 1 88  ? -10.481 -5.716  12.231  1.00 82.63  ? 402 LYS A CE  1 
ATOM   729  N  NZ  . LYS A 1 88  ? -10.402 -6.663  13.382  1.00 81.73  ? 402 LYS A NZ  1 
ATOM   730  N  N   . GLY A 1 89  ? -6.778  -3.876  10.671  1.00 69.74  ? 403 GLY A N   1 
ATOM   731  C  CA  . GLY A 1 89  ? -5.559  -3.852  9.887   1.00 68.06  ? 403 GLY A CA  1 
ATOM   732  C  C   . GLY A 1 89  ? -5.904  -4.082  8.429   1.00 66.21  ? 403 GLY A C   1 
ATOM   733  O  O   . GLY A 1 89  ? -6.881  -4.759  8.131   1.00 67.15  ? 403 GLY A O   1 
ATOM   734  N  N   . LEU A 1 90  ? -5.121  -3.519  7.514   1.00 63.70  ? 404 LEU A N   1 
ATOM   735  C  CA  . LEU A 1 90  ? -5.392  -3.708  6.099   1.00 59.61  ? 404 LEU A CA  1 
ATOM   736  C  C   . LEU A 1 90  ? -4.199  -4.311  5.385   1.00 58.99  ? 404 LEU A C   1 
ATOM   737  O  O   . LEU A 1 90  ? -3.072  -3.842  5.522   1.00 58.39  ? 404 LEU A O   1 
ATOM   738  C  CB  . LEU A 1 90  ? -5.781  -2.384  5.440   1.00 57.70  ? 404 LEU A CB  1 
ATOM   739  C  CG  . LEU A 1 90  ? -6.113  -2.416  3.942   1.00 56.56  ? 404 LEU A CG  1 
ATOM   740  C  CD1 . LEU A 1 90  ? -7.061  -1.293  3.593   1.00 54.86  ? 404 LEU A CD1 1 
ATOM   741  C  CD2 . LEU A 1 90  ? -4.841  -2.309  3.126   1.00 56.49  ? 404 LEU A CD2 1 
ATOM   742  N  N   . LEU A 1 91  ? -4.470  -5.369  4.632   1.00 58.68  ? 405 LEU A N   1 
ATOM   743  C  CA  . LEU A 1 91  ? -3.454  -6.066  3.855   1.00 58.52  ? 405 LEU A CA  1 
ATOM   744  C  C   . LEU A 1 91  ? -3.706  -5.737  2.394   1.00 57.09  ? 405 LEU A C   1 
ATOM   745  O  O   . LEU A 1 91  ? -4.808  -5.938  1.896   1.00 58.44  ? 405 LEU A O   1 
ATOM   746  C  CB  . LEU A 1 91  ? -3.575  -7.579  4.068   1.00 60.36  ? 405 LEU A CB  1 
ATOM   747  C  CG  . LEU A 1 91  ? -3.101  -8.539  2.967   1.00 61.23  ? 405 LEU A CG  1 
ATOM   748  C  CD1 . LEU A 1 91  ? -1.589  -8.510  2.833   1.00 60.88  ? 405 LEU A CD1 1 
ATOM   749  C  CD2 . LEU A 1 91  ? -3.569  -9.943  3.313   1.00 61.27  ? 405 LEU A CD2 1 
ATOM   750  N  N   . ILE A 1 92  ? -2.695  -5.211  1.717   1.00 55.06  ? 406 ILE A N   1 
ATOM   751  C  CA  . ILE A 1 92  ? -2.815  -4.872  0.306   1.00 52.75  ? 406 ILE A CA  1 
ATOM   752  C  C   . ILE A 1 92  ? -1.808  -5.770  -0.389  1.00 52.02  ? 406 ILE A C   1 
ATOM   753  O  O   . ILE A 1 92  ? -0.728  -6.005  0.146   1.00 52.82  ? 406 ILE A O   1 
ATOM   754  C  CB  . ILE A 1 92  ? -2.494  -3.368  0.054   1.00 52.65  ? 406 ILE A CB  1 
ATOM   755  C  CG1 . ILE A 1 92  ? -2.638  -3.041  -1.438  1.00 51.68  ? 406 ILE A CG1 1 
ATOM   756  C  CG2 . ILE A 1 92  ? -1.107  -3.029  0.588   1.00 50.58  ? 406 ILE A CG2 1 
ATOM   757  C  CD1 . ILE A 1 92  ? -2.531  -1.559  -1.778  1.00 47.04  ? 406 ILE A CD1 1 
ATOM   758  N  N   . HIS A 1 93  ? -2.160  -6.284  -1.565  1.00 51.08  ? 407 HIS A N   1 
ATOM   759  C  CA  . HIS A 1 93  ? -1.285  -7.203  -2.285  1.00 48.68  ? 407 HIS A CA  1 
ATOM   760  C  C   . HIS A 1 93  ? -1.662  -7.305  -3.749  1.00 49.31  ? 407 HIS A C   1 
ATOM   761  O  O   . HIS A 1 93  ? -2.751  -6.898  -4.156  1.00 48.94  ? 407 HIS A O   1 
ATOM   762  C  CB  . HIS A 1 93  ? -1.434  -8.607  -1.709  1.00 47.19  ? 407 HIS A CB  1 
ATOM   763  C  CG  . HIS A 1 93  ? -2.659  -9.318  -2.203  1.00 46.15  ? 407 HIS A CG  1 
ATOM   764  N  ND1 . HIS A 1 93  ? -2.698  -9.969  -3.420  1.00 44.16  ? 407 HIS A ND1 1 
ATOM   765  C  CD2 . HIS A 1 93  ? -3.917  -9.377  -1.704  1.00 44.13  ? 407 HIS A CD2 1 
ATOM   766  C  CE1 . HIS A 1 93  ? -3.930  -10.392 -3.648  1.00 44.97  ? 407 HIS A CE1 1 
ATOM   767  N  NE2 . HIS A 1 93  ? -4.689  -10.044 -2.623  1.00 42.81  ? 407 HIS A NE2 1 
ATOM   768  N  N   . CYS A 1 94  ? -0.752  -7.875  -4.527  1.00 49.41  ? 408 CYS A N   1 
ATOM   769  C  CA  . CYS A 1 94  ? -0.981  -8.120  -5.936  1.00 51.88  ? 408 CYS A CA  1 
ATOM   770  C  C   . CYS A 1 94  ? -0.376  -9.500  -6.084  1.00 53.63  ? 408 CYS A C   1 
ATOM   771  O  O   . CYS A 1 94  ? -0.565  -10.327 -5.192  1.00 53.25  ? 408 CYS A O   1 
ATOM   772  C  CB  . CYS A 1 94  ? -0.290  -7.084  -6.827  1.00 51.31  ? 408 CYS A CB  1 
ATOM   773  S  SG  . CYS A 1 94  ? 1.475   -6.902  -6.621  1.00 55.65  ? 408 CYS A SG  1 
ATOM   774  N  N   . GLN A 1 95  ? 0.340   -9.779  -7.171  1.00 55.37  ? 409 GLN A N   1 
ATOM   775  C  CA  . GLN A 1 95  ? 0.915   -11.107 -7.308  1.00 57.62  ? 409 GLN A CA  1 
ATOM   776  C  C   . GLN A 1 95  ? 2.164   -11.262 -6.446  1.00 58.67  ? 409 GLN A C   1 
ATOM   777  O  O   . GLN A 1 95  ? 2.155   -11.990 -5.436  1.00 58.68  ? 409 GLN A O   1 
ATOM   778  C  CB  . GLN A 1 95  ? 1.229   -11.419 -8.775  1.00 58.66  ? 409 GLN A CB  1 
ATOM   779  C  CG  . GLN A 1 95  ? -0.034  -11.573 -9.623  1.00 63.31  ? 409 GLN A CG  1 
ATOM   780  C  CD  . GLN A 1 95  ? 0.223   -12.076 -11.045 1.00 65.63  ? 409 GLN A CD  1 
ATOM   781  O  OE1 . GLN A 1 95  ? 0.580   -13.238 -11.248 1.00 67.40  ? 409 GLN A OE1 1 
ATOM   782  N  NE2 . GLN A 1 95  ? 0.032   -11.198 -12.037 1.00 64.58  ? 409 GLN A NE2 1 
ATOM   783  N  N   . ALA A 1 96  ? 3.234   -10.571 -6.827  1.00 57.70  ? 410 ALA A N   1 
ATOM   784  C  CA  . ALA A 1 96  ? 4.477   -10.663 -6.076  1.00 57.32  ? 410 ALA A CA  1 
ATOM   785  C  C   . ALA A 1 96  ? 4.595   -9.553  -5.030  1.00 58.75  ? 410 ALA A C   1 
ATOM   786  O  O   . ALA A 1 96  ? 5.563   -9.516  -4.263  1.00 61.42  ? 410 ALA A O   1 
ATOM   787  C  CB  . ALA A 1 96  ? 5.663   -10.609 -7.037  1.00 52.48  ? 410 ALA A CB  1 
ATOM   788  N  N   . GLY A 1 97  ? 3.606   -8.662  -4.979  1.00 58.55  ? 411 GLY A N   1 
ATOM   789  C  CA  . GLY A 1 97  ? 3.686   -7.552  -4.047  1.00 56.41  ? 411 GLY A CA  1 
ATOM   790  C  C   . GLY A 1 97  ? 4.987   -6.832  -4.374  1.00 55.52  ? 411 GLY A C   1 
ATOM   791  O  O   . GLY A 1 97  ? 5.720   -6.393  -3.490  1.00 55.66  ? 411 GLY A O   1 
ATOM   792  N  N   . VAL A 1 98  ? 5.280   -6.723  -5.665  1.00 53.29  ? 412 VAL A N   1 
ATOM   793  C  CA  . VAL A 1 98  ? 6.503   -6.087  -6.106  1.00 52.66  ? 412 VAL A CA  1 
ATOM   794  C  C   . VAL A 1 98  ? 6.298   -4.780  -6.854  1.00 54.41  ? 412 VAL A C   1 
ATOM   795  O  O   . VAL A 1 98  ? 7.050   -3.827  -6.642  1.00 56.29  ? 412 VAL A O   1 
ATOM   796  C  CB  . VAL A 1 98  ? 7.325   -7.024  -7.035  1.00 51.44  ? 412 VAL A CB  1 
ATOM   797  C  CG1 . VAL A 1 98  ? 8.478   -6.247  -7.679  1.00 45.05  ? 412 VAL A CG1 1 
ATOM   798  C  CG2 . VAL A 1 98  ? 7.858   -8.208  -6.246  1.00 48.96  ? 412 VAL A CG2 1 
ATOM   799  N  N   . SER A 1 99  ? 5.297   -4.723  -7.727  1.00 53.14  ? 413 SER A N   1 
ATOM   800  C  CA  . SER A 1 99  ? 5.095   -3.508  -8.509  1.00 52.88  ? 413 SER A CA  1 
ATOM   801  C  C   . SER A 1 99  ? 3.778   -2.746  -8.294  1.00 54.45  ? 413 SER A C   1 
ATOM   802  O  O   . SER A 1 99  ? 3.792   -1.554  -7.980  1.00 55.87  ? 413 SER A O   1 
ATOM   803  C  CB  . SER A 1 99  ? 5.281   -3.836  -9.994  1.00 49.51  ? 413 SER A CB  1 
ATOM   804  O  OG  . SER A 1 99  ? 5.097   -2.694  -10.805 1.00 47.01  ? 413 SER A OG  1 
ATOM   805  N  N   . ARG A 1 100 ? 2.649   -3.421  -8.465  1.00 54.72  ? 414 ARG A N   1 
ATOM   806  C  CA  . ARG A 1 100 ? 1.358   -2.774  -8.298  1.00 54.83  ? 414 ARG A CA  1 
ATOM   807  C  C   . ARG A 1 100 ? 1.058   -2.361  -6.862  1.00 54.91  ? 414 ARG A C   1 
ATOM   808  O  O   . ARG A 1 100 ? 0.795   -1.194  -6.594  1.00 54.95  ? 414 ARG A O   1 
ATOM   809  C  CB  . ARG A 1 100 ? 0.256   -3.696  -8.812  1.00 55.47  ? 414 ARG A CB  1 
ATOM   810  C  CG  . ARG A 1 100 ? 0.183   -3.763  -10.328 1.00 57.43  ? 414 ARG A CG  1 
ATOM   811  C  CD  . ARG A 1 100 ? -0.625  -4.963  -10.798 1.00 57.30  ? 414 ARG A CD  1 
ATOM   812  N  NE  . ARG A 1 100 ? 0.074   -6.203  -10.480 1.00 57.76  ? 414 ARG A NE  1 
ATOM   813  C  CZ  . ARG A 1 100 ? -0.414  -7.415  -10.707 1.00 55.33  ? 414 ARG A CZ  1 
ATOM   814  N  NH1 . ARG A 1 100 ? -1.609  -7.554  -11.258 1.00 55.28  ? 414 ARG A NH1 1 
ATOM   815  N  NH2 . ARG A 1 100 ? 0.291   -8.485  -10.369 1.00 55.29  ? 414 ARG A NH2 1 
ATOM   816  N  N   . SER A 1 101 ? 1.091   -3.321  -5.946  1.00 54.84  ? 415 SER A N   1 
ATOM   817  C  CA  . SER A 1 101 ? 0.804   -3.057  -4.537  1.00 54.23  ? 415 SER A CA  1 
ATOM   818  C  C   . SER A 1 101 ? 1.667   -1.931  -4.000  1.00 53.37  ? 415 SER A C   1 
ATOM   819  O  O   . SER A 1 101 ? 1.180   -1.014  -3.332  1.00 51.93  ? 415 SER A O   1 
ATOM   820  C  CB  . SER A 1 101 ? 1.067   -4.309  -3.697  1.00 54.41  ? 415 SER A CB  1 
ATOM   821  O  OG  . SER A 1 101 ? 0.430   -5.441  -4.236  1.00 56.97  ? 415 SER A OG  1 
ATOM   822  N  N   . ALA A 1 102 ? 2.961   -2.030  -4.288  1.00 53.05  ? 416 ALA A N   1 
ATOM   823  C  CA  . ALA A 1 102 ? 3.937   -1.055  -3.839  1.00 51.83  ? 416 ALA A CA  1 
ATOM   824  C  C   . ALA A 1 102 ? 3.597   0.344   -4.334  1.00 50.58  ? 416 ALA A C   1 
ATOM   825  O  O   . ALA A 1 102 ? 3.644   1.303   -3.558  1.00 51.13  ? 416 ALA A O   1 
ATOM   826  C  CB  . ALA A 1 102 ? 5.323   -1.464  -4.309  1.00 51.88  ? 416 ALA A CB  1 
ATOM   827  N  N   . THR A 1 103 ? 3.257   0.465   -5.614  1.00 46.62  ? 417 THR A N   1 
ATOM   828  C  CA  . THR A 1 103 ? 2.910   1.771   -6.158  1.00 47.64  ? 417 THR A CA  1 
ATOM   829  C  C   . THR A 1 103 ? 1.784   2.402   -5.339  1.00 46.42  ? 417 THR A C   1 
ATOM   830  O  O   . THR A 1 103 ? 1.791   3.602   -5.092  1.00 46.72  ? 417 THR A O   1 
ATOM   831  C  CB  . THR A 1 103 ? 2.446   1.689   -7.640  1.00 49.63  ? 417 THR A CB  1 
ATOM   832  O  OG1 . THR A 1 103 ? 3.486   1.125   -8.446  1.00 51.22  ? 417 THR A OG1 1 
ATOM   833  C  CG2 . THR A 1 103 ? 2.121   3.076   -8.172  1.00 48.62  ? 417 THR A CG2 1 
ATOM   834  N  N   . ILE A 1 104 ? 0.817   1.593   -4.921  1.00 44.67  ? 418 ILE A N   1 
ATOM   835  C  CA  . ILE A 1 104 ? -0.300  2.099   -4.138  1.00 44.74  ? 418 ILE A CA  1 
ATOM   836  C  C   . ILE A 1 104 ? 0.149   2.588   -2.774  1.00 44.33  ? 418 ILE A C   1 
ATOM   837  O  O   . ILE A 1 104 ? -0.241  3.662   -2.326  1.00 43.03  ? 418 ILE A O   1 
ATOM   838  C  CB  . ILE A 1 104 ? -1.386  1.017   -3.926  1.00 46.31  ? 418 ILE A CB  1 
ATOM   839  C  CG1 . ILE A 1 104 ? -2.111  0.735   -5.243  1.00 46.43  ? 418 ILE A CG1 1 
ATOM   840  C  CG2 . ILE A 1 104 ? -2.404  1.488   -2.888  1.00 45.27  ? 418 ILE A CG2 1 
ATOM   841  C  CD1 . ILE A 1 104 ? -2.966  1.880   -5.711  1.00 46.88  ? 418 ILE A CD1 1 
ATOM   842  N  N   . VAL A 1 105 ? 0.969   1.789   -2.109  1.00 45.72  ? 419 VAL A N   1 
ATOM   843  C  CA  . VAL A 1 105 ? 1.451   2.150   -0.779  1.00 46.63  ? 419 VAL A CA  1 
ATOM   844  C  C   . VAL A 1 105 ? 2.342   3.394   -0.836  1.00 46.20  ? 419 VAL A C   1 
ATOM   845  O  O   . VAL A 1 105 ? 2.228   4.285   0.004   1.00 47.05  ? 419 VAL A O   1 
ATOM   846  C  CB  . VAL A 1 105 ? 2.230   0.980   -0.128  1.00 46.21  ? 419 VAL A CB  1 
ATOM   847  C  CG1 . VAL A 1 105 ? 2.664   1.367   1.259   1.00 47.10  ? 419 VAL A CG1 1 
ATOM   848  C  CG2 . VAL A 1 105 ? 1.361   -0.266  -0.077  1.00 44.28  ? 419 VAL A CG2 1 
ATOM   849  N  N   . ILE A 1 106 ? 3.230   3.452   -1.822  1.00 45.12  ? 420 ILE A N   1 
ATOM   850  C  CA  . ILE A 1 106 ? 4.095   4.609   -1.959  1.00 44.74  ? 420 ILE A CA  1 
ATOM   851  C  C   . ILE A 1 106 ? 3.197   5.831   -2.143  1.00 44.16  ? 420 ILE A C   1 
ATOM   852  O  O   . ILE A 1 106 ? 3.331   6.818   -1.436  1.00 45.38  ? 420 ILE A O   1 
ATOM   853  C  CB  . ILE A 1 106 ? 5.061   4.451   -3.162  1.00 45.07  ? 420 ILE A CB  1 
ATOM   854  C  CG1 . ILE A 1 106 ? 6.107   3.374   -2.843  1.00 45.45  ? 420 ILE A CG1 1 
ATOM   855  C  CG2 . ILE A 1 106 ? 5.759   5.785   -3.475  1.00 43.49  ? 420 ILE A CG2 1 
ATOM   856  C  CD1 . ILE A 1 106 ? 7.034   3.039   -4.020  1.00 45.12  ? 420 ILE A CD1 1 
ATOM   857  N  N   . ALA A 1 107 ? 2.264   5.747   -3.081  1.00 44.25  ? 421 ALA A N   1 
ATOM   858  C  CA  . ALA A 1 107 ? 1.338   6.840   -3.331  1.00 43.54  ? 421 ALA A CA  1 
ATOM   859  C  C   . ALA A 1 107 ? 0.637   7.249   -2.035  1.00 44.76  ? 421 ALA A C   1 
ATOM   860  O  O   . ALA A 1 107 ? 0.482   8.435   -1.743  1.00 44.85  ? 421 ALA A O   1 
ATOM   861  C  CB  . ALA A 1 107 ? 0.320   6.415   -4.361  1.00 41.79  ? 421 ALA A CB  1 
ATOM   862  N  N   . TYR A 1 108 ? 0.220   6.255   -1.257  1.00 46.02  ? 422 TYR A N   1 
ATOM   863  C  CA  . TYR A 1 108 ? -0.460  6.496   0.003   1.00 46.70  ? 422 TYR A CA  1 
ATOM   864  C  C   . TYR A 1 108 ? 0.412   7.343   0.916   1.00 48.08  ? 422 TYR A C   1 
ATOM   865  O  O   . TYR A 1 108 ? 0.012   8.427   1.349   1.00 46.66  ? 422 TYR A O   1 
ATOM   866  C  CB  . TYR A 1 108 ? -0.768  5.170   0.693   1.00 47.50  ? 422 TYR A CB  1 
ATOM   867  C  CG  . TYR A 1 108 ? -1.411  5.349   2.047   1.00 50.30  ? 422 TYR A CG  1 
ATOM   868  C  CD1 . TYR A 1 108 ? -2.735  5.772   2.163   1.00 50.40  ? 422 TYR A CD1 1 
ATOM   869  C  CD2 . TYR A 1 108 ? -0.680  5.139   3.217   1.00 51.60  ? 422 TYR A CD2 1 
ATOM   870  C  CE1 . TYR A 1 108 ? -3.313  5.985   3.398   1.00 51.87  ? 422 TYR A CE1 1 
ATOM   871  C  CE2 . TYR A 1 108 ? -1.250  5.350   4.465   1.00 52.46  ? 422 TYR A CE2 1 
ATOM   872  C  CZ  . TYR A 1 108 ? -2.568  5.773   4.550   1.00 54.69  ? 422 TYR A CZ  1 
ATOM   873  O  OH  . TYR A 1 108 ? -3.142  5.983   5.791   1.00 56.69  ? 422 TYR A OH  1 
ATOM   874  N  N   . LEU A 1 109 ? 1.606   6.835   1.212   1.00 49.20  ? 423 LEU A N   1 
ATOM   875  C  CA  . LEU A 1 109 ? 2.539   7.540   2.081   1.00 51.07  ? 423 LEU A CA  1 
ATOM   876  C  C   . LEU A 1 109 ? 2.744   8.968   1.600   1.00 53.02  ? 423 LEU A C   1 
ATOM   877  O  O   . LEU A 1 109 ? 3.018   9.865   2.390   1.00 53.38  ? 423 LEU A O   1 
ATOM   878  C  CB  . LEU A 1 109 ? 3.887   6.811   2.129   1.00 48.93  ? 423 LEU A CB  1 
ATOM   879  C  CG  . LEU A 1 109 ? 3.910   5.432   2.809   1.00 49.29  ? 423 LEU A CG  1 
ATOM   880  C  CD1 . LEU A 1 109 ? 5.304   4.837   2.742   1.00 46.02  ? 423 LEU A CD1 1 
ATOM   881  C  CD2 . LEU A 1 109 ? 3.480   5.558   4.252   1.00 47.69  ? 423 LEU A CD2 1 
ATOM   882  N  N   . MET A 1 110 ? 2.595   9.178   0.298   1.00 54.75  ? 424 MET A N   1 
ATOM   883  C  CA  . MET A 1 110 ? 2.785   10.499  -0.281  1.00 56.38  ? 424 MET A CA  1 
ATOM   884  C  C   . MET A 1 110 ? 1.658   11.454  0.074   1.00 58.24  ? 424 MET A C   1 
ATOM   885  O  O   . MET A 1 110 ? 1.900   12.549  0.591   1.00 59.38  ? 424 MET A O   1 
ATOM   886  C  CB  . MET A 1 110 ? 2.924   10.388  -1.803  1.00 55.11  ? 424 MET A CB  1 
ATOM   887  C  CG  . MET A 1 110 ? 4.282   9.855   -2.257  1.00 53.29  ? 424 MET A CG  1 
ATOM   888  S  SD  . MET A 1 110 ? 4.338   9.393   -4.001  1.00 51.52  ? 424 MET A SD  1 
ATOM   889  C  CE  . MET A 1 110 ? 3.984   10.935  -4.829  1.00 52.05  ? 424 MET A CE  1 
ATOM   890  N  N   . LYS A 1 111 ? 0.431   11.021  -0.198  1.00 58.78  ? 425 LYS A N   1 
ATOM   891  C  CA  . LYS A 1 111 ? -0.771  11.803  0.057   1.00 60.04  ? 425 LYS A CA  1 
ATOM   892  C  C   . LYS A 1 111 ? -1.019  12.106  1.535   1.00 61.47  ? 425 LYS A C   1 
ATOM   893  O  O   . LYS A 1 111 ? -1.426  13.207  1.888   1.00 60.66  ? 425 LYS A O   1 
ATOM   894  C  CB  . LYS A 1 111 ? -1.981  11.049  -0.498  1.00 60.65  ? 425 LYS A CB  1 
ATOM   895  C  CG  . LYS A 1 111 ? -3.323  11.741  -0.333  1.00 62.09  ? 425 LYS A CG  1 
ATOM   896  C  CD  . LYS A 1 111 ? -3.598  12.700  -1.485  1.00 64.95  ? 425 LYS A CD  1 
ATOM   897  C  CE  . LYS A 1 111 ? -5.034  13.202  -1.467  1.00 64.12  ? 425 LYS A CE  1 
ATOM   898  N  NZ  . LYS A 1 111 ? -6.016  12.085  -1.419  1.00 68.04  ? 425 LYS A NZ  1 
ATOM   899  N  N   . HIS A 1 112 ? -0.770  11.130  2.398   1.00 63.66  ? 426 HIS A N   1 
ATOM   900  C  CA  . HIS A 1 112 ? -1.031  11.306  3.820   1.00 66.35  ? 426 HIS A CA  1 
ATOM   901  C  C   . HIS A 1 112 ? 0.176   11.590  4.691   1.00 68.41  ? 426 HIS A C   1 
ATOM   902  O  O   . HIS A 1 112 ? 0.113   11.407  5.910   1.00 69.66  ? 426 HIS A O   1 
ATOM   903  C  CB  . HIS A 1 112 ? -1.765  10.075  4.367   1.00 66.29  ? 426 HIS A CB  1 
ATOM   904  C  CG  . HIS A 1 112 ? -3.103  9.854   3.738   1.00 67.03  ? 426 HIS A CG  1 
ATOM   905  N  ND1 . HIS A 1 112 ? -3.250  9.395   2.448   1.00 67.76  ? 426 HIS A ND1 1 
ATOM   906  C  CD2 . HIS A 1 112 ? -4.353  10.093  4.197   1.00 67.05  ? 426 HIS A CD2 1 
ATOM   907  C  CE1 . HIS A 1 112 ? -4.532  9.363   2.138   1.00 68.38  ? 426 HIS A CE1 1 
ATOM   908  N  NE2 . HIS A 1 112 ? -5.224  9.783   3.181   1.00 67.58  ? 426 HIS A NE2 1 
ATOM   909  N  N   . THR A 1 113 ? 1.268   12.043  4.084   1.00 69.96  ? 427 THR A N   1 
ATOM   910  C  CA  . THR A 1 113 ? 2.467   12.328  4.855   1.00 69.43  ? 427 THR A CA  1 
ATOM   911  C  C   . THR A 1 113 ? 3.432   13.249  4.140   1.00 70.21  ? 427 THR A C   1 
ATOM   912  O  O   . THR A 1 113 ? 4.632   13.108  4.308   1.00 71.04  ? 427 THR A O   1 
ATOM   913  C  CB  . THR A 1 113 ? 3.223   11.025  5.216   1.00 69.77  ? 427 THR A CB  1 
ATOM   914  O  OG1 . THR A 1 113 ? 2.346   10.124  5.910   1.00 70.28  ? 427 THR A OG1 1 
ATOM   915  C  CG2 . THR A 1 113 ? 4.388   11.328  6.120   1.00 70.62  ? 427 THR A CG2 1 
ATOM   916  N  N   . ARG A 1 114 ? 2.917   14.187  3.347   1.00 71.33  ? 428 ARG A N   1 
ATOM   917  C  CA  . ARG A 1 114 ? 3.757   15.149  2.610   1.00 72.31  ? 428 ARG A CA  1 
ATOM   918  C  C   . ARG A 1 114 ? 5.208   14.643  2.350   1.00 70.36  ? 428 ARG A C   1 
ATOM   919  O  O   . ARG A 1 114 ? 6.152   15.428  2.161   1.00 68.73  ? 428 ARG A O   1 
ATOM   920  C  CB  . ARG A 1 114 ? 3.784   16.494  3.369   1.00 75.11  ? 428 ARG A CB  1 
ATOM   921  C  CG  . ARG A 1 114 ? 4.343   17.667  2.556   1.00 77.51  ? 428 ARG A CG  1 
ATOM   922  C  CD  . ARG A 1 114 ? 4.931   18.774  3.440   1.00 81.16  ? 428 ARG A CD  1 
ATOM   923  N  NE  . ARG A 1 114 ? 4.054   19.933  3.574   1.00 82.42  ? 428 ARG A NE  1 
ATOM   924  C  CZ  . ARG A 1 114 ? 3.037   20.011  4.423   1.00 83.27  ? 428 ARG A CZ  1 
ATOM   925  N  NH1 . ARG A 1 114 ? 2.766   18.993  5.232   1.00 83.31  ? 428 ARG A NH1 1 
ATOM   926  N  NH2 . ARG A 1 114 ? 2.281   21.104  4.449   1.00 84.02  ? 428 ARG A NH2 1 
ATOM   927  N  N   . MET A 1 115 ? 5.350   13.318  2.324   1.00 68.03  ? 429 MET A N   1 
ATOM   928  C  CA  . MET A 1 115 ? 6.611   12.622  2.100   1.00 64.99  ? 429 MET A CA  1 
ATOM   929  C  C   . MET A 1 115 ? 6.932   12.696  0.612   1.00 63.95  ? 429 MET A C   1 
ATOM   930  O  O   . MET A 1 115 ? 6.027   12.653  -0.219  1.00 64.13  ? 429 MET A O   1 
ATOM   931  C  CB  . MET A 1 115 ? 6.448   11.166  2.539   1.00 61.84  ? 429 MET A CB  1 
ATOM   932  C  CG  . MET A 1 115 ? 7.708   10.353  2.542   1.00 61.96  ? 429 MET A CG  1 
ATOM   933  S  SD  . MET A 1 115 ? 7.560   8.835   3.525   1.00 65.33  ? 429 MET A SD  1 
ATOM   934  C  CE  . MET A 1 115 ? 6.143   9.190   4.510   1.00 66.04  ? 429 MET A CE  1 
ATOM   935  N  N   . THR A 1 116 ? 8.205   12.825  0.259   1.00 62.80  ? 430 THR A N   1 
ATOM   936  C  CA  . THR A 1 116 ? 8.534   12.886  -1.159  1.00 61.97  ? 430 THR A CA  1 
ATOM   937  C  C   . THR A 1 116 ? 8.375   11.522  -1.809  1.00 60.76  ? 430 THR A C   1 
ATOM   938  O  O   . THR A 1 116 ? 8.368   10.488  -1.140  1.00 59.37  ? 430 THR A O   1 
ATOM   939  C  CB  . THR A 1 116 ? 9.961   13.371  -1.411  1.00 60.88  ? 430 THR A CB  1 
ATOM   940  O  OG1 . THR A 1 116 ? 10.869  12.589  -0.636  1.00 61.98  ? 430 THR A OG1 1 
ATOM   941  C  CG2 . THR A 1 116 ? 10.094  14.822  -1.049  1.00 59.89  ? 430 THR A CG2 1 
ATOM   942  N  N   . MET A 1 117 ? 8.246   11.535  -3.126  1.00 60.11  ? 431 MET A N   1 
ATOM   943  C  CA  . MET A 1 117 ? 8.069   10.316  -3.882  1.00 61.09  ? 431 MET A CA  1 
ATOM   944  C  C   . MET A 1 117 ? 9.242   9.382   -3.631  1.00 61.81  ? 431 MET A C   1 
ATOM   945  O  O   . MET A 1 117 ? 9.068   8.174   -3.493  1.00 63.46  ? 431 MET A O   1 
ATOM   946  C  CB  . MET A 1 117 ? 7.968   10.661  -5.361  1.00 60.67  ? 431 MET A CB  1 
ATOM   947  C  CG  . MET A 1 117 ? 7.357   9.590   -6.210  1.00 62.73  ? 431 MET A CG  1 
ATOM   948  S  SD  . MET A 1 117 ? 8.530   9.026   -7.417  1.00 66.36  ? 431 MET A SD  1 
ATOM   949  C  CE  . MET A 1 117 ? 9.322   7.762   -6.447  1.00 65.31  ? 431 MET A CE  1 
ATOM   950  N  N   . THR A 1 118 ? 10.435  9.957   -3.550  1.00 61.68  ? 432 THR A N   1 
ATOM   951  C  CA  . THR A 1 118 ? 11.647  9.186   -3.337  1.00 59.88  ? 432 THR A CA  1 
ATOM   952  C  C   . THR A 1 118 ? 11.758  8.688   -1.912  1.00 59.68  ? 432 THR A C   1 
ATOM   953  O  O   . THR A 1 118 ? 12.225  7.574   -1.679  1.00 59.43  ? 432 THR A O   1 
ATOM   954  C  CB  . THR A 1 118 ? 12.874  10.025  -3.679  1.00 61.31  ? 432 THR A CB  1 
ATOM   955  O  OG1 . THR A 1 118 ? 12.724  10.559  -5.005  1.00 61.34  ? 432 THR A OG1 1 
ATOM   956  C  CG2 . THR A 1 118 ? 14.131  9.174   -3.616  1.00 61.94  ? 432 THR A CG2 1 
ATOM   957  N  N   . ASP A 1 119 ? 11.337  9.517   -0.959  1.00 59.99  ? 433 ASP A N   1 
ATOM   958  C  CA  . ASP A 1 119 ? 11.362  9.135   0.453   1.00 60.19  ? 433 ASP A CA  1 
ATOM   959  C  C   . ASP A 1 119 ? 10.422  7.961   0.677   1.00 58.49  ? 433 ASP A C   1 
ATOM   960  O  O   . ASP A 1 119 ? 10.784  6.978   1.323   1.00 57.37  ? 433 ASP A O   1 
ATOM   961  C  CB  . ASP A 1 119 ? 10.906  10.286  1.355   1.00 63.65  ? 433 ASP A CB  1 
ATOM   962  C  CG  . ASP A 1 119 ? 12.043  11.208  1.765   1.00 65.87  ? 433 ASP A CG  1 
ATOM   963  O  OD1 . ASP A 1 119 ? 13.175  10.717  1.984   1.00 64.50  ? 433 ASP A OD1 1 
ATOM   964  O  OD2 . ASP A 1 119 ? 11.784  12.427  1.887   1.00 67.84  ? 433 ASP A OD2 1 
ATOM   965  N  N   . ALA A 1 120 ? 9.202   8.079   0.154   1.00 57.02  ? 434 ALA A N   1 
ATOM   966  C  CA  . ALA A 1 120 ? 8.210   7.015   0.289   1.00 55.84  ? 434 ALA A CA  1 
ATOM   967  C  C   . ALA A 1 120 ? 8.739   5.747   -0.377  1.00 55.25  ? 434 ALA A C   1 
ATOM   968  O  O   . ALA A 1 120 ? 8.698   4.655   0.204   1.00 54.02  ? 434 ALA A O   1 
ATOM   969  C  CB  . ALA A 1 120 ? 6.888   7.436   -0.353  1.00 54.44  ? 434 ALA A CB  1 
ATOM   970  N  N   . TYR A 1 121 ? 9.243   5.905   -1.597  1.00 53.39  ? 435 TYR A N   1 
ATOM   971  C  CA  . TYR A 1 121 ? 9.780   4.781   -2.336  1.00 53.08  ? 435 TYR A CA  1 
ATOM   972  C  C   . TYR A 1 121 ? 10.857  4.122   -1.490  1.00 53.39  ? 435 TYR A C   1 
ATOM   973  O  O   . TYR A 1 121 ? 10.828  2.914   -1.269  1.00 53.50  ? 435 TYR A O   1 
ATOM   974  C  CB  . TYR A 1 121 ? 10.353  5.254   -3.679  1.00 52.22  ? 435 TYR A CB  1 
ATOM   975  C  CG  . TYR A 1 121 ? 10.708  4.141   -4.648  1.00 51.34  ? 435 TYR A CG  1 
ATOM   976  C  CD1 . TYR A 1 121 ? 10.821  4.393   -6.014  1.00 52.19  ? 435 TYR A CD1 1 
ATOM   977  C  CD2 . TYR A 1 121 ? 10.949  2.840   -4.202  1.00 50.93  ? 435 TYR A CD2 1 
ATOM   978  C  CE1 . TYR A 1 121 ? 11.168  3.380   -6.913  1.00 50.59  ? 435 TYR A CE1 1 
ATOM   979  C  CE2 . TYR A 1 121 ? 11.296  1.828   -5.086  1.00 49.42  ? 435 TYR A CE2 1 
ATOM   980  C  CZ  . TYR A 1 121 ? 11.406  2.104   -6.435  1.00 50.19  ? 435 TYR A CZ  1 
ATOM   981  O  OH  . TYR A 1 121 ? 11.785  1.111   -7.300  1.00 51.39  ? 435 TYR A OH  1 
ATOM   982  N  N   . LYS A 1 122 ? 11.800  4.915   -0.997  1.00 54.56  ? 436 LYS A N   1 
ATOM   983  C  CA  . LYS A 1 122 ? 12.866  4.356   -0.174  1.00 54.95  ? 436 LYS A CA  1 
ATOM   984  C  C   . LYS A 1 122 ? 12.326  3.728   1.103   1.00 54.77  ? 436 LYS A C   1 
ATOM   985  O  O   . LYS A 1 122 ? 12.730  2.629   1.477   1.00 55.53  ? 436 LYS A O   1 
ATOM   986  C  CB  . LYS A 1 122 ? 13.895  5.427   0.179   1.00 54.81  ? 436 LYS A CB  1 
ATOM   987  C  CG  . LYS A 1 122 ? 14.652  5.959   -1.014  1.00 53.97  ? 436 LYS A CG  1 
ATOM   988  C  CD  . LYS A 1 122 ? 15.776  6.871   -0.590  1.00 54.38  ? 436 LYS A CD  1 
ATOM   989  C  CE  . LYS A 1 122 ? 16.528  7.370   -1.804  1.00 58.61  ? 436 LYS A CE  1 
ATOM   990  N  NZ  . LYS A 1 122 ? 17.473  8.460   -1.472  1.00 60.99  ? 436 LYS A NZ  1 
ATOM   991  N  N   . PHE A 1 123 ? 11.408  4.420   1.767   1.00 54.56  ? 437 PHE A N   1 
ATOM   992  C  CA  . PHE A 1 123 ? 10.837  3.909   3.004   1.00 55.62  ? 437 PHE A CA  1 
ATOM   993  C  C   . PHE A 1 123 ? 10.283  2.500   2.845   1.00 56.11  ? 437 PHE A C   1 
ATOM   994  O  O   . PHE A 1 123 ? 10.696  1.588   3.560   1.00 57.66  ? 437 PHE A O   1 
ATOM   995  C  CB  . PHE A 1 123 ? 9.729   4.829   3.502   1.00 56.31  ? 437 PHE A CB  1 
ATOM   996  C  CG  . PHE A 1 123 ? 9.095   4.361   4.777   1.00 57.22  ? 437 PHE A CG  1 
ATOM   997  C  CD1 . PHE A 1 123 ? 9.760   4.506   5.992   1.00 57.92  ? 437 PHE A CD1 1 
ATOM   998  C  CD2 . PHE A 1 123 ? 7.844   3.743   4.761   1.00 56.26  ? 437 PHE A CD2 1 
ATOM   999  C  CE1 . PHE A 1 123 ? 9.185   4.039   7.175   1.00 58.68  ? 437 PHE A CE1 1 
ATOM   1000 C  CE2 . PHE A 1 123 ? 7.258   3.271   5.929   1.00 56.12  ? 437 PHE A CE2 1 
ATOM   1001 C  CZ  . PHE A 1 123 ? 7.924   3.416   7.142   1.00 57.50  ? 437 PHE A CZ  1 
ATOM   1002 N  N   . VAL A 1 124 ? 9.342   2.328   1.917   1.00 55.98  ? 438 VAL A N   1 
ATOM   1003 C  CA  . VAL A 1 124 ? 8.723   1.028   1.659   1.00 53.75  ? 438 VAL A CA  1 
ATOM   1004 C  C   . VAL A 1 124 ? 9.796   0.024   1.263   1.00 53.15  ? 438 VAL A C   1 
ATOM   1005 O  O   . VAL A 1 124 ? 9.827   -1.118  1.729   1.00 52.93  ? 438 VAL A O   1 
ATOM   1006 C  CB  . VAL A 1 124 ? 7.691   1.141   0.522   1.00 52.96  ? 438 VAL A CB  1 
ATOM   1007 C  CG1 . VAL A 1 124 ? 7.234   -0.232  0.070   1.00 54.01  ? 438 VAL A CG1 1 
ATOM   1008 C  CG2 . VAL A 1 124 ? 6.513   1.941   0.989   1.00 53.17  ? 438 VAL A CG2 1 
ATOM   1009 N  N   . LYS A 1 125 ? 10.685  0.471   0.393   1.00 52.74  ? 439 LYS A N   1 
ATOM   1010 C  CA  . LYS A 1 125 ? 11.782  -0.360  -0.087  1.00 55.18  ? 439 LYS A CA  1 
ATOM   1011 C  C   . LYS A 1 125 ? 12.611  -0.884  1.082   1.00 56.50  ? 439 LYS A C   1 
ATOM   1012 O  O   . LYS A 1 125 ? 12.978  -2.071  1.135   1.00 57.73  ? 439 LYS A O   1 
ATOM   1013 C  CB  . LYS A 1 125 ? 12.675  0.466   -0.989  1.00 55.44  ? 439 LYS A CB  1 
ATOM   1014 C  CG  . LYS A 1 125 ? 13.900  -0.254  -1.454  1.00 55.58  ? 439 LYS A CG  1 
ATOM   1015 C  CD  . LYS A 1 125 ? 13.620  -1.074  -2.681  1.00 56.50  ? 439 LYS A CD  1 
ATOM   1016 C  CE  . LYS A 1 125 ? 14.932  -1.470  -3.340  1.00 57.39  ? 439 LYS A CE  1 
ATOM   1017 N  NZ  . LYS A 1 125 ? 14.662  -2.321  -4.530  1.00 62.45  ? 439 LYS A NZ  1 
ATOM   1018 N  N   . GLY A 1 126 ? 12.914  0.019   2.014   1.00 56.84  ? 440 GLY A N   1 
ATOM   1019 C  CA  . GLY A 1 126 ? 13.690  -0.350  3.178   1.00 56.04  ? 440 GLY A CA  1 
ATOM   1020 C  C   . GLY A 1 126 ? 13.052  -1.526  3.877   1.00 55.92  ? 440 GLY A C   1 
ATOM   1021 O  O   . GLY A 1 126 ? 13.733  -2.481  4.260   1.00 56.85  ? 440 GLY A O   1 
ATOM   1022 N  N   . LYS A 1 127 ? 11.736  -1.473  4.032   1.00 56.05  ? 441 LYS A N   1 
ATOM   1023 C  CA  . LYS A 1 127 ? 11.023  -2.556  4.706   1.00 56.28  ? 441 LYS A CA  1 
ATOM   1024 C  C   . LYS A 1 127 ? 10.737  -3.784  3.816   1.00 55.94  ? 441 LYS A C   1 
ATOM   1025 O  O   . LYS A 1 127 ? 10.478  -4.878  4.349   1.00 56.52  ? 441 LYS A O   1 
ATOM   1026 C  CB  . LYS A 1 127 ? 9.698   -2.033  5.290   1.00 55.14  ? 441 LYS A CB  1 
ATOM   1027 C  CG  . LYS A 1 127 ? 9.851   -1.095  6.486   1.00 55.31  ? 441 LYS A CG  1 
ATOM   1028 C  CD  . LYS A 1 127 ? 8.554   -0.324  6.709   1.00 60.31  ? 441 LYS A CD  1 
ATOM   1029 C  CE  . LYS A 1 127 ? 8.425   0.215   8.139   1.00 62.03  ? 441 LYS A CE  1 
ATOM   1030 N  NZ  . LYS A 1 127 ? 8.268   -0.899  9.150   1.00 63.30  ? 441 LYS A NZ  1 
ATOM   1031 N  N   . ARG A 1 128 ? 10.787  -3.621  2.491   1.00 53.14  ? 442 ARG A N   1 
ATOM   1032 C  CA  . ARG A 1 128 ? 10.475  -4.735  1.595   1.00 52.82  ? 442 ARG A CA  1 
ATOM   1033 C  C   . ARG A 1 128 ? 11.296  -4.599  0.321   1.00 53.15  ? 442 ARG A C   1 
ATOM   1034 O  O   . ARG A 1 128 ? 10.782  -4.247  -0.741  1.00 51.42  ? 442 ARG A O   1 
ATOM   1035 C  CB  . ARG A 1 128 ? 8.965   -4.733  1.270   1.00 52.87  ? 442 ARG A CB  1 
ATOM   1036 C  CG  . ARG A 1 128 ? 8.501   -5.905  0.395   1.00 52.58  ? 442 ARG A CG  1 
ATOM   1037 C  CD  . ARG A 1 128 ? 7.014   -5.850  0.071   1.00 52.98  ? 442 ARG A CD  1 
ATOM   1038 N  NE  . ARG A 1 128 ? 6.616   -7.008  -0.734  1.00 55.46  ? 442 ARG A NE  1 
ATOM   1039 C  CZ  . ARG A 1 128 ? 6.262   -8.197  -0.235  1.00 55.11  ? 442 ARG A CZ  1 
ATOM   1040 N  NH1 . ARG A 1 128 ? 6.239   -8.385  1.080   1.00 53.88  ? 442 ARG A NH1 1 
ATOM   1041 N  NH2 . ARG A 1 128 ? 5.954   -9.203  -1.055  1.00 52.31  ? 442 ARG A NH2 1 
ATOM   1042 N  N   . PRO A 1 129 ? 12.592  -4.896  0.423   1.00 54.50  ? 443 PRO A N   1 
ATOM   1043 C  CA  . PRO A 1 129 ? 13.633  -4.851  -0.611  1.00 54.53  ? 443 PRO A CA  1 
ATOM   1044 C  C   . PRO A 1 129 ? 13.269  -5.288  -2.025  1.00 55.91  ? 443 PRO A C   1 
ATOM   1045 O  O   . PRO A 1 129 ? 13.759  -4.685  -2.991  1.00 55.37  ? 443 PRO A O   1 
ATOM   1046 C  CB  . PRO A 1 129 ? 14.738  -5.704  -0.007  1.00 53.99  ? 443 PRO A CB  1 
ATOM   1047 C  CG  . PRO A 1 129 ? 14.631  -5.348  1.463   1.00 53.58  ? 443 PRO A CG  1 
ATOM   1048 C  CD  . PRO A 1 129 ? 13.125  -5.477  1.672   1.00 54.69  ? 443 PRO A CD  1 
ATOM   1049 N  N   . ILE A 1 130 ? 12.433  -6.316  -2.165  1.00 57.48  ? 444 ILE A N   1 
ATOM   1050 C  CA  . ILE A 1 130 ? 12.053  -6.787  -3.499  1.00 59.65  ? 444 ILE A CA  1 
ATOM   1051 C  C   . ILE A 1 130 ? 11.245  -5.754  -4.278  1.00 59.71  ? 444 ILE A C   1 
ATOM   1052 O  O   . ILE A 1 130 ? 11.146  -5.829  -5.498  1.00 60.38  ? 444 ILE A O   1 
ATOM   1053 C  CB  . ILE A 1 130 ? 11.236  -8.086  -3.444  1.00 60.38  ? 444 ILE A CB  1 
ATOM   1054 C  CG1 . ILE A 1 130 ? 10.006  -7.887  -2.553  1.00 61.73  ? 444 ILE A CG1 1 
ATOM   1055 C  CG2 . ILE A 1 130 ? 12.121  -9.220  -2.973  1.00 59.76  ? 444 ILE A CG2 1 
ATOM   1056 C  CD1 . ILE A 1 130 ? 9.022   -9.046  -2.567  1.00 62.94  ? 444 ILE A CD1 1 
ATOM   1057 N  N   . ILE A 1 131 ? 10.667  -4.801  -3.556  1.00 59.62  ? 445 ILE A N   1 
ATOM   1058 C  CA  . ILE A 1 131 ? 9.876   -3.720  -4.137  1.00 58.62  ? 445 ILE A CA  1 
ATOM   1059 C  C   . ILE A 1 131 ? 10.501  -3.111  -5.394  1.00 57.56  ? 445 ILE A C   1 
ATOM   1060 O  O   . ILE A 1 131 ? 11.675  -2.752  -5.406  1.00 57.44  ? 445 ILE A O   1 
ATOM   1061 C  CB  . ILE A 1 131 ? 9.656   -2.607  -3.058  1.00 60.04  ? 445 ILE A CB  1 
ATOM   1062 C  CG1 . ILE A 1 131 ? 8.538   -3.047  -2.125  1.00 63.08  ? 445 ILE A CG1 1 
ATOM   1063 C  CG2 . ILE A 1 131 ? 9.355   -1.256  -3.679  1.00 58.55  ? 445 ILE A CG2 1 
ATOM   1064 C  CD1 . ILE A 1 131 ? 7.336   -3.588  -2.864  1.00 65.67  ? 445 ILE A CD1 1 
ATOM   1065 N  N   . SER A 1 132 ? 9.714   -3.011  -6.456  1.00 56.42  ? 446 SER A N   1 
ATOM   1066 C  CA  . SER A 1 132 ? 10.189  -2.409  -7.690  1.00 56.77  ? 446 SER A CA  1 
ATOM   1067 C  C   . SER A 1 132 ? 9.067   -2.105  -8.684  1.00 57.27  ? 446 SER A C   1 
ATOM   1068 O  O   . SER A 1 132 ? 8.772   -2.901  -9.584  1.00 56.57  ? 446 SER A O   1 
ATOM   1069 C  CB  . SER A 1 132 ? 11.230  -3.287  -8.369  1.00 56.93  ? 446 SER A CB  1 
ATOM   1070 O  OG  . SER A 1 132 ? 11.710  -2.641  -9.541  1.00 59.03  ? 446 SER A OG  1 
ATOM   1071 N  N   . PRO A 1 133 ? 8.408   -0.947  -8.515  1.00 56.69  ? 447 PRO A N   1 
ATOM   1072 C  CA  . PRO A 1 133 ? 7.322   -0.556  -9.414  1.00 55.58  ? 447 PRO A CA  1 
ATOM   1073 C  C   . PRO A 1 133 ? 7.879   -0.413  -10.822 1.00 55.10  ? 447 PRO A C   1 
ATOM   1074 O  O   . PRO A 1 133 ? 9.078   -0.198  -10.994 1.00 56.62  ? 447 PRO A O   1 
ATOM   1075 C  CB  . PRO A 1 133 ? 6.865   0.766   -8.825  1.00 55.51  ? 447 PRO A CB  1 
ATOM   1076 C  CG  . PRO A 1 133 ? 7.091   0.548   -7.347  1.00 55.41  ? 447 PRO A CG  1 
ATOM   1077 C  CD  . PRO A 1 133 ? 8.446   -0.074  -7.326  1.00 55.27  ? 447 PRO A CD  1 
ATOM   1078 N  N   . ASN A 1 134 ? 7.034   -0.544  -11.835 1.00 54.26  ? 448 ASN A N   1 
ATOM   1079 C  CA  . ASN A 1 134 ? 7.546   -0.422  -13.189 1.00 52.61  ? 448 ASN A CA  1 
ATOM   1080 C  C   . ASN A 1 134 ? 7.603   1.044   -13.629 1.00 52.10  ? 448 ASN A C   1 
ATOM   1081 O  O   . ASN A 1 134 ? 6.950   1.902   -13.041 1.00 50.91  ? 448 ASN A O   1 
ATOM   1082 C  CB  . ASN A 1 134 ? 6.727   -1.283  -14.160 1.00 50.67  ? 448 ASN A CB  1 
ATOM   1083 C  CG  . ASN A 1 134 ? 5.330   -0.767  -14.383 1.00 48.62  ? 448 ASN A CG  1 
ATOM   1084 O  OD1 . ASN A 1 134 ? 5.124   0.402   -14.716 1.00 47.69  ? 448 ASN A OD1 1 
ATOM   1085 N  ND2 . ASN A 1 134 ? 4.357   -1.648  -14.233 1.00 46.69  ? 448 ASN A ND2 1 
ATOM   1086 N  N   . LEU A 1 135 ? 8.395   1.328   -14.656 1.00 51.51  ? 449 LEU A N   1 
ATOM   1087 C  CA  . LEU A 1 135 ? 8.561   2.698   -15.109 1.00 51.90  ? 449 LEU A CA  1 
ATOM   1088 C  C   . LEU A 1 135 ? 7.270   3.408   -15.451 1.00 52.46  ? 449 LEU A C   1 
ATOM   1089 O  O   . LEU A 1 135 ? 7.174   4.629   -15.313 1.00 51.33  ? 449 LEU A O   1 
ATOM   1090 C  CB  . LEU A 1 135 ? 9.537   2.746   -16.280 1.00 52.17  ? 449 LEU A CB  1 
ATOM   1091 C  CG  . LEU A 1 135 ? 10.979  2.359   -15.903 1.00 52.95  ? 449 LEU A CG  1 
ATOM   1092 C  CD1 . LEU A 1 135 ? 11.884  2.584   -17.101 1.00 51.14  ? 449 LEU A CD1 1 
ATOM   1093 C  CD2 . LEU A 1 135 ? 11.463  3.188   -14.709 1.00 50.19  ? 449 LEU A CD2 1 
ATOM   1094 N  N   . ASN A 1 136 ? 6.274   2.648   -15.896 1.00 54.14  ? 450 ASN A N   1 
ATOM   1095 C  CA  . ASN A 1 136 ? 4.978   3.235   -16.218 1.00 52.49  ? 450 ASN A CA  1 
ATOM   1096 C  C   . ASN A 1 136 ? 4.400   3.777   -14.902 1.00 51.75  ? 450 ASN A C   1 
ATOM   1097 O  O   . ASN A 1 136 ? 4.000   4.935   -14.816 1.00 50.32  ? 450 ASN A O   1 
ATOM   1098 C  CB  . ASN A 1 136 ? 4.069   2.169   -16.837 1.00 52.12  ? 450 ASN A CB  1 
ATOM   1099 C  CG  . ASN A 1 136 ? 2.629   2.620   -16.935 1.00 55.16  ? 450 ASN A CG  1 
ATOM   1100 O  OD1 . ASN A 1 136 ? 2.341   3.761   -17.318 1.00 56.39  ? 450 ASN A OD1 1 
ATOM   1101 N  ND2 . ASN A 1 136 ? 1.709   1.724   -16.597 1.00 54.27  ? 450 ASN A ND2 1 
ATOM   1102 N  N   . PHE A 1 137 ? 4.397   2.933   -13.872 1.00 51.80  ? 451 PHE A N   1 
ATOM   1103 C  CA  . PHE A 1 137 ? 3.903   3.314   -12.555 1.00 52.44  ? 451 PHE A CA  1 
ATOM   1104 C  C   . PHE A 1 137 ? 4.762   4.404   -11.925 1.00 52.38  ? 451 PHE A C   1 
ATOM   1105 O  O   . PHE A 1 137 ? 4.263   5.254   -11.193 1.00 53.49  ? 451 PHE A O   1 
ATOM   1106 C  CB  . PHE A 1 137 ? 3.881   2.108   -11.607 1.00 52.23  ? 451 PHE A CB  1 
ATOM   1107 C  CG  . PHE A 1 137 ? 2.949   0.999   -12.032 1.00 53.19  ? 451 PHE A CG  1 
ATOM   1108 C  CD1 . PHE A 1 137 ? 1.855   1.255   -12.860 1.00 52.25  ? 451 PHE A CD1 1 
ATOM   1109 C  CD2 . PHE A 1 137 ? 3.145   -0.303  -11.572 1.00 52.57  ? 451 PHE A CD2 1 
ATOM   1110 C  CE1 . PHE A 1 137 ? 0.979   0.233   -13.215 1.00 50.17  ? 451 PHE A CE1 1 
ATOM   1111 C  CE2 . PHE A 1 137 ? 2.264   -1.331  -11.927 1.00 50.62  ? 451 PHE A CE2 1 
ATOM   1112 C  CZ  . PHE A 1 137 ? 1.185   -1.059  -12.748 1.00 48.95  ? 451 PHE A CZ  1 
ATOM   1113 N  N   . MET A 1 138 ? 6.061   4.370   -12.193 1.00 53.21  ? 452 MET A N   1 
ATOM   1114 C  CA  . MET A 1 138 ? 6.962   5.366   -11.630 1.00 52.60  ? 452 MET A CA  1 
ATOM   1115 C  C   . MET A 1 138 ? 6.595   6.744   -12.137 1.00 52.13  ? 452 MET A C   1 
ATOM   1116 O  O   . MET A 1 138 ? 6.553   7.705   -11.363 1.00 50.92  ? 452 MET A O   1 
ATOM   1117 C  CB  . MET A 1 138 ? 8.415   5.041   -11.986 1.00 53.06  ? 452 MET A CB  1 
ATOM   1118 C  CG  . MET A 1 138 ? 9.057   4.001   -11.076 1.00 53.23  ? 452 MET A CG  1 
ATOM   1119 S  SD  . MET A 1 138 ? 9.250   4.604   -9.369  1.00 57.40  ? 452 MET A SD  1 
ATOM   1120 C  CE  . MET A 1 138 ? 8.066   3.629   -8.551  1.00 55.91  ? 452 MET A CE  1 
ATOM   1121 N  N   . GLY A 1 139 ? 6.318   6.831   -13.437 1.00 51.74  ? 453 GLY A N   1 
ATOM   1122 C  CA  . GLY A 1 139 ? 5.947   8.102   -14.033 1.00 51.31  ? 453 GLY A CA  1 
ATOM   1123 C  C   . GLY A 1 139 ? 4.657   8.642   -13.447 1.00 51.99  ? 453 GLY A C   1 
ATOM   1124 O  O   . GLY A 1 139 ? 4.529   9.842   -13.198 1.00 50.39  ? 453 GLY A O   1 
ATOM   1125 N  N   . GLN A 1 140 ? 3.697   7.747   -13.227 1.00 51.30  ? 454 GLN A N   1 
ATOM   1126 C  CA  . GLN A 1 140 ? 2.413   8.123   -12.663 1.00 51.45  ? 454 GLN A CA  1 
ATOM   1127 C  C   . GLN A 1 140 ? 2.603   8.661   -11.250 1.00 53.30  ? 454 GLN A C   1 
ATOM   1128 O  O   . GLN A 1 140 ? 1.896   9.579   -10.812 1.00 55.33  ? 454 GLN A O   1 
ATOM   1129 C  CB  . GLN A 1 140 ? 1.488   6.910   -12.642 1.00 49.80  ? 454 GLN A CB  1 
ATOM   1130 C  CG  . GLN A 1 140 ? 1.381   6.237   -13.990 1.00 50.29  ? 454 GLN A CG  1 
ATOM   1131 C  CD  . GLN A 1 140 ? 0.273   5.206   -14.069 1.00 49.88  ? 454 GLN A CD  1 
ATOM   1132 O  OE1 . GLN A 1 140 ? 0.273   4.358   -14.964 1.00 50.69  ? 454 GLN A OE1 1 
ATOM   1133 N  NE2 . GLN A 1 140 ? -0.682  5.278   -13.147 1.00 48.53  ? 454 GLN A NE2 1 
ATOM   1134 N  N   . LEU A 1 141 ? 3.554   8.071   -10.535 1.00 52.27  ? 455 LEU A N   1 
ATOM   1135 C  CA  . LEU A 1 141 ? 3.856   8.490   -9.183  1.00 51.51  ? 455 LEU A CA  1 
ATOM   1136 C  C   . LEU A 1 141 ? 4.543   9.842   -9.256  1.00 53.26  ? 455 LEU A C   1 
ATOM   1137 O  O   . LEU A 1 141 ? 4.425   10.662  -8.347  1.00 53.72  ? 455 LEU A O   1 
ATOM   1138 C  CB  . LEU A 1 141 ? 4.778   7.472   -8.513  1.00 50.87  ? 455 LEU A CB  1 
ATOM   1139 C  CG  . LEU A 1 141 ? 4.138   6.217   -7.911  1.00 48.92  ? 455 LEU A CG  1 
ATOM   1140 C  CD1 . LEU A 1 141 ? 5.232   5.346   -7.320  1.00 46.75  ? 455 LEU A CD1 1 
ATOM   1141 C  CD2 . LEU A 1 141 ? 3.113   6.604   -6.839  1.00 45.32  ? 455 LEU A CD2 1 
ATOM   1142 N  N   . LEU A 1 142 ? 5.278   10.076  -10.338 1.00 54.09  ? 456 LEU A N   1 
ATOM   1143 C  CA  . LEU A 1 142 ? 5.952   11.352  -10.494 1.00 53.49  ? 456 LEU A CA  1 
ATOM   1144 C  C   . LEU A 1 142 ? 4.903   12.434  -10.702 1.00 53.90  ? 456 LEU A C   1 
ATOM   1145 O  O   . LEU A 1 142 ? 4.921   13.473  -10.029 1.00 53.23  ? 456 LEU A O   1 
ATOM   1146 C  CB  . LEU A 1 142 ? 6.917   11.316  -11.677 1.00 51.65  ? 456 LEU A CB  1 
ATOM   1147 C  CG  . LEU A 1 142 ? 8.291   10.685  -11.427 1.00 53.07  ? 456 LEU A CG  1 
ATOM   1148 C  CD1 . LEU A 1 142 ? 9.110   10.830  -12.692 1.00 54.38  ? 456 LEU A CD1 1 
ATOM   1149 C  CD2 . LEU A 1 142 ? 9.017   11.343  -10.257 1.00 49.13  ? 456 LEU A CD2 1 
ATOM   1150 N  N   . GLU A 1 143 ? 3.991   12.170  -11.633 1.00 55.03  ? 457 GLU A N   1 
ATOM   1151 C  CA  . GLU A 1 143 ? 2.899   13.081  -11.960 1.00 56.23  ? 457 GLU A CA  1 
ATOM   1152 C  C   . GLU A 1 143 ? 2.121   13.357  -10.686 1.00 56.53  ? 457 GLU A C   1 
ATOM   1153 O  O   . GLU A 1 143 ? 1.833   14.507  -10.351 1.00 56.78  ? 457 GLU A O   1 
ATOM   1154 C  CB  . GLU A 1 143 ? 1.970   12.436  -12.991 1.00 58.37  ? 457 GLU A CB  1 
ATOM   1155 C  CG  . GLU A 1 143 ? 0.863   13.341  -13.505 1.00 65.94  ? 457 GLU A CG  1 
ATOM   1156 C  CD  . GLU A 1 143 ? -0.149  12.606  -14.383 1.00 70.77  ? 457 GLU A CD  1 
ATOM   1157 O  OE1 . GLU A 1 143 ? -0.937  13.288  -15.086 1.00 71.23  ? 457 GLU A OE1 1 
ATOM   1158 O  OE2 . GLU A 1 143 ? -0.166  11.348  -14.355 1.00 74.53  ? 457 GLU A OE2 1 
ATOM   1159 N  N   . PHE A 1 144 ? 1.792   12.281  -9.978  1.00 55.97  ? 458 PHE A N   1 
ATOM   1160 C  CA  . PHE A 1 144 ? 1.042   12.382  -8.745  1.00 54.95  ? 458 PHE A CA  1 
ATOM   1161 C  C   . PHE A 1 144 ? 1.784   13.298  -7.796  1.00 55.93  ? 458 PHE A C   1 
ATOM   1162 O  O   . PHE A 1 144 ? 1.189   14.206  -7.233  1.00 57.13  ? 458 PHE A O   1 
ATOM   1163 C  CB  . PHE A 1 144 ? 0.861   10.996  -8.118  1.00 53.75  ? 458 PHE A CB  1 
ATOM   1164 C  CG  . PHE A 1 144 ? 0.036   10.991  -6.853  1.00 51.62  ? 458 PHE A CG  1 
ATOM   1165 C  CD1 . PHE A 1 144 ? 0.492   10.329  -5.711  1.00 50.36  ? 458 PHE A CD1 1 
ATOM   1166 C  CD2 . PHE A 1 144 ? -1.199  11.638  -6.803  1.00 50.19  ? 458 PHE A CD2 1 
ATOM   1167 C  CE1 . PHE A 1 144 ? -0.270  10.313  -4.537  1.00 50.68  ? 458 PHE A CE1 1 
ATOM   1168 C  CE2 . PHE A 1 144 ? -1.967  11.627  -5.630  1.00 50.66  ? 458 PHE A CE2 1 
ATOM   1169 C  CZ  . PHE A 1 144 ? -1.505  10.963  -4.496  1.00 48.79  ? 458 PHE A CZ  1 
ATOM   1170 N  N   . GLU A 1 145 ? 3.083   13.080  -7.623  1.00 57.50  ? 459 GLU A N   1 
ATOM   1171 C  CA  . GLU A 1 145 ? 3.844   13.927  -6.710  1.00 60.11  ? 459 GLU A CA  1 
ATOM   1172 C  C   . GLU A 1 145 ? 3.779   15.387  -7.131  1.00 60.74  ? 459 GLU A C   1 
ATOM   1173 O  O   . GLU A 1 145 ? 3.741   16.286  -6.298  1.00 58.97  ? 459 GLU A O   1 
ATOM   1174 C  CB  . GLU A 1 145 ? 5.308   13.502  -6.635  1.00 60.24  ? 459 GLU A CB  1 
ATOM   1175 C  CG  . GLU A 1 145 ? 6.129   14.405  -5.717  1.00 59.14  ? 459 GLU A CG  1 
ATOM   1176 C  CD  . GLU A 1 145 ? 7.616   14.131  -5.791  1.00 59.52  ? 459 GLU A CD  1 
ATOM   1177 O  OE1 . GLU A 1 145 ? 8.132   14.025  -6.925  1.00 56.75  ? 459 GLU A OE1 1 
ATOM   1178 O  OE2 . GLU A 1 145 ? 8.259   14.034  -4.717  1.00 59.19  ? 459 GLU A OE2 1 
ATOM   1179 N  N   . GLU A 1 146 ? 3.775   15.625  -8.432  1.00 62.73  ? 460 GLU A N   1 
ATOM   1180 C  CA  . GLU A 1 146 ? 3.704   16.986  -8.913  1.00 65.63  ? 460 GLU A CA  1 
ATOM   1181 C  C   . GLU A 1 146 ? 2.320   17.518  -8.551  1.00 65.71  ? 460 GLU A C   1 
ATOM   1182 O  O   . GLU A 1 146 ? 2.194   18.592  -7.966  1.00 64.91  ? 460 GLU A O   1 
ATOM   1183 C  CB  . GLU A 1 146 ? 3.922   17.014  -10.424 1.00 68.95  ? 460 GLU A CB  1 
ATOM   1184 C  CG  . GLU A 1 146 ? 4.399   18.355  -10.950 1.00 75.49  ? 460 GLU A CG  1 
ATOM   1185 C  CD  . GLU A 1 146 ? 4.919   18.256  -12.372 1.00 80.24  ? 460 GLU A CD  1 
ATOM   1186 O  OE1 . GLU A 1 146 ? 4.123   17.910  -13.274 1.00 82.57  ? 460 GLU A OE1 1 
ATOM   1187 O  OE2 . GLU A 1 146 ? 6.126   18.517  -12.583 1.00 81.89  ? 460 GLU A OE2 1 
ATOM   1188 N  N   . ASP A 1 147 ? 1.287   16.748  -8.885  1.00 65.63  ? 461 ASP A N   1 
ATOM   1189 C  CA  . ASP A 1 147 ? -0.088  17.128  -8.586  1.00 65.89  ? 461 ASP A CA  1 
ATOM   1190 C  C   . ASP A 1 147 ? -0.261  17.498  -7.121  1.00 65.86  ? 461 ASP A C   1 
ATOM   1191 O  O   . ASP A 1 147 ? -0.885  18.502  -6.804  1.00 66.70  ? 461 ASP A O   1 
ATOM   1192 C  CB  . ASP A 1 147 ? -1.054  15.996  -8.941  1.00 66.21  ? 461 ASP A CB  1 
ATOM   1193 C  CG  . ASP A 1 147 ? -1.301  15.886  -10.437 1.00 70.22  ? 461 ASP A CG  1 
ATOM   1194 O  OD1 . ASP A 1 147 ? -1.993  14.941  -10.869 1.00 72.94  ? 461 ASP A OD1 1 
ATOM   1195 O  OD2 . ASP A 1 147 ? -0.806  16.747  -11.191 1.00 73.07  ? 461 ASP A OD2 1 
ATOM   1196 N  N   . LEU A 1 148 ? 0.288   16.691  -6.223  1.00 65.82  ? 462 LEU A N   1 
ATOM   1197 C  CA  . LEU A 1 148 ? 0.163   16.977  -4.803  1.00 67.17  ? 462 LEU A CA  1 
ATOM   1198 C  C   . LEU A 1 148 ? 0.753   18.335  -4.472  1.00 69.56  ? 462 LEU A C   1 
ATOM   1199 O  O   . LEU A 1 148 ? 0.115   19.158  -3.821  1.00 70.55  ? 462 LEU A O   1 
ATOM   1200 C  CB  . LEU A 1 148 ? 0.872   15.911  -3.966  1.00 64.61  ? 462 LEU A CB  1 
ATOM   1201 C  CG  . LEU A 1 148 ? 0.258   14.519  -3.881  1.00 62.72  ? 462 LEU A CG  1 
ATOM   1202 C  CD1 . LEU A 1 148 ? 1.102   13.649  -2.970  1.00 62.55  ? 462 LEU A CD1 1 
ATOM   1203 C  CD2 . LEU A 1 148 ? -1.151  14.625  -3.352  1.00 62.09  ? 462 LEU A CD2 1 
ATOM   1204 N  N   . ASN A 1 149 ? 1.978   18.562  -4.934  1.00 72.43  ? 463 ASN A N   1 
ATOM   1205 C  CA  . ASN A 1 149 ? 2.686   19.804  -4.674  1.00 74.21  ? 463 ASN A CA  1 
ATOM   1206 C  C   . ASN A 1 149 ? 2.036   21.044  -5.279  1.00 76.53  ? 463 ASN A C   1 
ATOM   1207 O  O   . ASN A 1 149 ? 2.152   22.133  -4.722  1.00 78.20  ? 463 ASN A O   1 
ATOM   1208 C  CB  . ASN A 1 149 ? 4.134   19.681  -5.150  1.00 73.43  ? 463 ASN A CB  1 
ATOM   1209 C  CG  . ASN A 1 149 ? 4.882   18.542  -4.465  1.00 73.45  ? 463 ASN A CG  1 
ATOM   1210 O  OD1 . ASN A 1 149 ? 4.732   18.311  -3.261  1.00 74.13  ? 463 ASN A OD1 1 
ATOM   1211 N  ND2 . ASN A 1 149 ? 5.701   17.833  -5.232  1.00 73.44  ? 463 ASN A ND2 1 
ATOM   1212 N  N   . ASN A 1 150 ? 1.357   20.897  -6.410  1.00 78.45  ? 464 ASN A N   1 
ATOM   1213 C  CA  . ASN A 1 150 ? 0.696   22.044  -7.024  1.00 81.58  ? 464 ASN A CA  1 
ATOM   1214 C  C   . ASN A 1 150 ? -0.711  22.221  -6.472  1.00 83.34  ? 464 ASN A C   1 
ATOM   1215 O  O   . ASN A 1 150 ? -1.391  23.196  -6.789  1.00 83.79  ? 464 ASN A O   1 
ATOM   1216 C  CB  . ASN A 1 150 ? 0.622   21.886  -8.540  1.00 83.08  ? 464 ASN A CB  1 
ATOM   1217 C  CG  . ASN A 1 150 ? 1.989   21.759  -9.175  1.00 85.79  ? 464 ASN A CG  1 
ATOM   1218 O  OD1 . ASN A 1 150 ? 2.941   22.427  -8.761  1.00 86.06  ? 464 ASN A OD1 1 
ATOM   1219 N  ND2 . ASN A 1 150 ? 2.095   20.907  -10.193 1.00 86.15  ? 464 ASN A ND2 1 
ATOM   1220 N  N   . GLY A 1 151 ? -1.143  21.266  -5.652  1.00 85.24  ? 465 GLY A N   1 
ATOM   1221 C  CA  . GLY A 1 151 ? -2.464  21.329  -5.051  1.00 86.21  ? 465 GLY A CA  1 
ATOM   1222 C  C   . GLY A 1 151 ? -3.656  20.798  -5.841  1.00 87.56  ? 465 GLY A C   1 
ATOM   1223 O  O   . GLY A 1 151 ? -4.758  20.770  -5.295  1.00 88.64  ? 465 GLY A O   1 
ATOM   1224 N  N   . VAL A 1 152 ? -3.474  20.378  -7.095  1.00 86.83  ? 466 VAL A N   1 
ATOM   1225 C  CA  . VAL A 1 152 ? -4.602  19.864  -7.880  1.00 87.78  ? 466 VAL A CA  1 
ATOM   1226 C  C   . VAL A 1 152 ? -5.224  18.614  -7.250  1.00 88.09  ? 466 VAL A C   1 
ATOM   1227 O  O   . VAL A 1 152 ? -6.201  18.061  -7.757  1.00 86.82  ? 466 VAL A O   1 
ATOM   1228 C  CB  . VAL A 1 152 ? -4.196  19.529  -9.344  1.00 88.84  ? 466 VAL A CB  1 
ATOM   1229 C  CG1 . VAL A 1 152 ? -3.526  20.728  -9.996  1.00 89.44  ? 466 VAL A CG1 1 
ATOM   1230 C  CG2 . VAL A 1 152 ? -3.290  18.323  -9.373  1.00 90.08  ? 466 VAL A CG2 1 
ATOM   1231 N  N   . THR A 1 153 ? -4.642  18.170  -6.144  1.00 89.77  ? 467 THR A N   1 
ATOM   1232 C  CA  . THR A 1 153 ? -5.136  17.009  -5.424  1.00 91.62  ? 467 THR A CA  1 
ATOM   1233 C  C   . THR A 1 153 ? -5.060  17.302  -3.944  1.00 93.50  ? 467 THR A C   1 
ATOM   1234 O  O   . THR A 1 153 ? -3.985  17.579  -3.404  1.00 92.65  ? 467 THR A O   1 
ATOM   1235 C  CB  . THR A 1 153 ? -4.320  15.753  -5.729  1.00 92.02  ? 467 THR A CB  1 
ATOM   1236 O  OG1 . THR A 1 153 ? -4.757  15.200  -6.977  1.00 93.54  ? 467 THR A OG1 1 
ATOM   1237 C  CG2 . THR A 1 153 ? -4.495  14.718  -4.619  1.00 92.37  ? 467 THR A CG2 1 
ATOM   1238 N  N   . PRO A 1 154 ? -6.210  17.222  -3.264  1.00 95.89  ? 468 PRO A N   1 
ATOM   1239 C  CA  . PRO A 1 154 ? -6.329  17.480  -1.830  1.00 97.61  ? 468 PRO A CA  1 
ATOM   1240 C  C   . PRO A 1 154 ? -5.432  16.600  -0.967  1.00 99.58  ? 468 PRO A C   1 
ATOM   1241 O  O   . PRO A 1 154 ? -5.833  15.495  -0.588  1.00 100.54 ? 468 PRO A O   1 
ATOM   1242 C  CB  . PRO A 1 154 ? -7.809  17.220  -1.563  1.00 97.68  ? 468 PRO A CB  1 
ATOM   1243 C  CG  . PRO A 1 154 ? -8.109  16.086  -2.510  1.00 96.96  ? 468 PRO A CG  1 
ATOM   1244 C  CD  . PRO A 1 154 ? -7.435  16.575  -3.779  1.00 96.62  ? 468 PRO A CD  1 
ATOM   1245 N  N   . ARG A 1 155 ? -4.229  17.081  -0.659  1.00 99.88  ? 469 ARG A N   1 
ATOM   1246 C  CA  . ARG A 1 155 ? -3.322  16.324  0.199   1.00 99.98  ? 469 ARG A CA  1 
ATOM   1247 C  C   . ARG A 1 155 ? -3.955  16.322  1.596   1.00 100.59 ? 469 ARG A C   1 
ATOM   1248 O  O   . ARG A 1 155 ? -4.084  17.371  2.229   1.00 99.88  ? 469 ARG A O   1 
ATOM   1249 C  CB  . ARG A 1 155 ? -1.941  16.988  0.254   1.00 99.35  ? 469 ARG A CB  1 
ATOM   1250 C  CG  . ARG A 1 155 ? -0.850  16.086  0.822   1.00 98.47  ? 469 ARG A CG  1 
ATOM   1251 C  CD  . ARG A 1 155 ? 0.451   16.833  1.067   1.00 98.62  ? 469 ARG A CD  1 
ATOM   1252 N  NE  . ARG A 1 155 ? 0.878   17.636  -0.079  1.00 99.99  ? 469 ARG A NE  1 
ATOM   1253 C  CZ  . ARG A 1 155 ? 2.040   17.491  -0.714  1.00 99.82  ? 469 ARG A CZ  1 
ATOM   1254 N  NH1 . ARG A 1 155 ? 2.903   16.562  -0.320  1.00 100.24 ? 469 ARG A NH1 1 
ATOM   1255 N  NH2 . ARG A 1 155 ? 2.345   18.280  -1.739  1.00 97.96  ? 469 ARG A NH2 1 
ATOM   1256 N  N   . ILE A 1 156 ? -4.365  15.146  2.062   1.00 101.87 ? 470 ILE A N   1 
ATOM   1257 C  CA  . ILE A 1 156 ? -4.999  15.022  3.369   1.00 103.26 ? 470 ILE A CA  1 
ATOM   1258 C  C   . ILE A 1 156 ? -3.978  14.871  4.495   1.00 104.74 ? 470 ILE A C   1 
ATOM   1259 O  O   . ILE A 1 156 ? -3.413  13.796  4.704   1.00 104.72 ? 470 ILE A O   1 
ATOM   1260 C  CB  . ILE A 1 156 ? -5.974  13.826  3.392   1.00 102.76 ? 470 ILE A CB  1 
ATOM   1261 C  CG1 . ILE A 1 156 ? -7.042  14.019  2.313   1.00 103.39 ? 470 ILE A CG1 1 
ATOM   1262 C  CG2 . ILE A 1 156 ? -6.640  13.717  4.753   1.00 102.30 ? 470 ILE A CG2 1 
ATOM   1263 C  CD1 . ILE A 1 156 ? -8.006  12.857  2.186   1.00 104.84 ? 470 ILE A CD1 1 
ATOM   1264 N  N   . LEU A 1 157 ? -3.755  15.966  5.218   1.00 106.70 ? 471 LEU A N   1 
ATOM   1265 C  CA  . LEU A 1 157 ? -2.807  15.999  6.332   1.00 108.53 ? 471 LEU A CA  1 
ATOM   1266 C  C   . LEU A 1 157 ? -3.542  16.042  7.681   1.00 109.73 ? 471 LEU A C   1 
ATOM   1267 O  O   . LEU A 1 157 ? -3.182  16.814  8.578   1.00 109.75 ? 471 LEU A O   1 
ATOM   1268 C  CB  . LEU A 1 157 ? -1.898  17.227  6.194   1.00 108.07 ? 471 LEU A CB  1 
ATOM   1269 C  CG  . LEU A 1 157 ? -1.075  17.317  4.904   1.00 107.95 ? 471 LEU A CG  1 
ATOM   1270 C  CD1 . LEU A 1 157 ? -0.548  18.732  4.724   1.00 107.21 ? 471 LEU A CD1 1 
ATOM   1271 C  CD2 . LEU A 1 157 ? 0.064   16.303  4.948   1.00 108.18 ? 471 LEU A CD2 1 
ATOM   1272 N  N   . THR A 1 158 ? -4.569  15.205  7.814   1.00 110.70 ? 472 THR A N   1 
ATOM   1273 C  CA  . THR A 1 158 ? -5.367  15.131  9.036   1.00 111.30 ? 472 THR A CA  1 
ATOM   1274 C  C   . THR A 1 158 ? -4.712  14.219  10.079  1.00 112.25 ? 472 THR A C   1 
ATOM   1275 O  O   . THR A 1 158 ? -4.530  13.020  9.840   1.00 112.78 ? 472 THR A O   1 
ATOM   1276 C  CB  . THR A 1 158 ? -6.787  14.582  8.747   1.00 110.81 ? 472 THR A CB  1 
ATOM   1277 O  OG1 . THR A 1 158 ? -7.382  15.320  7.670   1.00 109.87 ? 472 THR A OG1 1 
ATOM   1278 C  CG2 . THR A 1 158 ? -7.664  14.704  9.986   1.00 110.21 ? 472 THR A CG2 1 
ATOM   1279 N  N   . PRO A 1 159 ? -4.348  14.776  11.251  1.00 112.24 ? 473 PRO A N   1 
ATOM   1280 C  CA  . PRO A 1 159 ? -3.716  13.996  12.329  1.00 111.68 ? 473 PRO A CA  1 
ATOM   1281 C  C   . PRO A 1 159 ? -4.581  12.782  12.674  1.00 110.83 ? 473 PRO A C   1 
ATOM   1282 O  O   . PRO A 1 159 ? -4.225  11.951  13.514  1.00 110.34 ? 473 PRO A O   1 
ATOM   1283 C  CB  . PRO A 1 159 ? -3.638  14.998  13.478  1.00 111.89 ? 473 PRO A CB  1 
ATOM   1284 C  CG  . PRO A 1 159 ? -3.473  16.307  12.757  1.00 112.87 ? 473 PRO A CG  1 
ATOM   1285 C  CD  . PRO A 1 159 ? -4.463  16.197  11.626  1.00 112.17 ? 473 PRO A CD  1 
ATOM   1286 N  N   . LYS A 1 160 ? -5.730  12.720  12.005  1.00 109.45 ? 474 LYS A N   1 
ATOM   1287 C  CA  . LYS A 1 160 ? -6.715  11.654  12.138  1.00 108.00 ? 474 LYS A CA  1 
ATOM   1288 C  C   . LYS A 1 160 ? -6.017  10.293  12.205  1.00 106.96 ? 474 LYS A C   1 
ATOM   1289 O  O   . LYS A 1 160 ? -6.594  9.306   12.675  1.00 107.25 ? 474 LYS A O   1 
ATOM   1290 C  CB  . LYS A 1 160 ? -7.646  11.707  10.921  1.00 107.78 ? 474 LYS A CB  1 
ATOM   1291 C  CG  . LYS A 1 160 ? -8.850  10.776  10.939  1.00 107.90 ? 474 LYS A CG  1 
ATOM   1292 C  CD  . LYS A 1 160 ? -9.537  10.769  9.570   1.00 107.36 ? 474 LYS A CD  1 
ATOM   1293 C  CE  . LYS A 1 160 ? -9.889  12.182  9.105   1.00 106.84 ? 474 LYS A CE  1 
ATOM   1294 N  NZ  . LYS A 1 160 ? -10.408 12.225  7.708   1.00 104.98 ? 474 LYS A NZ  1 
ATOM   1295 N  N   . LEU A 1 161 ? -4.772  10.249  11.740  1.00 104.76 ? 475 LEU A N   1 
ATOM   1296 C  CA  . LEU A 1 161 ? -4.010  9.008   11.719  1.00 102.13 ? 475 LEU A CA  1 
ATOM   1297 C  C   . LEU A 1 161 ? -2.947  8.839   12.811  1.00 99.67  ? 475 LEU A C   1 
ATOM   1298 O  O   . LEU A 1 161 ? -3.200  9.052   14.001  1.00 99.03  ? 475 LEU A O   1 
ATOM   1299 C  CB  . LEU A 1 161 ? -3.344  8.826   10.343  1.00 102.19 ? 475 LEU A CB  1 
ATOM   1300 C  CG  . LEU A 1 161 ? -4.199  8.573   9.094   1.00 102.03 ? 475 LEU A CG  1 
ATOM   1301 C  CD1 . LEU A 1 161 ? -5.020  9.803   8.724   1.00 101.25 ? 475 LEU A CD1 1 
ATOM   1302 C  CD2 . LEU A 1 161 ? -3.271  8.203   7.952   1.00 102.46 ? 475 LEU A CD2 1 
ATOM   1303 N  N   . MET A 1 162 ? -1.762  8.437   12.355  1.00 96.37  ? 476 MET A N   1 
ATOM   1304 C  CA  . MET A 1 162 ? -0.577  8.162   13.161  1.00 92.30  ? 476 MET A CA  1 
ATOM   1305 C  C   . MET A 1 162 ? -0.430  8.813   14.522  1.00 88.44  ? 476 MET A C   1 
ATOM   1306 O  O   . MET A 1 162 ? -0.657  10.008  14.694  1.00 87.71  ? 476 MET A O   1 
ATOM   1307 C  CB  . MET A 1 162 ? 0.667   8.483   12.341  1.00 93.99  ? 476 MET A CB  1 
ATOM   1308 C  CG  . MET A 1 162 ? 0.714   7.782   11.006  1.00 95.62  ? 476 MET A CG  1 
ATOM   1309 S  SD  . MET A 1 162 ? 1.948   8.541   9.958   1.00 100.12 ? 476 MET A SD  1 
ATOM   1310 C  CE  . MET A 1 162 ? 1.053   10.024  9.377   1.00 98.45  ? 476 MET A CE  1 
ATOM   1311 N  N   . GLY A 1 163 ? -0.021  7.999   15.486  1.00 84.91  ? 477 GLY A N   1 
ATOM   1312 C  CA  . GLY A 1 163 ? 0.203   8.482   16.829  1.00 80.89  ? 477 GLY A CA  1 
ATOM   1313 C  C   . GLY A 1 163 ? 1.632   8.976   16.881  1.00 77.99  ? 477 GLY A C   1 
ATOM   1314 O  O   . GLY A 1 163 ? 2.416   8.714   15.965  1.00 77.50  ? 477 GLY A O   1 
ATOM   1315 N  N   . VAL A 1 164 ? 1.985   9.677   17.949  1.00 74.63  ? 478 VAL A N   1 
ATOM   1316 C  CA  . VAL A 1 164 ? 3.327   10.222  18.076  1.00 71.98  ? 478 VAL A CA  1 
ATOM   1317 C  C   . VAL A 1 164 ? 4.476   9.257   17.784  1.00 69.92  ? 478 VAL A C   1 
ATOM   1318 O  O   . VAL A 1 164 ? 5.344   9.546   16.960  1.00 68.99  ? 478 VAL A O   1 
ATOM   1319 C  CB  . VAL A 1 164 ? 3.530   10.829  19.471  1.00 71.89  ? 478 VAL A CB  1 
ATOM   1320 C  CG1 . VAL A 1 164 ? 4.987   11.217  19.660  1.00 70.96  ? 478 VAL A CG1 1 
ATOM   1321 C  CG2 . VAL A 1 164 ? 2.622   12.044  19.634  1.00 70.22  ? 478 VAL A CG2 1 
ATOM   1322 N  N   . GLU A 1 165 ? 4.475   8.108   18.447  1.00 68.54  ? 479 GLU A N   1 
ATOM   1323 C  CA  . GLU A 1 165 ? 5.544   7.132   18.270  1.00 66.48  ? 479 GLU A CA  1 
ATOM   1324 C  C   . GLU A 1 165 ? 5.694   6.706   16.831  1.00 64.50  ? 479 GLU A C   1 
ATOM   1325 O  O   . GLU A 1 165 ? 6.809   6.599   16.327  1.00 63.39  ? 479 GLU A O   1 
ATOM   1326 C  CB  . GLU A 1 165 ? 5.292   5.919   19.156  1.00 68.06  ? 479 GLU A CB  1 
ATOM   1327 C  CG  . GLU A 1 165 ? 4.700   6.304   20.491  1.00 73.16  ? 479 GLU A CG  1 
ATOM   1328 C  CD  . GLU A 1 165 ? 4.983   5.305   21.585  1.00 76.88  ? 479 GLU A CD  1 
ATOM   1329 O  OE1 . GLU A 1 165 ? 4.752   4.092   21.371  1.00 78.50  ? 479 GLU A OE1 1 
ATOM   1330 O  OE2 . GLU A 1 165 ? 5.434   5.744   22.666  1.00 79.00  ? 479 GLU A OE2 1 
ATOM   1331 N  N   . THR A 1 166 ? 4.567   6.463   16.170  1.00 63.04  ? 480 THR A N   1 
ATOM   1332 C  CA  . THR A 1 166 ? 4.583   6.061   14.773  1.00 62.78  ? 480 THR A CA  1 
ATOM   1333 C  C   . THR A 1 166 ? 5.289   7.129   13.938  1.00 62.89  ? 480 THR A C   1 
ATOM   1334 O  O   . THR A 1 166 ? 6.194   6.823   13.157  1.00 62.89  ? 480 THR A O   1 
ATOM   1335 C  CB  . THR A 1 166 ? 3.143   5.849   14.247  1.00 63.72  ? 480 THR A CB  1 
ATOM   1336 O  OG1 . THR A 1 166 ? 2.603   4.663   14.832  1.00 64.60  ? 480 THR A OG1 1 
ATOM   1337 C  CG2 . THR A 1 166 ? 3.120   5.692   12.732  1.00 63.59  ? 480 THR A CG2 1 
ATOM   1338 N  N   . VAL A 1 167 ? 4.886   8.384   14.117  1.00 61.93  ? 481 VAL A N   1 
ATOM   1339 C  CA  . VAL A 1 167 ? 5.478   9.500   13.383  1.00 59.50  ? 481 VAL A CA  1 
ATOM   1340 C  C   . VAL A 1 167 ? 6.975   9.630   13.625  1.00 58.04  ? 481 VAL A C   1 
ATOM   1341 O  O   . VAL A 1 167 ? 7.731   10.012  12.724  1.00 55.85  ? 481 VAL A O   1 
ATOM   1342 C  CB  . VAL A 1 167 ? 4.810   10.814  13.777  1.00 59.34  ? 481 VAL A CB  1 
ATOM   1343 C  CG1 . VAL A 1 167 ? 5.518   11.976  13.113  1.00 59.10  ? 481 VAL A CG1 1 
ATOM   1344 C  CG2 . VAL A 1 167 ? 3.355   10.775  13.381  1.00 58.91  ? 481 VAL A CG2 1 
ATOM   1345 N  N   . VAL A 1 168 ? 7.390   9.311   14.849  1.00 56.35  ? 482 VAL A N   1 
ATOM   1346 C  CA  . VAL A 1 168 ? 8.790   9.382   15.240  1.00 54.81  ? 482 VAL A CA  1 
ATOM   1347 C  C   . VAL A 1 168 ? 9.638   8.351   14.520  1.00 55.12  ? 482 VAL A C   1 
ATOM   1348 O  O   . VAL A 1 168 ? 10.718  8.673   14.036  1.00 53.31  ? 482 VAL A O   1 
ATOM   1349 C  CB  . VAL A 1 168 ? 8.941   9.191   16.749  1.00 53.59  ? 482 VAL A CB  1 
ATOM   1350 C  CG1 . VAL A 1 168 ? 10.395  9.295   17.148  1.00 50.89  ? 482 VAL A CG1 1 
ATOM   1351 C  CG2 . VAL A 1 168 ? 8.132   10.242  17.466  1.00 54.79  ? 482 VAL A CG2 1 
ATOM   1352 N  N   . LYS A 1 169 ? 9.152   7.113   14.456  1.00 57.84  ? 483 LYS A N   1 
ATOM   1353 C  CA  . LYS A 1 169 ? 9.877   6.045   13.765  1.00 60.76  ? 483 LYS A CA  1 
ATOM   1354 C  C   . LYS A 1 169 ? 9.933   6.402   12.286  1.00 61.83  ? 483 LYS A C   1 
ATOM   1355 O  O   . LYS A 1 169 ? 10.958  6.250   11.618  1.00 60.58  ? 483 LYS A O   1 
ATOM   1356 C  CB  . LYS A 1 169 ? 9.166   4.702   13.941  1.00 61.08  ? 483 LYS A CB  1 
ATOM   1357 C  CG  . LYS A 1 169 ? 9.061   4.250   15.384  1.00 64.13  ? 483 LYS A CG  1 
ATOM   1358 C  CD  . LYS A 1 169 ? 8.524   2.829   15.488  1.00 67.69  ? 483 LYS A CD  1 
ATOM   1359 C  CE  . LYS A 1 169 ? 9.499   1.803   14.897  1.00 71.92  ? 483 LYS A CE  1 
ATOM   1360 N  NZ  . LYS A 1 169 ? 10.787  1.687   15.659  1.00 74.33  ? 483 LYS A NZ  1 
ATOM   1361 N  N   . GLU A 1 170 ? 8.808   6.889   11.786  1.00 63.65  ? 484 GLU A N   1 
ATOM   1362 C  CA  . GLU A 1 170 ? 8.707   7.289   10.402  1.00 64.63  ? 484 GLU A CA  1 
ATOM   1363 C  C   . GLU A 1 170 ? 9.812   8.302   10.132  1.00 63.05  ? 484 GLU A C   1 
ATOM   1364 O  O   . GLU A 1 170 ? 10.651  8.098   9.264   1.00 61.65  ? 484 GLU A O   1 
ATOM   1365 C  CB  . GLU A 1 170 ? 7.331   7.919   10.153  1.00 69.57  ? 484 GLU A CB  1 
ATOM   1366 C  CG  . GLU A 1 170 ? 7.080   8.301   8.715   1.00 76.50  ? 484 GLU A CG  1 
ATOM   1367 C  CD  . GLU A 1 170 ? 7.122   7.097   7.798   1.00 81.91  ? 484 GLU A CD  1 
ATOM   1368 O  OE1 . GLU A 1 170 ? 7.315   7.272   6.565   1.00 83.12  ? 484 GLU A OE1 1 
ATOM   1369 O  OE2 . GLU A 1 170 ? 6.954   5.970   8.324   1.00 84.89  ? 484 GLU A OE2 1 
ATOM   1370 N  N   . ALA A 1 171 ? 9.810   9.386   10.905  1.00 62.69  ? 485 ALA A N   1 
ATOM   1371 C  CA  . ALA A 1 171 ? 10.792  10.458  10.759  1.00 61.66  ? 485 ALA A CA  1 
ATOM   1372 C  C   . ALA A 1 171 ? 12.223  9.960   10.926  1.00 61.07  ? 485 ALA A C   1 
ATOM   1373 O  O   . ALA A 1 171 ? 13.115  10.322  10.152  1.00 59.10  ? 485 ALA A O   1 
ATOM   1374 C  CB  . ALA A 1 171 ? 10.501  11.568  11.760  1.00 60.98  ? 485 ALA A CB  1 
ATOM   1375 N  N   . ALA A 1 172 ? 12.431  9.130   11.944  1.00 60.82  ? 486 ALA A N   1 
ATOM   1376 C  CA  . ALA A 1 172 ? 13.743  8.563   12.220  1.00 61.71  ? 486 ALA A CA  1 
ATOM   1377 C  C   . ALA A 1 172 ? 14.254  7.749   11.028  1.00 63.53  ? 486 ALA A C   1 
ATOM   1378 O  O   . ALA A 1 172 ? 15.437  7.803   10.696  1.00 64.17  ? 486 ALA A O   1 
ATOM   1379 C  CB  . ALA A 1 172 ? 13.674  7.689   13.457  1.00 59.11  ? 486 ALA A CB  1 
ATOM   1380 N  N   . ALA A 1 173 ? 13.359  7.006   10.380  1.00 65.66  ? 487 ALA A N   1 
ATOM   1381 C  CA  . ALA A 1 173 ? 13.727  6.182   9.233   1.00 65.66  ? 487 ALA A CA  1 
ATOM   1382 C  C   . ALA A 1 173 ? 14.125  7.011   8.029   1.00 67.57  ? 487 ALA A C   1 
ATOM   1383 O  O   . ALA A 1 173 ? 15.086  6.681   7.340   1.00 67.55  ? 487 ALA A O   1 
ATOM   1384 C  CB  . ALA A 1 173 ? 12.587  5.269   8.865   1.00 64.47  ? 487 ALA A CB  1 
ATOM   1385 N  N   . LEU A 1 174 ? 13.384  8.082   7.760   1.00 71.40  ? 488 LEU A N   1 
ATOM   1386 C  CA  . LEU A 1 174 ? 13.697  8.942   6.622   1.00 74.94  ? 488 LEU A CA  1 
ATOM   1387 C  C   . LEU A 1 174 ? 15.046  9.613   6.840   1.00 77.84  ? 488 LEU A C   1 
ATOM   1388 O  O   . LEU A 1 174 ? 15.749  9.952   5.890   1.00 78.03  ? 488 LEU A O   1 
ATOM   1389 C  CB  . LEU A 1 174 ? 12.607  9.997   6.431   1.00 74.45  ? 488 LEU A CB  1 
ATOM   1390 C  CG  . LEU A 1 174 ? 11.252  9.484   5.934   1.00 75.40  ? 488 LEU A CG  1 
ATOM   1391 C  CD1 . LEU A 1 174 ? 10.241  10.612  5.900   1.00 75.55  ? 488 LEU A CD1 1 
ATOM   1392 C  CD2 . LEU A 1 174 ? 11.416  8.891   4.547   1.00 76.40  ? 488 LEU A CD2 1 
ATOM   1393 N  N   . GLU A 1 175 ? 15.403  9.800   8.105   1.00 81.54  ? 489 GLU A N   1 
ATOM   1394 C  CA  . GLU A 1 175 ? 16.677  10.405  8.453   1.00 85.15  ? 489 GLU A CA  1 
ATOM   1395 C  C   . GLU A 1 175 ? 17.795  9.467   8.027   1.00 87.21  ? 489 GLU A C   1 
ATOM   1396 O  O   . GLU A 1 175 ? 18.903  9.901   7.733   1.00 88.06  ? 489 GLU A O   1 
ATOM   1397 C  CB  . GLU A 1 175 ? 16.745  10.651  9.959   1.00 86.54  ? 489 GLU A CB  1 
ATOM   1398 C  CG  . GLU A 1 175 ? 15.818  11.762  10.436  1.00 89.31  ? 489 GLU A CG  1 
ATOM   1399 C  CD  . GLU A 1 175 ? 16.342  13.153  10.100  1.00 90.82  ? 489 GLU A CD  1 
ATOM   1400 O  OE1 . GLU A 1 175 ? 17.299  13.601  10.770  1.00 92.17  ? 489 GLU A OE1 1 
ATOM   1401 O  OE2 . GLU A 1 175 ? 15.804  13.792  9.166   1.00 90.41  ? 489 GLU A OE2 1 
ATOM   1402 N  N   . HIS A 1 176 ? 17.495  8.174   7.989   1.00 90.11  ? 490 HIS A N   1 
ATOM   1403 C  CA  . HIS A 1 176 ? 18.476  7.170   7.598   1.00 92.07  ? 490 HIS A CA  1 
ATOM   1404 C  C   . HIS A 1 176 ? 18.757  7.221   6.099   1.00 91.57  ? 490 HIS A C   1 
ATOM   1405 O  O   . HIS A 1 176 ? 19.812  6.791   5.638   1.00 91.27  ? 490 HIS A O   1 
ATOM   1406 C  CB  . HIS A 1 176 ? 17.980  5.776   7.976   1.00 95.97  ? 490 HIS A CB  1 
ATOM   1407 C  CG  . HIS A 1 176 ? 18.931  4.683   7.607   1.00 101.05 ? 490 HIS A CG  1 
ATOM   1408 N  ND1 . HIS A 1 176 ? 20.159  4.530   8.215   1.00 103.62 ? 490 HIS A ND1 1 
ATOM   1409 C  CD2 . HIS A 1 176 ? 18.854  3.716   6.662   1.00 103.01 ? 490 HIS A CD2 1 
ATOM   1410 C  CE1 . HIS A 1 176 ? 20.800  3.517   7.658   1.00 105.14 ? 490 HIS A CE1 1 
ATOM   1411 N  NE2 . HIS A 1 176 ? 20.030  3.006   6.712   1.00 105.06 ? 490 HIS A NE2 1 
ATOM   1412 N  N   . HIS A 1 177 ? 17.807  7.745   5.338   1.00 91.41  ? 491 HIS A N   1 
ATOM   1413 C  CA  . HIS A 1 177 ? 17.978  7.850   3.899   1.00 91.26  ? 491 HIS A CA  1 
ATOM   1414 C  C   . HIS A 1 177 ? 18.717  9.148   3.576   1.00 91.62  ? 491 HIS A C   1 
ATOM   1415 O  O   . HIS A 1 177 ? 18.134  10.236  3.786   1.00 91.22  ? 491 HIS A O   1 
ATOM   1416 C  CB  . HIS A 1 177 ? 16.615  7.818   3.200   1.00 91.18  ? 491 HIS A CB  1 
ATOM   1417 C  CG  . HIS A 1 177 ? 15.748  6.664   3.609   1.00 91.60  ? 491 HIS A CG  1 
ATOM   1418 N  ND1 . HIS A 1 177 ? 16.260  5.423   3.932   1.00 92.32  ? 491 HIS A ND1 1 
ATOM   1419 C  CD2 . HIS A 1 177 ? 14.403  6.552   3.718   1.00 90.89  ? 491 HIS A CD2 1 
ATOM   1420 C  CE1 . HIS A 1 177 ? 15.269  4.600   4.223   1.00 90.35  ? 491 HIS A CE1 1 
ATOM   1421 N  NE2 . HIS A 1 177 ? 14.132  5.260   4.101   1.00 91.36  ? 491 HIS A NE2 1 
ATOM   1422 O  OXT . HIS A 1 177 ? 19.885  9.061   3.141   1.00 91.85  ? 491 HIS A OXT 1 
HETATM 1423 CL CL  . CL  B 2 .   ? 3.244   -7.697  -9.337  1.00 65.98  ? 1   CL  A CL  1 
HETATM 1424 O  O   . HOH C 3 .   ? 4.932   -10.734 9.107   1.00 64.40  ? 2   HOH A O   1 
HETATM 1425 O  O   . HOH C 3 .   ? 4.851   0.009   11.572  1.00 62.63  ? 3   HOH A O   1 
HETATM 1426 O  O   . HOH C 3 .   ? 6.947   2.323   10.848  1.00 68.61  ? 4   HOH A O   1 
HETATM 1427 O  O   . HOH C 3 .   ? 4.324   -15.264 -4.492  1.00 55.23  ? 5   HOH A O   1 
HETATM 1428 O  O   . HOH C 3 .   ? -7.322  -8.838  17.850  1.00 82.20  ? 6   HOH A O   1 
HETATM 1429 O  O   . HOH C 3 .   ? 7.027   -8.748  -11.869 1.00 48.47  ? 7   HOH A O   1 
HETATM 1430 O  O   . HOH C 3 .   ? -14.616 -5.108  9.804   1.00 67.04  ? 8   HOH A O   1 
HETATM 1431 O  O   . HOH C 3 .   ? -9.189  -8.436  -17.595 1.00 65.96  ? 9   HOH A O   1 
HETATM 1432 O  O   . HOH C 3 .   ? -11.398 -7.186  -16.416 1.00 50.73  ? 10  HOH A O   1 
HETATM 1433 O  O   . HOH C 3 .   ? -13.027 -5.469  -17.962 1.00 68.16  ? 11  HOH A O   1 
HETATM 1434 O  O   . HOH C 3 .   ? -1.335  -16.856 -12.506 1.00 61.99  ? 12  HOH A O   1 
HETATM 1435 O  O   . HOH C 3 .   ? -10.018 -18.744 -0.514  1.00 56.93  ? 13  HOH A O   1 
HETATM 1436 O  O   . HOH C 3 .   ? -16.591 -6.899  0.671   1.00 36.86  ? 14  HOH A O   1 
HETATM 1437 O  O   . HOH C 3 .   ? -17.526 -8.169  6.570   1.00 56.59  ? 15  HOH A O   1 
HETATM 1438 O  O   . HOH C 3 .   ? -21.415 -16.736 5.363   1.00 57.07  ? 16  HOH A O   1 
HETATM 1439 O  O   . HOH C 3 .   ? 15.378  12.818  3.957   1.00 45.06  ? 17  HOH A O   1 
HETATM 1440 O  O   . HOH C 3 .   ? 18.924  5.892   1.191   1.00 55.95  ? 18  HOH A O   1 
HETATM 1441 O  O   . HOH C 3 .   ? 11.679  -1.515  -13.043 1.00 51.66  ? 19  HOH A O   1 
HETATM 1442 O  O   . HOH C 3 .   ? 2.960   6.295   -17.218 1.00 59.98  ? 20  HOH A O   1 
HETATM 1443 O  O   . HOH C 3 .   ? -0.640  5.257   -18.536 1.00 47.46  ? 21  HOH A O   1 
HETATM 1444 O  O   . HOH C 3 .   ? -4.017  13.284  -13.171 1.00 62.72  ? 22  HOH A O   1 
HETATM 1445 O  O   . HOH C 3 .   ? -4.588  24.523  -8.535  1.00 69.18  ? 23  HOH A O   1 
HETATM 1446 O  O   . HOH C 3 .   ? -17.163 -10.719 2.583   1.00 44.91  ? 24  HOH A O   1 
HETATM 1447 O  O   . HOH C 3 .   ? -10.367 -4.323  -15.230 1.00 53.92  ? 25  HOH A O   1 
HETATM 1448 O  O   . HOH C 3 .   ? -3.093  -4.392  -19.788 1.00 63.16  ? 26  HOH A O   1 
HETATM 1449 O  O   . HOH C 3 .   ? 5.749   20.423  1.170   1.00 51.45  ? 27  HOH A O   1 
HETATM 1450 O  O   . HOH C 3 .   ? 5.038   14.324  -1.989  1.00 51.98  ? 28  HOH A O   1 
HETATM 1451 O  O   . HOH C 3 .   ? -1.836  8.903   -15.316 1.00 42.33  ? 29  HOH A O   1 
HETATM 1452 O  O   . HOH C 3 .   ? -6.661  8.768   -13.789 1.00 33.94  ? 30  HOH A O   1 
HETATM 1453 O  O   . HOH C 3 .   ? -7.339  10.916  -11.857 1.00 57.78  ? 31  HOH A O   1 
HETATM 1454 O  O   . HOH C 3 .   ? -9.086  11.855  -14.805 1.00 83.16  ? 32  HOH A O   1 
HETATM 1455 O  O   . HOH C 3 .   ? -11.201 11.558  -12.275 1.00 66.80  ? 33  HOH A O   1 
HETATM 1456 O  O   . HOH C 3 .   ? -5.577  11.340  -4.461  1.00 40.10  ? 34  HOH A O   1 
HETATM 1457 O  O   . HOH C 3 .   ? -15.542 2.533   -7.781  1.00 61.45  ? 35  HOH A O   1 
HETATM 1458 O  O   . HOH C 3 .   ? 8.878   0.167   23.901  1.00 71.60  ? 36  HOH A O   1 
HETATM 1459 O  O   . HOH C 3 .   ? -22.374 -12.462 7.832   1.00 64.52  ? 37  HOH A O   1 
HETATM 1460 O  O   . HOH C 3 .   ? -18.350 -20.594 5.651   1.00 76.17  ? 38  HOH A O   1 
HETATM 1461 O  O   . HOH C 3 .   ? -19.874 -13.114 2.138   1.00 57.14  ? 39  HOH A O   1 
HETATM 1462 O  O   . HOH C 3 .   ? -13.346 -4.840  -10.161 1.00 55.90  ? 40  HOH A O   1 
HETATM 1463 O  O   . HOH C 3 .   ? 10.791  16.902  -6.725  1.00 57.63  ? 41  HOH A O   1 
HETATM 1464 O  O   . HOH C 3 .   ? -11.921 3.885   -11.316 1.00 58.81  ? 42  HOH A O   1 
HETATM 1465 O  O   . HOH C 3 .   ? 7.574   -11.439 -13.807 1.00 63.75  ? 43  HOH A O   1 
HETATM 1466 O  O   . HOH C 3 .   ? -5.161  1.122   -17.901 1.00 49.85  ? 44  HOH A O   1 
HETATM 1467 O  O   . HOH C 3 .   ? 12.719  1.201   7.933   1.00 57.72  ? 45  HOH A O   1 
HETATM 1468 O  O   . HOH C 3 .   ? 11.253  19.066  -14.879 1.00 57.85  ? 46  HOH A O   1 
HETATM 1469 O  O   . HOH C 3 .   ? 2.144   7.152   20.902  1.00 69.77  ? 47  HOH A O   1 
HETATM 1470 O  O   . HOH C 3 .   ? 8.672   -17.348 -6.885  1.00 73.19  ? 48  HOH A O   1 
# 
